data_4B6O
# 
_entry.id   4B6O 
# 
_audit_conform.dict_name       mmcif_pdbx.dic 
_audit_conform.dict_version    5.383 
_audit_conform.dict_location   http://mmcif.pdb.org/dictionaries/ascii/mmcif_pdbx.dic 
# 
loop_
_database_2.database_id 
_database_2.database_code 
_database_2.pdbx_database_accession 
_database_2.pdbx_DOI 
PDB   4B6O         pdb_00004b6o 10.2210/pdb4b6o/pdb 
PDBE  EBI-53722    ?            ?                   
WWPDB D_1290053722 ?            ?                   
# 
loop_
_pdbx_database_related.db_name 
_pdbx_database_related.db_id 
_pdbx_database_related.content_type 
_pdbx_database_related.details 
PDB 1H05 unspecified '3-DEHYDROQUINATE DEHYDRATASE FROM MYCOBACTERIUM TUBERCULOSIS IN COMPLEX WITH SULPHATE' 
PDB 1H0R unspecified 'TYPE II DEHYDROQUINASE FROM MYCOBACTERIUM TUBERCULOSIS COMPLEXED WITH 2,3-ANNHYDRO-QUINIC ACID' 
PDB 1H0S unspecified '3-DEHYDROQUINATE DEHYDRATASE FROM MYCOBACTERIUM TUBERCULOSIS IN COMPLEX WITH 3-HYDROXYIMINO-QUNIC ACID' 
PDB 2DHQ unspecified '3-DEHYDROQUINATE DEHYDRATASE FROM MYCOBACTERIUM TUBERCULOSIS' 
PDB 2XB8 unspecified 
;STRUCTURE OF MYCOBACTERIUM TUBERCULOSIS TYPE II DEHYDROQUINASE IN COMPLEX WITH INHIBITOR COMPOUND (2R)-2 -(4-METHOXYBENZYL)-3-DEHYDROQUINIC ACID
;
PDB 2Y71 unspecified 
;STRUCTURE OF MYCOBACTERIUM TUBERCULOSIS TYPE II DEHYDROQUINASE COMPLEXED WITH (1R,4S,5R)-1,4,5- TRIHYDROXY-3-((5-METHYLBENZO(B)THIOPHEN-2-YL)METHOXY) CYCLOHEX-2-ENECARBOXYLATE
;
PDB 2Y76 unspecified 
;STRUCTURE OF MYCOBACTERIUM TUBERCULOSIS TYPE II DEHYDROQUINASE COMPLEXED WITH (1R,4S,5R)-3-(BENZO(B) THIOPHEN-5-YLMETHOXY)-2-(BENZO(B)THIOPHEN-5-YLMETHYL )-1,4,5-TRIHYDROXYCYCLOHEX-2-ENECARBOXYLATE
;
PDB 2Y77 unspecified 
;STRUCTURE OF MYCOBACTERIUM TUBERCULOSIS TYPE II DEHYDROQUINASE COMPLEXED WITH (1R,4S,5R)-3-(BENZO(B) THIOPHEN-2-YLMETHOXY)-1,4,5-TRIHYDROXY-2-(THIOPHEN-2 -YLMETHYL)CYCLOHEX-2-ENECARBOXYLATE
;
PDB 4B6S unspecified 
'STRUCTURE OF MYCOBACTERIUM TUBERCULOSIS TYPE II DEHYDROQUINASE INHIBITED BY (2S)-2-PERFLUOROBENZYL-3- DEHYDROQUINIC ACID' 
PDB 4B6R unspecified 
'STRUCTURE OF HELICOBACTER PYLORI TYPE II DEHYDROQUINASE INHIBITED BY (2S)-2-(4-METHOXY)BENZYL-3 -DEHYDROQUINIC ACID' 
PDB 4B6Q unspecified 
'STRUCTURE OF MYCOBACTERIUM TUBERCULOSIS TYPE II DEHYDROQUINASE INHIBITED BY (2R)-2-(BENZOTHIOPHEN-5-YL) METHYL-3-DEHYDROQUINIC ACID' 
PDB 4B6P unspecified 
'STRUCTURE OF HELICOBACTER PYLORI TYPE II DEHYDROQUINASE INHIBITED BY (2S)-2-PERFLUOROBENZYL-3- DEHYDROQUINIC ACID' 
# 
_pdbx_database_status.status_code                     REL 
_pdbx_database_status.entry_id                        4B6O 
_pdbx_database_status.deposit_site                    PDBE 
_pdbx_database_status.process_site                    PDBE 
_pdbx_database_status.SG_entry                        . 
_pdbx_database_status.recvd_initial_deposition_date   2012-08-14 
_pdbx_database_status.pdb_format_compatible           Y 
_pdbx_database_status.status_code_sf                  REL 
_pdbx_database_status.status_code_mr                  ? 
_pdbx_database_status.status_code_cs                  ? 
_pdbx_database_status.methods_development_category    ? 
_pdbx_database_status.status_code_nmr_data            ? 
# 
loop_
_audit_author.name 
_audit_author.pdbx_ordinal 
'Otero, J.M.'        1  
'Llamas-Saiz, A.L.'  2  
'Lence, E.'          3  
'Tizon, L.'          4  
'Peon, A.'           5  
'Prazeres, V.F.V.'   6  
'Lamb, H.'           7  
'Hawkins, A.R.'      8  
'Gonzalez-Bello, C.' 9  
'van Raaij, M.J.'    10 
# 
_citation.id                        primary 
_citation.title                     
'Mechanistic basis of the inhibition of type II dehydroquinase by (2S)- and (2R)-2-benzyl-3-dehydroquinic acids.' 
_citation.journal_abbrev            'ACS Chem. Biol.' 
_citation.journal_volume            8 
_citation.page_first                568 
_citation.page_last                 577 
_citation.year                      2013 
_citation.journal_id_ASTM           ? 
_citation.country                   US 
_citation.journal_id_ISSN           1554-8937 
_citation.journal_id_CSD            ? 
_citation.book_publisher            ? 
_citation.pdbx_database_id_PubMed   23198883 
_citation.pdbx_database_id_DOI      10.1021/cb300493s 
# 
loop_
_citation_author.citation_id 
_citation_author.name 
_citation_author.ordinal 
_citation_author.identifier_ORCID 
primary 'Lence, E.'          1  ? 
primary 'Tizon, L.'          2  ? 
primary 'Otero, J.M.'        3  ? 
primary 'Peon, A.'           4  ? 
primary 'Prazeres, V.F.'     5  ? 
primary 'Llamas-Saiz, A.L.'  6  ? 
primary 'Fox, G.C.'          7  ? 
primary 'van Raaij, M.J.'    8  ? 
primary 'Lamb, H.'           9  ? 
primary 'Hawkins, A.R.'      10 ? 
primary 'Gonzalez-Bello, C.' 11 ? 
# 
_cell.entry_id           4B6O 
_cell.length_a           126.190 
_cell.length_b           126.190 
_cell.length_c           126.190 
_cell.angle_alpha        90.00 
_cell.angle_beta         90.00 
_cell.angle_gamma        90.00 
_cell.Z_PDB              48 
_cell.pdbx_unique_axis   ? 
# 
_symmetry.entry_id                         4B6O 
_symmetry.space_group_name_H-M             'F 2 3' 
_symmetry.pdbx_full_space_group_name_H-M   ? 
_symmetry.cell_setting                     ? 
_symmetry.Int_Tables_number                196 
# 
loop_
_entity.id 
_entity.type 
_entity.src_method 
_entity.pdbx_description 
_entity.formula_weight 
_entity.pdbx_number_of_molecules 
_entity.pdbx_ec 
_entity.pdbx_mutation 
_entity.pdbx_fragment 
_entity.details 
1 polymer     man '3-DEHYDROQUINATE DEHYDRATASE'                                                                15676.737 1   
4.2.1.10 ? ? ? 
2 non-polymer syn '(1R,2S,4S,5R)-2-(4-methoxyphenyl)methyl-1,4,5-trihydroxy-3-oxocyclohexane-1-carboxylic acid' 310.299   1   ? ? 
? ? 
3 non-polymer syn 'SULFATE ION'                                                                                 96.063    4   ? ? 
? ? 
4 water       nat water                                                                                         18.015    116 ? ? 
? ? 
# 
_entity_name_com.entity_id   1 
_entity_name_com.name        '3-DEHYDROQUINASE, TYPE II DHQASE' 
# 
_entity_poly.entity_id                      1 
_entity_poly.type                           'polypeptide(L)' 
_entity_poly.nstd_linkage                   no 
_entity_poly.nstd_monomer                   no 
_entity_poly.pdbx_seq_one_letter_code       
;SELIVNVINGPNLGRLGRREPAVYGGTTHDELVALIEREAAELGLKAVVRQSDSEAQLLDWIHQAADAAEPVILNAGGLT
HTSVALRDACAELSAPLIEVHISNVHAREEFRRHSYLSPIATGVIVGLGIQGYLLALRYLAEHVGT
;
_entity_poly.pdbx_seq_one_letter_code_can   
;SELIVNVINGPNLGRLGRREPAVYGGTTHDELVALIEREAAELGLKAVVRQSDSEAQLLDWIHQAADAAEPVILNAGGLT
HTSVALRDACAELSAPLIEVHISNVHAREEFRRHSYLSPIATGVIVGLGIQGYLLALRYLAEHVGT
;
_entity_poly.pdbx_strand_id                 A 
_entity_poly.pdbx_target_identifier         ? 
# 
loop_
_entity_poly_seq.entity_id 
_entity_poly_seq.num 
_entity_poly_seq.mon_id 
_entity_poly_seq.hetero 
1 1   SER n 
1 2   GLU n 
1 3   LEU n 
1 4   ILE n 
1 5   VAL n 
1 6   ASN n 
1 7   VAL n 
1 8   ILE n 
1 9   ASN n 
1 10  GLY n 
1 11  PRO n 
1 12  ASN n 
1 13  LEU n 
1 14  GLY n 
1 15  ARG n 
1 16  LEU n 
1 17  GLY n 
1 18  ARG n 
1 19  ARG n 
1 20  GLU n 
1 21  PRO n 
1 22  ALA n 
1 23  VAL n 
1 24  TYR n 
1 25  GLY n 
1 26  GLY n 
1 27  THR n 
1 28  THR n 
1 29  HIS n 
1 30  ASP n 
1 31  GLU n 
1 32  LEU n 
1 33  VAL n 
1 34  ALA n 
1 35  LEU n 
1 36  ILE n 
1 37  GLU n 
1 38  ARG n 
1 39  GLU n 
1 40  ALA n 
1 41  ALA n 
1 42  GLU n 
1 43  LEU n 
1 44  GLY n 
1 45  LEU n 
1 46  LYS n 
1 47  ALA n 
1 48  VAL n 
1 49  VAL n 
1 50  ARG n 
1 51  GLN n 
1 52  SER n 
1 53  ASP n 
1 54  SER n 
1 55  GLU n 
1 56  ALA n 
1 57  GLN n 
1 58  LEU n 
1 59  LEU n 
1 60  ASP n 
1 61  TRP n 
1 62  ILE n 
1 63  HIS n 
1 64  GLN n 
1 65  ALA n 
1 66  ALA n 
1 67  ASP n 
1 68  ALA n 
1 69  ALA n 
1 70  GLU n 
1 71  PRO n 
1 72  VAL n 
1 73  ILE n 
1 74  LEU n 
1 75  ASN n 
1 76  ALA n 
1 77  GLY n 
1 78  GLY n 
1 79  LEU n 
1 80  THR n 
1 81  HIS n 
1 82  THR n 
1 83  SER n 
1 84  VAL n 
1 85  ALA n 
1 86  LEU n 
1 87  ARG n 
1 88  ASP n 
1 89  ALA n 
1 90  CYS n 
1 91  ALA n 
1 92  GLU n 
1 93  LEU n 
1 94  SER n 
1 95  ALA n 
1 96  PRO n 
1 97  LEU n 
1 98  ILE n 
1 99  GLU n 
1 100 VAL n 
1 101 HIS n 
1 102 ILE n 
1 103 SER n 
1 104 ASN n 
1 105 VAL n 
1 106 HIS n 
1 107 ALA n 
1 108 ARG n 
1 109 GLU n 
1 110 GLU n 
1 111 PHE n 
1 112 ARG n 
1 113 ARG n 
1 114 HIS n 
1 115 SER n 
1 116 TYR n 
1 117 LEU n 
1 118 SER n 
1 119 PRO n 
1 120 ILE n 
1 121 ALA n 
1 122 THR n 
1 123 GLY n 
1 124 VAL n 
1 125 ILE n 
1 126 VAL n 
1 127 GLY n 
1 128 LEU n 
1 129 GLY n 
1 130 ILE n 
1 131 GLN n 
1 132 GLY n 
1 133 TYR n 
1 134 LEU n 
1 135 LEU n 
1 136 ALA n 
1 137 LEU n 
1 138 ARG n 
1 139 TYR n 
1 140 LEU n 
1 141 ALA n 
1 142 GLU n 
1 143 HIS n 
1 144 VAL n 
1 145 GLY n 
1 146 THR n 
# 
_entity_src_gen.entity_id                          1 
_entity_src_gen.pdbx_src_id                        1 
_entity_src_gen.pdbx_alt_source_flag               sample 
_entity_src_gen.pdbx_seq_type                      ? 
_entity_src_gen.pdbx_beg_seq_num                   ? 
_entity_src_gen.pdbx_end_seq_num                   ? 
_entity_src_gen.gene_src_common_name               ? 
_entity_src_gen.gene_src_genus                     ? 
_entity_src_gen.pdbx_gene_src_gene                 ? 
_entity_src_gen.gene_src_species                   ? 
_entity_src_gen.gene_src_strain                    ? 
_entity_src_gen.gene_src_tissue                    ? 
_entity_src_gen.gene_src_tissue_fraction           ? 
_entity_src_gen.gene_src_details                   ? 
_entity_src_gen.pdbx_gene_src_fragment             ? 
_entity_src_gen.pdbx_gene_src_scientific_name      'MYCOBACTERIUM TUBERCULOSIS' 
_entity_src_gen.pdbx_gene_src_ncbi_taxonomy_id     1773 
_entity_src_gen.pdbx_gene_src_variant              ? 
_entity_src_gen.pdbx_gene_src_cell_line            ? 
_entity_src_gen.pdbx_gene_src_atcc                 ? 
_entity_src_gen.pdbx_gene_src_organ                ? 
_entity_src_gen.pdbx_gene_src_organelle            ? 
_entity_src_gen.pdbx_gene_src_cell                 ? 
_entity_src_gen.pdbx_gene_src_cellular_location    ? 
_entity_src_gen.host_org_common_name               ? 
_entity_src_gen.pdbx_host_org_scientific_name      'ESCHERICHIA COLI' 
_entity_src_gen.pdbx_host_org_ncbi_taxonomy_id     83333 
_entity_src_gen.host_org_genus                     ? 
_entity_src_gen.pdbx_host_org_gene                 ? 
_entity_src_gen.pdbx_host_org_organ                ? 
_entity_src_gen.host_org_species                   ? 
_entity_src_gen.pdbx_host_org_tissue               ? 
_entity_src_gen.pdbx_host_org_tissue_fraction      ? 
_entity_src_gen.pdbx_host_org_strain               K-12 
_entity_src_gen.pdbx_host_org_variant              SK3430 
_entity_src_gen.pdbx_host_org_cell_line            ? 
_entity_src_gen.pdbx_host_org_atcc                 ? 
_entity_src_gen.pdbx_host_org_culture_collection   ? 
_entity_src_gen.pdbx_host_org_cell                 ? 
_entity_src_gen.pdbx_host_org_organelle            ? 
_entity_src_gen.pdbx_host_org_cellular_location    ? 
_entity_src_gen.pdbx_host_org_vector_type          PLASMID 
_entity_src_gen.pdbx_host_org_vector               ? 
_entity_src_gen.host_org_details                   ? 
_entity_src_gen.expression_system_id               ? 
_entity_src_gen.plasmid_name                       PKK233-2 
_entity_src_gen.plasmid_details                    ? 
_entity_src_gen.pdbx_description                   ? 
# 
_struct_ref.id                         1 
_struct_ref.db_name                    UNP 
_struct_ref.db_code                    AROQ_MYCTU 
_struct_ref.entity_id                  1 
_struct_ref.pdbx_seq_one_letter_code   ? 
_struct_ref.pdbx_align_begin           ? 
_struct_ref.pdbx_db_accession          P0A4Z6 
_struct_ref.pdbx_db_isoform            ? 
# 
_struct_ref_seq.align_id                      1 
_struct_ref_seq.ref_id                        1 
_struct_ref_seq.pdbx_PDB_id_code              4B6O 
_struct_ref_seq.pdbx_strand_id                A 
_struct_ref_seq.seq_align_beg                 1 
_struct_ref_seq.pdbx_seq_align_beg_ins_code   ? 
_struct_ref_seq.seq_align_end                 146 
_struct_ref_seq.pdbx_seq_align_end_ins_code   ? 
_struct_ref_seq.pdbx_db_accession             P0A4Z6 
_struct_ref_seq.db_align_beg                  2 
_struct_ref_seq.pdbx_db_align_beg_ins_code    ? 
_struct_ref_seq.db_align_end                  147 
_struct_ref_seq.pdbx_db_align_end_ins_code    ? 
_struct_ref_seq.pdbx_auth_seq_align_beg       1 
_struct_ref_seq.pdbx_auth_seq_align_end       146 
# 
loop_
_chem_comp.id 
_chem_comp.type 
_chem_comp.mon_nstd_flag 
_chem_comp.name 
_chem_comp.pdbx_synonyms 
_chem_comp.formula 
_chem_comp.formula_weight 
3DQ non-polymer         . '(1R,2S,4S,5R)-2-(4-methoxyphenyl)methyl-1,4,5-trihydroxy-3-oxocyclohexane-1-carboxylic acid' ? 
'C15 H18 O7'     310.299 
ALA 'L-peptide linking' y ALANINE                                                                                       ? 
'C3 H7 N O2'     89.093  
ARG 'L-peptide linking' y ARGININE                                                                                      ? 
'C6 H15 N4 O2 1' 175.209 
ASN 'L-peptide linking' y ASPARAGINE                                                                                    ? 
'C4 H8 N2 O3'    132.118 
ASP 'L-peptide linking' y 'ASPARTIC ACID'                                                                               ? 
'C4 H7 N O4'     133.103 
CYS 'L-peptide linking' y CYSTEINE                                                                                      ? 
'C3 H7 N O2 S'   121.158 
GLN 'L-peptide linking' y GLUTAMINE                                                                                     ? 
'C5 H10 N2 O3'   146.144 
GLU 'L-peptide linking' y 'GLUTAMIC ACID'                                                                               ? 
'C5 H9 N O4'     147.129 
GLY 'peptide linking'   y GLYCINE                                                                                       ? 
'C2 H5 N O2'     75.067  
HIS 'L-peptide linking' y HISTIDINE                                                                                     ? 
'C6 H10 N3 O2 1' 156.162 
HOH non-polymer         . WATER                                                                                         ? 'H2 O' 
18.015  
ILE 'L-peptide linking' y ISOLEUCINE                                                                                    ? 
'C6 H13 N O2'    131.173 
LEU 'L-peptide linking' y LEUCINE                                                                                       ? 
'C6 H13 N O2'    131.173 
LYS 'L-peptide linking' y LYSINE                                                                                        ? 
'C6 H15 N2 O2 1' 147.195 
PHE 'L-peptide linking' y PHENYLALANINE                                                                                 ? 
'C9 H11 N O2'    165.189 
PRO 'L-peptide linking' y PROLINE                                                                                       ? 
'C5 H9 N O2'     115.130 
SER 'L-peptide linking' y SERINE                                                                                        ? 
'C3 H7 N O3'     105.093 
SO4 non-polymer         . 'SULFATE ION'                                                                                 ? 
'O4 S -2'        96.063  
THR 'L-peptide linking' y THREONINE                                                                                     ? 
'C4 H9 N O3'     119.119 
TRP 'L-peptide linking' y TRYPTOPHAN                                                                                    ? 
'C11 H12 N2 O2'  204.225 
TYR 'L-peptide linking' y TYROSINE                                                                                      ? 
'C9 H11 N O3'    181.189 
VAL 'L-peptide linking' y VALINE                                                                                        ? 
'C5 H11 N O2'    117.146 
# 
_exptl.entry_id          4B6O 
_exptl.method            'X-RAY DIFFRACTION' 
_exptl.crystals_number   1 
# 
_exptl_crystal.id                    1 
_exptl_crystal.density_meas          ? 
_exptl_crystal.density_Matthews      2.7 
_exptl_crystal.density_percent_sol   54 
_exptl_crystal.description           NONE 
# 
_exptl_crystal_grow.crystal_id      1 
_exptl_crystal_grow.method          ? 
_exptl_crystal_grow.temp            ? 
_exptl_crystal_grow.temp_details    ? 
_exptl_crystal_grow.pH              7.5 
_exptl_crystal_grow.pdbx_pH_range   ? 
_exptl_crystal_grow.pdbx_details    
;32% (V/V) 2-METHYL-2, 4-PENTANEDIOL, 0.3 M AMMONIUM SULFATE, 0.1 M 4-(2-HYDROXYETHYL)-PIPERAZINE-1-ETHANESULFONIC ACID SODIUM SALT (HEPES) PH 7.5
;
# 
_diffrn.id                     1 
_diffrn.ambient_temp           100 
_diffrn.ambient_temp_details   ? 
_diffrn.crystal_id             1 
# 
_diffrn_detector.diffrn_id              1 
_diffrn_detector.detector               CCD 
_diffrn_detector.type                   'ADSC QUANTUM 210' 
_diffrn_detector.pdbx_collection_date   2010-11-06 
_diffrn_detector.details                'VERTICALLY BENDED MULTILAYER MIRRORS' 
# 
_diffrn_radiation.diffrn_id                        1 
_diffrn_radiation.wavelength_id                    1 
_diffrn_radiation.pdbx_monochromatic_or_laue_m_l   M 
_diffrn_radiation.monochromator                    'DIAMOND (001)' 
_diffrn_radiation.pdbx_diffrn_protocol             'SINGLE WAVELENGTH' 
_diffrn_radiation.pdbx_scattering_type             x-ray 
# 
_diffrn_radiation_wavelength.id           1 
_diffrn_radiation_wavelength.wavelength   0.93340 
_diffrn_radiation_wavelength.wt           1.0 
# 
_diffrn_source.diffrn_id                   1 
_diffrn_source.source                      SYNCHROTRON 
_diffrn_source.type                        'ESRF BEAMLINE ID14-1' 
_diffrn_source.pdbx_synchrotron_site       ESRF 
_diffrn_source.pdbx_synchrotron_beamline   ID14-1 
_diffrn_source.pdbx_wavelength             0.93340 
_diffrn_source.pdbx_wavelength_list        ? 
# 
_reflns.pdbx_diffrn_id               1 
_reflns.pdbx_ordinal                 1 
_reflns.entry_id                     4B6O 
_reflns.observed_criterion_sigma_I   . 
_reflns.observed_criterion_sigma_F   ? 
_reflns.d_resolution_low             63.10 
_reflns.d_resolution_high            2.00 
_reflns.number_obs                   11386 
_reflns.number_all                   ? 
_reflns.percent_possible_obs         100.0 
_reflns.pdbx_Rmerge_I_obs            0.10 
_reflns.pdbx_Rsym_value              ? 
_reflns.pdbx_netI_over_sigmaI        6.90 
_reflns.B_iso_Wilson_estimate        13.2 
_reflns.pdbx_redundancy              7.4 
# 
_reflns_shell.pdbx_diffrn_id         1 
_reflns_shell.pdbx_ordinal           1 
_reflns_shell.d_res_high             2.00 
_reflns_shell.d_res_low              2.11 
_reflns_shell.percent_possible_all   100.0 
_reflns_shell.Rmerge_I_obs           0.33 
_reflns_shell.pdbx_Rsym_value        ? 
_reflns_shell.meanI_over_sigI_obs    2.30 
_reflns_shell.pdbx_redundancy        7.4 
# 
_refine.pdbx_refine_id                           'X-RAY DIFFRACTION' 
_refine.entry_id                                 4B6O 
_refine.pdbx_diffrn_id                           1 
_refine.pdbx_TLS_residual_ADP_flag               ? 
_refine.ls_number_reflns_obs                     10274 
_refine.ls_number_reflns_all                     ? 
_refine.pdbx_ls_sigma_I                          ? 
_refine.pdbx_ls_sigma_F                          . 
_refine.pdbx_data_cutoff_high_absF               ? 
_refine.pdbx_data_cutoff_low_absF                ? 
_refine.pdbx_data_cutoff_high_rms_absF           ? 
_refine.ls_d_res_low                             38.05 
_refine.ls_d_res_high                            2.00 
_refine.ls_percent_reflns_obs                    100.00 
_refine.ls_R_factor_obs                          0.14735 
_refine.ls_R_factor_all                          ? 
_refine.ls_R_factor_R_work                       0.14402 
_refine.ls_R_factor_R_free                       0.17799 
_refine.ls_R_factor_R_free_error                 ? 
_refine.ls_R_factor_R_free_error_details         ? 
_refine.ls_percent_reflns_R_free                 9.7 
_refine.ls_number_reflns_R_free                  1104 
_refine.ls_number_parameters                     ? 
_refine.ls_number_restraints                     ? 
_refine.occupancy_min                            ? 
_refine.occupancy_max                            ? 
_refine.correlation_coeff_Fo_to_Fc               0.959 
_refine.correlation_coeff_Fo_to_Fc_free          0.938 
_refine.B_iso_mean                               11.739 
_refine.aniso_B[1][1]                            ? 
_refine.aniso_B[2][2]                            ? 
_refine.aniso_B[3][3]                            ? 
_refine.aniso_B[1][2]                            ? 
_refine.aniso_B[1][3]                            ? 
_refine.aniso_B[2][3]                            ? 
_refine.solvent_model_details                    MASK 
_refine.solvent_model_param_ksol                 ? 
_refine.solvent_model_param_bsol                 ? 
_refine.pdbx_solvent_vdw_probe_radii             1.40 
_refine.pdbx_solvent_ion_probe_radii             0.80 
_refine.pdbx_solvent_shrinkage_radii             0.80 
_refine.pdbx_ls_cross_valid_method               THROUGHOUT 
_refine.details                                  'HYDROGENS HAVE BEEN ADDED IN THE RIDING POSITIONS. U VALUES REFINED INDIVIDUALLY' 
_refine.pdbx_starting_model                      'PDB ENTRY 1H0S' 
_refine.pdbx_method_to_determine_struct          'MOLECULAR REPLACEMENT' 
_refine.pdbx_isotropic_thermal_model             ? 
_refine.pdbx_stereochemistry_target_values       'MAXIMUM LIKELIHOOD' 
_refine.pdbx_stereochem_target_val_spec_case     ? 
_refine.pdbx_R_Free_selection_details            RANDOM 
_refine.pdbx_overall_ESU_R                       0.148 
_refine.pdbx_overall_ESU_R_Free                  0.130 
_refine.overall_SU_ML                            0.074 
_refine.pdbx_overall_phase_error                 ? 
_refine.overall_SU_B                             2.592 
_refine.overall_SU_R_Cruickshank_DPI             ? 
_refine.pdbx_overall_SU_R_free_Cruickshank_DPI   ? 
_refine.pdbx_overall_SU_R_Blow_DPI               ? 
_refine.pdbx_overall_SU_R_free_Blow_DPI          ? 
# 
_refine_hist.pdbx_refine_id                   'X-RAY DIFFRACTION' 
_refine_hist.cycle_id                         LAST 
_refine_hist.pdbx_number_atoms_protein        1080 
_refine_hist.pdbx_number_atoms_nucleic_acid   0 
_refine_hist.pdbx_number_atoms_ligand         42 
_refine_hist.number_atoms_solvent             116 
_refine_hist.number_atoms_total               1238 
_refine_hist.d_res_high                       2.00 
_refine_hist.d_res_low                        38.05 
# 
loop_
_refine_ls_restr.type 
_refine_ls_restr.dev_ideal 
_refine_ls_restr.dev_ideal_target 
_refine_ls_restr.weight 
_refine_ls_restr.number 
_refine_ls_restr.pdbx_refine_id 
_refine_ls_restr.pdbx_restraint_function 
r_bond_refined_d             0.014  0.021  ? 1177 'X-RAY DIFFRACTION' ? 
r_bond_other_d               0.002  0.020  ? 768  'X-RAY DIFFRACTION' ? 
r_angle_refined_deg          1.418  1.997  ? 1608 'X-RAY DIFFRACTION' ? 
r_angle_other_deg            0.906  3.002  ? 1856 'X-RAY DIFFRACTION' ? 
r_dihedral_angle_1_deg       6.890  5.000  ? 141  'X-RAY DIFFRACTION' ? 
r_dihedral_angle_2_deg       31.131 23.214 ? 56   'X-RAY DIFFRACTION' ? 
r_dihedral_angle_3_deg       12.949 15.000 ? 191  'X-RAY DIFFRACTION' ? 
r_dihedral_angle_4_deg       14.463 15.000 ? 12   'X-RAY DIFFRACTION' ? 
r_chiral_restr               0.089  0.200  ? 189  'X-RAY DIFFRACTION' ? 
r_gen_planes_refined         0.007  0.021  ? 1285 'X-RAY DIFFRACTION' ? 
r_gen_planes_other           0.001  0.020  ? 226  'X-RAY DIFFRACTION' ? 
r_nbd_refined                0.223  0.200  ? 237  'X-RAY DIFFRACTION' ? 
r_nbd_other                  0.187  0.200  ? 772  'X-RAY DIFFRACTION' ? 
r_nbtor_refined              0.171  0.200  ? 558  'X-RAY DIFFRACTION' ? 
r_nbtor_other                0.083  0.200  ? 566  'X-RAY DIFFRACTION' ? 
r_xyhbond_nbd_refined        0.216  0.200  ? 106  'X-RAY DIFFRACTION' ? 
r_xyhbond_nbd_other          ?      ?      ? ?    'X-RAY DIFFRACTION' ? 
r_metal_ion_refined          ?      ?      ? ?    'X-RAY DIFFRACTION' ? 
r_metal_ion_other            ?      ?      ? ?    'X-RAY DIFFRACTION' ? 
r_symmetry_vdw_refined       0.138  0.200  ? 10   'X-RAY DIFFRACTION' ? 
r_symmetry_vdw_other         0.206  0.200  ? 30   'X-RAY DIFFRACTION' ? 
r_symmetry_hbond_refined     0.261  0.200  ? 23   'X-RAY DIFFRACTION' ? 
r_symmetry_hbond_other       0.153  0.200  ? 1    'X-RAY DIFFRACTION' ? 
r_symmetry_metal_ion_refined ?      ?      ? ?    'X-RAY DIFFRACTION' ? 
r_symmetry_metal_ion_other   ?      ?      ? ?    'X-RAY DIFFRACTION' ? 
r_mcbond_it                  0.926  1.500  ? 709  'X-RAY DIFFRACTION' ? 
r_mcbond_other               0.198  1.500  ? 290  'X-RAY DIFFRACTION' ? 
r_mcangle_it                 1.613  2.000  ? 1141 'X-RAY DIFFRACTION' ? 
r_mcangle_other              ?      ?      ? ?    'X-RAY DIFFRACTION' ? 
r_scbond_it                  1.982  3.000  ? 468  'X-RAY DIFFRACTION' ? 
r_scbond_other               ?      ?      ? ?    'X-RAY DIFFRACTION' ? 
r_scangle_it                 3.168  4.500  ? 467  'X-RAY DIFFRACTION' ? 
r_scangle_other              ?      ?      ? ?    'X-RAY DIFFRACTION' ? 
r_long_range_B_refined       ?      ?      ? ?    'X-RAY DIFFRACTION' ? 
r_long_range_B_other         ?      ?      ? ?    'X-RAY DIFFRACTION' ? 
r_rigid_bond_restr           ?      ?      ? ?    'X-RAY DIFFRACTION' ? 
r_sphericity_free            ?      ?      ? ?    'X-RAY DIFFRACTION' ? 
r_sphericity_bonded          ?      ?      ? ?    'X-RAY DIFFRACTION' ? 
# 
_refine_ls_shell.pdbx_refine_id                   'X-RAY DIFFRACTION' 
_refine_ls_shell.pdbx_total_number_of_bins_used   10 
_refine_ls_shell.d_res_high                       2.000 
_refine_ls_shell.d_res_low                        2.108 
_refine_ls_shell.number_reflns_R_work             1492 
_refine_ls_shell.R_factor_R_work                  0.157 
_refine_ls_shell.percent_reflns_obs               100.00 
_refine_ls_shell.R_factor_R_free                  0.212 
_refine_ls_shell.R_factor_R_free_error            ? 
_refine_ls_shell.percent_reflns_R_free            ? 
_refine_ls_shell.number_reflns_R_free             151 
_refine_ls_shell.number_reflns_all                ? 
_refine_ls_shell.R_factor_all                     ? 
# 
_struct.entry_id                  4B6O 
_struct.title                     
'Structure of Mycobacterium tuberculosis Type II Dehydroquinase inhibited by (2S)-2-(4-methoxy)benzyl-3-dehydroquinic acid' 
_struct.pdbx_model_details        ? 
_struct.pdbx_CASP_flag            ? 
_struct.pdbx_model_type_details   ? 
# 
_struct_keywords.entry_id        4B6O 
_struct_keywords.pdbx_keywords   LYASE 
_struct_keywords.text            'LYASE, INHIBITOR' 
# 
loop_
_struct_asym.id 
_struct_asym.pdbx_blank_PDB_chainid_flag 
_struct_asym.pdbx_modified 
_struct_asym.entity_id 
_struct_asym.details 
A N N 1 ? 
B N N 2 ? 
C N N 3 ? 
D N N 3 ? 
E N N 3 ? 
F N N 3 ? 
G N N 4 ? 
# 
_struct_biol.id   1 
# 
loop_
_struct_conf.conf_type_id 
_struct_conf.id 
_struct_conf.pdbx_PDB_helix_id 
_struct_conf.beg_label_comp_id 
_struct_conf.beg_label_asym_id 
_struct_conf.beg_label_seq_id 
_struct_conf.pdbx_beg_PDB_ins_code 
_struct_conf.end_label_comp_id 
_struct_conf.end_label_asym_id 
_struct_conf.end_label_seq_id 
_struct_conf.pdbx_end_PDB_ins_code 
_struct_conf.beg_auth_comp_id 
_struct_conf.beg_auth_asym_id 
_struct_conf.beg_auth_seq_id 
_struct_conf.end_auth_comp_id 
_struct_conf.end_auth_asym_id 
_struct_conf.end_auth_seq_id 
_struct_conf.pdbx_PDB_helix_class 
_struct_conf.details 
_struct_conf.pdbx_PDB_helix_length 
HELX_P HELX_P1 1 ASN A 12  ? LEU A 16  ? ASN A 12  LEU A 16  5 ? 5  
HELX_P HELX_P2 2 THR A 28  ? LEU A 43  ? THR A 28  LEU A 43  1 ? 16 
HELX_P HELX_P3 3 SER A 54  ? ALA A 69  ? SER A 54  ALA A 69  1 ? 16 
HELX_P HELX_P4 4 ALA A 76  ? THR A 82  ? ALA A 76  THR A 82  5 ? 7  
HELX_P HELX_P5 5 SER A 83  ? ALA A 91  ? SER A 83  ALA A 91  1 ? 9  
HELX_P HELX_P6 6 GLU A 109 ? HIS A 114 ? GLU A 109 HIS A 114 5 ? 6  
HELX_P HELX_P7 7 ILE A 130 ? HIS A 143 ? ILE A 130 HIS A 143 1 ? 14 
# 
_struct_conf_type.id          HELX_P 
_struct_conf_type.criteria    ? 
_struct_conf_type.reference   ? 
# 
_struct_sheet.id               AA 
_struct_sheet.type             ? 
_struct_sheet.number_strands   5 
_struct_sheet.details          ? 
# 
loop_
_struct_sheet_order.sheet_id 
_struct_sheet_order.range_id_1 
_struct_sheet_order.range_id_2 
_struct_sheet_order.offset 
_struct_sheet_order.sense 
AA 1 2 ? parallel 
AA 2 3 ? parallel 
AA 3 4 ? parallel 
AA 4 5 ? parallel 
# 
loop_
_struct_sheet_range.sheet_id 
_struct_sheet_range.id 
_struct_sheet_range.beg_label_comp_id 
_struct_sheet_range.beg_label_asym_id 
_struct_sheet_range.beg_label_seq_id 
_struct_sheet_range.pdbx_beg_PDB_ins_code 
_struct_sheet_range.end_label_comp_id 
_struct_sheet_range.end_label_asym_id 
_struct_sheet_range.end_label_seq_id 
_struct_sheet_range.pdbx_end_PDB_ins_code 
_struct_sheet_range.beg_auth_comp_id 
_struct_sheet_range.beg_auth_asym_id 
_struct_sheet_range.beg_auth_seq_id 
_struct_sheet_range.end_auth_comp_id 
_struct_sheet_range.end_auth_asym_id 
_struct_sheet_range.end_auth_seq_id 
AA 1 LYS A 46  ? GLN A 51  ? LYS A 46  GLN A 51  
AA 2 ILE A 4   ? ASN A 9   ? ILE A 4   ASN A 9   
AA 3 VAL A 72  ? ASN A 75  ? VAL A 72  ASN A 75  
AA 4 LEU A 97  ? HIS A 101 ? LEU A 97  HIS A 101 
AA 5 GLY A 123 ? VAL A 126 ? GLY A 123 VAL A 126 
# 
loop_
_pdbx_struct_sheet_hbond.sheet_id 
_pdbx_struct_sheet_hbond.range_id_1 
_pdbx_struct_sheet_hbond.range_id_2 
_pdbx_struct_sheet_hbond.range_1_label_atom_id 
_pdbx_struct_sheet_hbond.range_1_label_comp_id 
_pdbx_struct_sheet_hbond.range_1_label_asym_id 
_pdbx_struct_sheet_hbond.range_1_label_seq_id 
_pdbx_struct_sheet_hbond.range_1_PDB_ins_code 
_pdbx_struct_sheet_hbond.range_1_auth_atom_id 
_pdbx_struct_sheet_hbond.range_1_auth_comp_id 
_pdbx_struct_sheet_hbond.range_1_auth_asym_id 
_pdbx_struct_sheet_hbond.range_1_auth_seq_id 
_pdbx_struct_sheet_hbond.range_2_label_atom_id 
_pdbx_struct_sheet_hbond.range_2_label_comp_id 
_pdbx_struct_sheet_hbond.range_2_label_asym_id 
_pdbx_struct_sheet_hbond.range_2_label_seq_id 
_pdbx_struct_sheet_hbond.range_2_PDB_ins_code 
_pdbx_struct_sheet_hbond.range_2_auth_atom_id 
_pdbx_struct_sheet_hbond.range_2_auth_comp_id 
_pdbx_struct_sheet_hbond.range_2_auth_asym_id 
_pdbx_struct_sheet_hbond.range_2_auth_seq_id 
AA 1 2 N VAL A 48 ? N VAL A 48 O VAL A 5   ? O VAL A 5   
AA 2 3 N ILE A 8  ? N ILE A 8  O ILE A 73  ? O ILE A 73  
AA 3 4 N LEU A 74 ? N LEU A 74 O ILE A 98  ? O ILE A 98  
AA 4 5 N GLU A 99 ? N GLU A 99 O GLY A 123 ? O GLY A 123 
# 
loop_
_struct_site.id 
_struct_site.pdbx_evidence_code 
_struct_site.pdbx_auth_asym_id 
_struct_site.pdbx_auth_comp_id 
_struct_site.pdbx_auth_seq_id 
_struct_site.pdbx_auth_ins_code 
_struct_site.pdbx_num_residues 
_struct_site.details 
AC1 Software A 3DQ 1144 ? 15 'BINDING SITE FOR RESIDUE 3DQ A 1144' 
AC2 Software A SO4 1145 ? 3  'BINDING SITE FOR RESIDUE SO4 A 1145' 
AC3 Software A SO4 1146 ? 9  'BINDING SITE FOR RESIDUE SO4 A 1146' 
AC4 Software A SO4 1147 ? 8  'BINDING SITE FOR RESIDUE SO4 A 1147' 
AC5 Software A SO4 1148 ? 3  'BINDING SITE FOR RESIDUE SO4 A 1148' 
# 
loop_
_struct_site_gen.id 
_struct_site_gen.site_id 
_struct_site_gen.pdbx_num_res 
_struct_site_gen.label_comp_id 
_struct_site_gen.label_asym_id 
_struct_site_gen.label_seq_id 
_struct_site_gen.pdbx_auth_ins_code 
_struct_site_gen.auth_comp_id 
_struct_site_gen.auth_asym_id 
_struct_site_gen.auth_seq_id 
_struct_site_gen.label_atom_id 
_struct_site_gen.label_alt_id 
_struct_site_gen.symmetry 
_struct_site_gen.details 
1  AC1 15 ASN A 12  ? ASN A 12   . ? 1_555  ? 
2  AC1 15 ARG A 15  ? ARG A 15   . ? 1_555  ? 
3  AC1 15 TYR A 24  ? TYR A 24   . ? 1_555  ? 
4  AC1 15 ASN A 75  ? ASN A 75   . ? 1_555  ? 
5  AC1 15 GLY A 77  ? GLY A 77   . ? 1_555  ? 
6  AC1 15 GLY A 78  ? GLY A 78   . ? 1_555  ? 
7  AC1 15 HIS A 81  ? HIS A 81   . ? 1_555  ? 
8  AC1 15 ASP A 88  ? ASP A 88   . ? 43_445 ? 
9  AC1 15 GLU A 92  ? GLU A 92   . ? 43_445 ? 
10 AC1 15 HIS A 101 ? HIS A 101  . ? 1_555  ? 
11 AC1 15 ILE A 102 ? ILE A 102  . ? 1_555  ? 
12 AC1 15 SER A 103 ? SER A 103  . ? 1_555  ? 
13 AC1 15 ARG A 112 ? ARG A 112  . ? 1_555  ? 
14 AC1 15 HOH G .   ? HOH A 2010 . ? 1_555  ? 
15 AC1 15 HOH G .   ? HOH A 2085 . ? 1_555  ? 
16 AC2 3  ARG A 50  ? ARG A 50   . ? 1_555  ? 
17 AC2 3  TRP A 61  ? TRP A 61   . ? 1_555  ? 
18 AC2 3  GLN A 64  ? GLN A 64   . ? 1_555  ? 
19 AC3 9  SER A 54  ? SER A 54   . ? 43_445 ? 
20 AC3 9  SER A 54  ? SER A 54   . ? 1_555  ? 
21 AC3 9  SER A 54  ? SER A 54   . ? 34_454 ? 
22 AC3 9  HOH G .   ? HOH A 2054 . ? 1_555  ? 
23 AC3 9  HOH G .   ? HOH A 2054 . ? 34_454 ? 
24 AC3 9  HOH G .   ? HOH A 2054 . ? 43_445 ? 
25 AC3 9  HOH G .   ? HOH A 2114 . ? 34_454 ? 
26 AC3 9  HOH G .   ? HOH A 2114 . ? 1_555  ? 
27 AC3 9  HOH G .   ? HOH A 2114 . ? 43_445 ? 
28 AC4 8  ARG A 87  ? ARG A 87   . ? 1_555  ? 
29 AC4 8  PHE A 111 ? PHE A 111  . ? 34_454 ? 
30 AC4 8  ARG A 113 ? ARG A 113  . ? 38_445 ? 
31 AC4 8  HIS A 114 ? HIS A 114  . ? 1_555  ? 
32 AC4 8  SER A 115 ? SER A 115  . ? 1_555  ? 
33 AC4 8  TYR A 116 ? TYR A 116  . ? 1_555  ? 
34 AC4 8  PRO A 119 ? PRO A 119  . ? 1_555  ? 
35 AC4 8  HOH G .   ? HOH A 2075 . ? 1_555  ? 
36 AC5 3  GLN A 57  ? GLN A 57   . ? 1_555  ? 
37 AC5 3  HOH G .   ? HOH A 2053 . ? 1_555  ? 
38 AC5 3  HOH G .   ? HOH A 2115 . ? 1_555  ? 
# 
_atom_sites.entry_id                    4B6O 
_atom_sites.fract_transf_matrix[1][1]   0.00577320 
_atom_sites.fract_transf_matrix[1][2]   0.00523239 
_atom_sites.fract_transf_matrix[1][3]   0.00144840 
_atom_sites.fract_transf_matrix[2][1]   0.00534454 
_atom_sites.fract_transf_matrix[2][2]   -0.00510541 
_atom_sites.fract_transf_matrix[2][3]   -0.00285942 
_atom_sites.fract_transf_matrix[3][1]   -0.00095482 
_atom_sites.fract_transf_matrix[3][2]   0.00305981 
_atom_sites.fract_transf_matrix[3][3]   -0.00724786 
_atom_sites.fract_transf_vector[1]      -0.313882 
_atom_sites.fract_transf_vector[2]      -0.181677 
_atom_sites.fract_transf_vector[3]      -0.010462 
# 
loop_
_atom_type.symbol 
C 
N 
O 
S 
# 
loop_
_atom_site.group_PDB 
_atom_site.id 
_atom_site.type_symbol 
_atom_site.label_atom_id 
_atom_site.label_alt_id 
_atom_site.label_comp_id 
_atom_site.label_asym_id 
_atom_site.label_entity_id 
_atom_site.label_seq_id 
_atom_site.pdbx_PDB_ins_code 
_atom_site.Cartn_x 
_atom_site.Cartn_y 
_atom_site.Cartn_z 
_atom_site.occupancy 
_atom_site.B_iso_or_equiv 
_atom_site.pdbx_formal_charge 
_atom_site.auth_seq_id 
_atom_site.auth_comp_id 
_atom_site.auth_asym_id 
_atom_site.auth_atom_id 
_atom_site.pdbx_PDB_model_num 
ATOM   1    N N   . GLU A 1 2   ? 12.480  6.577   -13.438 1.00 28.89 ? 2    GLU A N   1 
ATOM   2    C CA  . GLU A 1 2   ? 11.925  5.231   -13.794 1.00 28.44 ? 2    GLU A CA  1 
ATOM   3    C C   . GLU A 1 2   ? 10.403  5.247   -13.769 1.00 27.66 ? 2    GLU A C   1 
ATOM   4    O O   . GLU A 1 2   ? 9.795   5.914   -12.917 1.00 28.53 ? 2    GLU A O   1 
ATOM   5    C CB  A GLU A 1 2   ? 12.386  4.132   -12.831 0.50 28.07 ? 2    GLU A CB  1 
ATOM   6    C CB  B GLU A 1 2   ? 12.450  4.184   -12.811 0.50 28.74 ? 2    GLU A CB  1 
ATOM   7    C CG  A GLU A 1 2   ? 12.246  2.736   -13.465 0.50 26.79 ? 2    GLU A CG  1 
ATOM   8    C CG  B GLU A 1 2   ? 13.961  3.979   -12.856 0.50 29.45 ? 2    GLU A CG  1 
ATOM   9    C CD  A GLU A 1 2   ? 11.764  1.626   -12.541 0.50 22.61 ? 2    GLU A CD  1 
ATOM   10   C CD  B GLU A 1 2   ? 14.471  3.088   -11.728 0.50 30.70 ? 2    GLU A CD  1 
ATOM   11   O OE1 A GLU A 1 2   ? 11.227  1.879   -11.416 0.50 16.96 ? 2    GLU A OE1 1 
ATOM   12   O OE1 B GLU A 1 2   ? 13.661  2.631   -10.879 0.50 29.86 ? 2    GLU A OE1 1 
ATOM   13   O OE2 A GLU A 1 2   ? 11.920  0.468   -12.995 0.50 20.74 ? 2    GLU A OE2 1 
ATOM   14   O OE2 B GLU A 1 2   ? 15.699  2.850   -11.691 0.50 31.47 ? 2    GLU A OE2 1 
ATOM   15   N N   . LEU A 1 3   ? 9.791   4.483   -14.677 1.00 25.27 ? 3    LEU A N   1 
ATOM   16   C CA  . LEU A 1 3   ? 8.350   4.436   -14.735 1.00 23.67 ? 3    LEU A CA  1 
ATOM   17   C C   . LEU A 1 3   ? 7.713   3.633   -13.588 1.00 20.54 ? 3    LEU A C   1 
ATOM   18   O O   . LEU A 1 3   ? 6.649   4.001   -13.146 1.00 19.77 ? 3    LEU A O   1 
ATOM   19   C CB  . LEU A 1 3   ? 7.858   3.887   -16.084 1.00 23.81 ? 3    LEU A CB  1 
ATOM   20   C CG  . LEU A 1 3   ? 7.867   4.884   -17.251 1.00 26.11 ? 3    LEU A CG  1 
ATOM   21   C CD1 . LEU A 1 3   ? 9.248   5.580   -17.393 1.00 29.23 ? 3    LEU A CD1 1 
ATOM   22   C CD2 . LEU A 1 3   ? 7.458   4.183   -18.567 1.00 25.28 ? 3    LEU A CD2 1 
ATOM   23   N N   . ILE A 1 4   ? 8.341   2.550   -13.123 1.00 17.58 ? 4    ILE A N   1 
ATOM   24   C CA  . ILE A 1 4   ? 7.577   1.498   -12.438 1.00 16.23 ? 4    ILE A CA  1 
ATOM   25   C C   . ILE A 1 4   ? 7.413   1.680   -10.936 1.00 14.71 ? 4    ILE A C   1 
ATOM   26   O O   . ILE A 1 4   ? 8.397   1.795   -10.216 1.00 14.49 ? 4    ILE A O   1 
ATOM   27   C CB  . ILE A 1 4   ? 8.144   0.071   -12.714 1.00 15.60 ? 4    ILE A CB  1 
ATOM   28   C CG1 . ILE A 1 4   ? 8.012   -0.279  -14.218 1.00 16.09 ? 4    ILE A CG1 1 
ATOM   29   C CG2 . ILE A 1 4   ? 7.351   -0.955  -11.937 1.00 14.87 ? 4    ILE A CG2 1 
ATOM   30   C CD1 . ILE A 1 4   ? 8.738   -1.519  -14.629 1.00 15.89 ? 4    ILE A CD1 1 
ATOM   31   N N   . VAL A 1 5   ? 6.165   1.626   -10.472 1.00 13.16 ? 5    VAL A N   1 
ATOM   32   C CA  . VAL A 1 5   ? 5.865   1.681   -9.033  1.00 12.10 ? 5    VAL A CA  1 
ATOM   33   C C   . VAL A 1 5   ? 4.988   0.520   -8.671  1.00 11.46 ? 5    VAL A C   1 
ATOM   34   O O   . VAL A 1 5   ? 4.006   0.254   -9.359  1.00 11.25 ? 5    VAL A O   1 
ATOM   35   C CB  . VAL A 1 5   ? 5.101   2.994   -8.626  1.00 12.07 ? 5    VAL A CB  1 
ATOM   36   C CG1 . VAL A 1 5   ? 4.724   2.957   -7.095  1.00 11.83 ? 5    VAL A CG1 1 
ATOM   37   C CG2 . VAL A 1 5   ? 5.938   4.194   -8.926  1.00 12.40 ? 5    VAL A CG2 1 
ATOM   38   N N   . ASN A 1 6   ? 5.328   -0.160  -7.582  1.00 9.96  ? 6    ASN A N   1 
ATOM   39   C CA  . ASN A 1 6   ? 4.580   -1.297  -7.132  1.00 9.52  ? 6    ASN A CA  1 
ATOM   40   C C   . ASN A 1 6   ? 3.608   -0.879  -6.064  1.00 9.98  ? 6    ASN A C   1 
ATOM   41   O O   . ASN A 1 6   ? 4.028   -0.253  -5.100  1.00 10.76 ? 6    ASN A O   1 
ATOM   42   C CB  . ASN A 1 6   ? 5.544   -2.353  -6.606  1.00 9.21  ? 6    ASN A CB  1 
ATOM   43   C CG  . ASN A 1 6   ? 6.438   -2.895  -7.705  1.00 9.82  ? 6    ASN A CG  1 
ATOM   44   O OD1 . ASN A 1 6   ? 5.970   -3.612  -8.574  1.00 11.74 ? 6    ASN A OD1 1 
ATOM   45   N ND2 . ASN A 1 6   ? 7.710   -2.547  -7.673  1.00 7.46  ? 6    ASN A ND2 1 
ATOM   46   N N   . VAL A 1 7   ? 2.324   -1.185  -6.250  1.00 8.32  ? 7    VAL A N   1 
ATOM   47   C CA  . VAL A 1 7   ? 1.322   -0.975  -5.205  1.00 8.22  ? 7    VAL A CA  1 
ATOM   48   C C   . VAL A 1 7   ? 0.923   -2.340  -4.714  1.00 7.91  ? 7    VAL A C   1 
ATOM   49   O O   . VAL A 1 7   ? 0.412   -3.178  -5.479  1.00 7.88  ? 7    VAL A O   1 
ATOM   50   C CB  . VAL A 1 7   ? 0.105   -0.212  -5.711  1.00 7.90  ? 7    VAL A CB  1 
ATOM   51   C CG1 . VAL A 1 7   ? -0.912  0.012   -4.582  1.00 7.95  ? 7    VAL A CG1 1 
ATOM   52   C CG2 . VAL A 1 7   ? 0.538   1.096   -6.347  1.00 8.67  ? 7    VAL A CG2 1 
ATOM   53   N N   . ILE A 1 8   ? 1.165   -2.578  -3.434  1.00 7.53  ? 8    ILE A N   1 
ATOM   54   C CA  . ILE A 1 8   ? 0.939   -3.873  -2.845  1.00 7.40  ? 8    ILE A CA  1 
ATOM   55   C C   . ILE A 1 8   ? -0.065  -3.792  -1.708  1.00 7.65  ? 8    ILE A C   1 
ATOM   56   O O   . ILE A 1 8   ? 0.153   -3.073  -0.714  1.00 7.54  ? 8    ILE A O   1 
ATOM   57   C CB  . ILE A 1 8   ? 2.241   -4.460  -2.317  1.00 7.45  ? 8    ILE A CB  1 
ATOM   58   C CG1 . ILE A 1 8   ? 3.200   -4.692  -3.495  1.00 8.72  ? 8    ILE A CG1 1 
ATOM   59   C CG2 . ILE A 1 8   ? 1.959   -5.804  -1.575  1.00 7.63  ? 8    ILE A CG2 1 
ATOM   60   C CD1 . ILE A 1 8   ? 4.590   -5.091  -3.067  1.00 8.26  ? 8    ILE A CD1 1 
ATOM   61   N N   . ASN A 1 9   ? -1.151  -4.545  -1.857  1.00 7.28  ? 9    ASN A N   1 
ATOM   62   C CA  . ASN A 1 9   ? -2.200  -4.564  -0.861  1.00 7.22  ? 9    ASN A CA  1 
ATOM   63   C C   . ASN A 1 9   ? -2.272  -5.923  -0.188  1.00 6.56  ? 9    ASN A C   1 
ATOM   64   O O   . ASN A 1 9   ? -2.240  -6.988  -0.863  1.00 5.40  ? 9    ASN A O   1 
ATOM   65   C CB  . ASN A 1 9   ? -3.555  -4.235  -1.488  1.00 6.68  ? 9    ASN A CB  1 
ATOM   66   C CG  . ASN A 1 9   ? -3.746  -2.773  -1.792  1.00 9.69  ? 9    ASN A CG  1 
ATOM   67   O OD1 . ASN A 1 9   ? -3.284  -1.893  -1.070  1.00 7.72  ? 9    ASN A OD1 1 
ATOM   68   N ND2 . ASN A 1 9   ? -4.497  -2.501  -2.871  1.00 8.26  ? 9    ASN A ND2 1 
ATOM   69   N N   . GLY A 1 10  ? -2.415  -5.890  1.136   1.00 6.50  ? 10   GLY A N   1 
ATOM   70   C CA  . GLY A 1 10  ? -2.349  -7.105  1.972   1.00 5.87  ? 10   GLY A CA  1 
ATOM   71   C C   . GLY A 1 10  ? -3.709  -7.659  2.309   1.00 6.33  ? 10   GLY A C   1 
ATOM   72   O O   . GLY A 1 10  ? -4.691  -7.380  1.607   1.00 6.05  ? 10   GLY A O   1 
ATOM   73   N N   . PRO A 1 11  ? -3.802  -8.433  3.414   1.00 7.01  ? 11   PRO A N   1 
ATOM   74   C CA  . PRO A 1 11  ? -5.036  -9.150  3.715   1.00 6.41  ? 11   PRO A CA  1 
ATOM   75   C C   . PRO A 1 11  ? -6.257  -8.268  3.860   1.00 6.10  ? 11   PRO A C   1 
ATOM   76   O O   . PRO A 1 11  ? -6.193  -7.182  4.449   1.00 6.19  ? 11   PRO A O   1 
ATOM   77   C CB  . PRO A 1 11  ? -4.750  -9.845  5.050   1.00 6.47  ? 11   PRO A CB  1 
ATOM   78   C CG  . PRO A 1 11  ? -3.283  -9.920  5.143   1.00 7.80  ? 11   PRO A CG  1 
ATOM   79   C CD  . PRO A 1 11  ? -2.694  -8.840  4.302   1.00 7.69  ? 11   PRO A CD  1 
ATOM   80   N N   . ASN A 1 12  ? -7.362  -8.793  3.333   1.00 5.16  ? 12   ASN A N   1 
ATOM   81   C CA  . ASN A 1 12  ? -8.654  -8.174  3.357   1.00 5.55  ? 12   ASN A CA  1 
ATOM   82   C C   . ASN A 1 12  ? -8.863  -7.008  2.389   1.00 6.14  ? 12   ASN A C   1 
ATOM   83   O O   . ASN A 1 12  ? -9.998  -6.562  2.204   1.00 6.66  ? 12   ASN A O   1 
ATOM   84   C CB  . ASN A 1 12  ? -9.050  -7.821  4.772   1.00 5.05  ? 12   ASN A CB  1 
ATOM   85   C CG  . ASN A 1 12  ? -9.130  -9.059  5.654   1.00 7.57  ? 12   ASN A CG  1 
ATOM   86   O OD1 . ASN A 1 12  ? -9.889  -9.994  5.340   1.00 8.16  ? 12   ASN A OD1 1 
ATOM   87   N ND2 . ASN A 1 12  ? -8.362  -9.082  6.737   1.00 6.99  ? 12   ASN A ND2 1 
ATOM   88   N N   . LEU A 1 13  ? -7.802  -6.524  1.758   1.00 6.54  ? 13   LEU A N   1 
ATOM   89   C CA  . LEU A 1 13  ? -7.947  -5.401  0.855   1.00 6.70  ? 13   LEU A CA  1 
ATOM   90   C C   . LEU A 1 13  ? -8.768  -5.747  -0.389  1.00 7.22  ? 13   LEU A C   1 
ATOM   91   O O   . LEU A 1 13  ? -9.306  -4.852  -1.044  1.00 8.66  ? 13   LEU A O   1 
ATOM   92   C CB  . LEU A 1 13  ? -6.596  -4.801  0.472   1.00 6.25  ? 13   LEU A CB  1 
ATOM   93   C CG  . LEU A 1 13  ? -6.132  -3.642  1.376   1.00 8.33  ? 13   LEU A CG  1 
ATOM   94   C CD1 . LEU A 1 13  ? -7.088  -2.408  1.310   1.00 8.81  ? 13   LEU A CD1 1 
ATOM   95   C CD2 . LEU A 1 13  ? -5.946  -4.135  2.818   1.00 8.93  ? 13   LEU A CD2 1 
ATOM   96   N N   . GLY A 1 14  ? -8.885  -7.026  -0.710  1.00 8.29  ? 14   GLY A N   1 
ATOM   97   C CA  . GLY A 1 14  ? -9.778  -7.480  -1.785  1.00 9.31  ? 14   GLY A CA  1 
ATOM   98   C C   . GLY A 1 14  ? -11.239 -7.380  -1.416  1.00 9.98  ? 14   GLY A C   1 
ATOM   99   O O   . GLY A 1 14  ? -12.109 -7.628  -2.255  1.00 11.01 ? 14   GLY A O   1 
ATOM   100  N N   . ARG A 1 15  ? -11.530 -7.005  -0.173  1.00 9.92  ? 15   ARG A N   1 
ATOM   101  C CA  . ARG A 1 15  ? -12.900 -6.891  0.283   1.00 10.90 ? 15   ARG A CA  1 
ATOM   102  C C   . ARG A 1 15  ? -13.499 -5.483  0.129   1.00 12.23 ? 15   ARG A C   1 
ATOM   103  O O   . ARG A 1 15  ? -14.641 -5.278  0.527   1.00 11.75 ? 15   ARG A O   1 
ATOM   104  C CB  . ARG A 1 15  ? -13.025 -7.303  1.752   1.00 10.63 ? 15   ARG A CB  1 
ATOM   105  C CG  . ARG A 1 15  ? -12.565 -8.716  2.075   1.00 11.17 ? 15   ARG A CG  1 
ATOM   106  C CD  . ARG A 1 15  ? -13.461 -9.761  1.430   1.00 11.30 ? 15   ARG A CD  1 
ATOM   107  N NE  . ARG A 1 15  ? -14.813 -9.673  1.964   1.00 11.61 ? 15   ARG A NE  1 
ATOM   108  C CZ  . ARG A 1 15  ? -15.864 -10.296 1.451   1.00 12.58 ? 15   ARG A CZ  1 
ATOM   109  N NH1 . ARG A 1 15  ? -15.728 -11.093 0.396   1.00 10.99 ? 15   ARG A NH1 1 
ATOM   110  N NH2 . ARG A 1 15  ? -17.058 -10.097 1.991   1.00 14.70 ? 15   ARG A NH2 1 
ATOM   111  N N   . LEU A 1 16  ? -12.744 -4.510  -0.390  1.00 13.02 ? 16   LEU A N   1 
ATOM   112  C CA  . LEU A 1 16  ? -13.253 -3.144  -0.501  1.00 14.97 ? 16   LEU A CA  1 
ATOM   113  C C   . LEU A 1 16  ? -14.531 -3.160  -1.334  1.00 17.44 ? 16   LEU A C   1 
ATOM   114  O O   . LEU A 1 16  ? -14.606 -3.874  -2.349  1.00 16.20 ? 16   LEU A O   1 
ATOM   115  C CB  . LEU A 1 16  ? -12.219 -2.220  -1.180  1.00 14.40 ? 16   LEU A CB  1 
ATOM   116  C CG  . LEU A 1 16  ? -10.901 -1.960  -0.431  1.00 15.08 ? 16   LEU A CG  1 
ATOM   117  C CD1 . LEU A 1 16  ? -9.835  -1.296  -1.341  1.00 14.18 ? 16   LEU A CD1 1 
ATOM   118  C CD2 . LEU A 1 16  ? -11.127 -1.152  0.856   1.00 14.41 ? 16   LEU A CD2 1 
ATOM   119  N N   . GLY A 1 17  ? -15.523 -2.392  -0.907  1.00 21.39 ? 17   GLY A N   1 
ATOM   120  C CA  . GLY A 1 17  ? -16.764 -2.243  -1.661  1.00 25.23 ? 17   GLY A CA  1 
ATOM   121  C C   . GLY A 1 17  ? -17.808 -3.338  -1.485  1.00 29.22 ? 17   GLY A C   1 
ATOM   122  O O   . GLY A 1 17  ? -18.911 -3.212  -1.998  1.00 29.65 ? 17   GLY A O   1 
ATOM   123  N N   . ARG A 1 18  ? -17.491 -4.411  -0.764  1.00 33.69 ? 18   ARG A N   1 
ATOM   124  C CA  . ARG A 1 18  ? -18.405 -5.553  -0.694  1.00 37.47 ? 18   ARG A CA  1 
ATOM   125  C C   . ARG A 1 18  ? -19.416 -5.406  0.456   1.00 40.35 ? 18   ARG A C   1 
ATOM   126  O O   . ARG A 1 18  ? -20.611 -5.641  0.244   1.00 41.31 ? 18   ARG A O   1 
ATOM   127  C CB  . ARG A 1 18  ? -17.624 -6.877  -0.652  1.00 38.10 ? 18   ARG A CB  1 
ATOM   128  C CG  . ARG A 1 18  ? -16.865 -7.137  -1.968  1.00 40.19 ? 18   ARG A CG  1 
ATOM   129  C CD  . ARG A 1 18  ? -15.973 -8.395  -1.966  1.00 44.02 ? 18   ARG A CD  1 
ATOM   130  N NE  . ARG A 1 18  ? -15.361 -8.607  -3.293  1.00 47.20 ? 18   ARG A NE  1 
ATOM   131  C CZ  . ARG A 1 18  ? -14.735 -9.714  -3.713  1.00 49.37 ? 18   ARG A CZ  1 
ATOM   132  N NH1 . ARG A 1 18  ? -14.603 -10.786 -2.925  1.00 50.00 ? 18   ARG A NH1 1 
ATOM   133  N NH2 . ARG A 1 18  ? -14.229 -9.755  -4.949  1.00 50.18 ? 18   ARG A NH2 1 
ATOM   134  N N   . ARG A 1 19  ? -18.963 -4.982  1.640   1.00 43.55 ? 19   ARG A N   1 
ATOM   135  C CA  . ARG A 1 19  ? -19.866 -4.750  2.789   1.00 46.27 ? 19   ARG A CA  1 
ATOM   136  C C   . ARG A 1 19  ? -20.528 -3.368  2.703   1.00 48.25 ? 19   ARG A C   1 
ATOM   137  O O   . ARG A 1 19  ? -19.943 -2.421  2.169   1.00 48.83 ? 19   ARG A O   1 
ATOM   138  C CB  . ARG A 1 19  ? -19.119 -4.891  4.129   1.00 46.51 ? 19   ARG A CB  1 
ATOM   139  C CG  . ARG A 1 19  ? -19.935 -4.487  5.371   1.00 48.38 ? 19   ARG A CG  1 
ATOM   140  C CD  . ARG A 1 19  ? -19.245 -4.754  6.726   1.00 50.36 ? 19   ARG A CD  1 
ATOM   141  N NE  . ARG A 1 19  ? -17.816 -4.402  6.749   1.00 53.17 ? 19   ARG A NE  1 
ATOM   142  C CZ  . ARG A 1 19  ? -17.115 -4.093  7.846   1.00 55.27 ? 19   ARG A CZ  1 
ATOM   143  N NH1 . ARG A 1 19  ? -17.698 -4.066  9.047   1.00 55.68 ? 19   ARG A NH1 1 
ATOM   144  N NH2 . ARG A 1 19  ? -15.813 -3.803  7.743   1.00 55.43 ? 19   ARG A NH2 1 
ATOM   145  N N   . GLU A 1 20  ? -21.741 -3.277  3.252   1.00 50.52 ? 20   GLU A N   1 
ATOM   146  C CA  . GLU A 1 20  ? -22.586 -2.069  3.233   1.00 52.22 ? 20   GLU A CA  1 
ATOM   147  C C   . GLU A 1 20  ? -21.878 -0.726  2.980   1.00 53.27 ? 20   GLU A C   1 
ATOM   148  O O   . GLU A 1 20  ? -21.119 -0.252  3.831   1.00 53.66 ? 20   GLU A O   1 
ATOM   149  C CB  . GLU A 1 20  ? -23.402 -1.969  4.539   1.00 52.64 ? 20   GLU A CB  1 
ATOM   150  C CG  . GLU A 1 20  ? -22.640 -2.328  5.828   1.00 54.13 ? 20   GLU A CG  1 
ATOM   151  C CD  . GLU A 1 20  ? -23.472 -2.129  7.096   1.00 55.57 ? 20   GLU A CD  1 
ATOM   152  O OE1 . GLU A 1 20  ? -24.319 -1.204  7.130   1.00 56.65 ? 20   GLU A OE1 1 
ATOM   153  O OE2 . GLU A 1 20  ? -23.266 -2.896  8.063   1.00 55.98 ? 20   GLU A OE2 1 
ATOM   154  N N   . PRO A 1 21  ? -22.119 -0.112  1.804   1.00 54.44 ? 21   PRO A N   1 
ATOM   155  C CA  . PRO A 1 21  ? -21.752 1.305   1.558   1.00 54.91 ? 21   PRO A CA  1 
ATOM   156  C C   . PRO A 1 21  ? -22.348 2.353   2.549   1.00 55.29 ? 21   PRO A C   1 
ATOM   157  O O   . PRO A 1 21  ? -22.975 3.343   2.141   1.00 55.51 ? 21   PRO A O   1 
ATOM   158  C CB  . PRO A 1 21  ? -22.222 1.534   0.124   1.00 54.94 ? 21   PRO A CB  1 
ATOM   159  C CG  . PRO A 1 21  ? -22.006 0.170   -0.531  1.00 54.90 ? 21   PRO A CG  1 
ATOM   160  C CD  . PRO A 1 21  ? -22.369 -0.839  0.539   1.00 54.65 ? 21   PRO A CD  1 
ATOM   161  N N   . ALA A 1 22  ? -22.182 2.069   3.843   1.00 55.30 ? 22   ALA A N   1 
ATOM   162  C CA  . ALA A 1 22  ? -21.976 3.070   4.883   1.00 54.98 ? 22   ALA A CA  1 
ATOM   163  C C   . ALA A 1 22  ? -20.454 3.201   5.117   1.00 54.68 ? 22   ALA A C   1 
ATOM   164  O O   . ALA A 1 22  ? -19.941 4.290   5.406   1.00 54.85 ? 22   ALA A O   1 
ATOM   165  C CB  . ALA A 1 22  ? -22.674 2.631   6.177   1.00 54.90 ? 22   ALA A CB  1 
ATOM   166  N N   . VAL A 1 23  ? -19.748 2.076   4.951   1.00 54.15 ? 23   VAL A N   1 
ATOM   167  C CA  . VAL A 1 23  ? -18.363 1.881   5.406   1.00 53.47 ? 23   VAL A CA  1 
ATOM   168  C C   . VAL A 1 23  ? -17.373 2.033   4.228   1.00 52.80 ? 23   VAL A C   1 
ATOM   169  O O   . VAL A 1 23  ? -17.579 2.887   3.345   1.00 52.94 ? 23   VAL A O   1 
ATOM   170  C CB  . VAL A 1 23  ? -18.205 0.470   6.108   1.00 53.45 ? 23   VAL A CB  1 
ATOM   171  C CG1 . VAL A 1 23  ? -18.919 0.417   7.460   1.00 53.16 ? 23   VAL A CG1 1 
ATOM   172  C CG2 . VAL A 1 23  ? -18.707 -0.643  5.196   1.00 53.39 ? 23   VAL A CG2 1 
ATOM   173  N N   . TYR A 1 24  ? -16.335 1.181   4.188   1.00 51.74 ? 24   TYR A N   1 
ATOM   174  C CA  . TYR A 1 24  ? -15.257 1.228   3.170   1.00 50.36 ? 24   TYR A CA  1 
ATOM   175  C C   . TYR A 1 24  ? -15.901 0.588   1.927   1.00 48.61 ? 24   TYR A C   1 
ATOM   176  O O   . TYR A 1 24  ? -15.424 -0.442  1.389   1.00 47.45 ? 24   TYR A O   1 
ATOM   177  C CB  . TYR A 1 24  ? -13.982 0.422   3.574   1.00 50.72 ? 24   TYR A CB  1 
ATOM   178  C CG  . TYR A 1 24  ? -13.413 0.544   4.999   1.00 50.72 ? 24   TYR A CG  1 
ATOM   179  C CD1 . TYR A 1 24  ? -14.241 0.578   6.123   1.00 51.79 ? 24   TYR A CD1 1 
ATOM   180  C CD2 . TYR A 1 24  ? -12.039 0.552   5.213   1.00 50.61 ? 24   TYR A CD2 1 
ATOM   181  C CE1 . TYR A 1 24  ? -13.734 0.657   7.405   1.00 52.88 ? 24   TYR A CE1 1 
ATOM   182  C CE2 . TYR A 1 24  ? -11.518 0.625   6.502   1.00 52.34 ? 24   TYR A CE2 1 
ATOM   183  C CZ  . TYR A 1 24  ? -12.375 0.680   7.598   1.00 53.11 ? 24   TYR A CZ  1 
ATOM   184  O OH  . TYR A 1 24  ? -11.906 0.762   8.898   1.00 53.83 ? 24   TYR A OH  1 
ATOM   185  N N   . GLY A 1 25  ? -17.006 1.211   1.514   1.00 46.35 ? 25   GLY A N   1 
ATOM   186  C CA  . GLY A 1 25  ? -17.955 0.637   0.561   1.00 44.15 ? 25   GLY A CA  1 
ATOM   187  C C   . GLY A 1 25  ? -18.089 1.615   -0.570  1.00 41.84 ? 25   GLY A C   1 
ATOM   188  O O   . GLY A 1 25  ? -17.761 2.799   -0.427  1.00 42.35 ? 25   GLY A O   1 
ATOM   189  N N   . GLY A 1 26  ? -18.577 1.128   -1.697  1.00 38.67 ? 26   GLY A N   1 
ATOM   190  C CA  . GLY A 1 26  ? -18.439 1.846   -2.940  1.00 35.57 ? 26   GLY A CA  1 
ATOM   191  C C   . GLY A 1 26  ? -17.265 1.278   -3.712  1.00 32.36 ? 26   GLY A C   1 
ATOM   192  O O   . GLY A 1 26  ? -17.438 0.328   -4.465  1.00 32.06 ? 26   GLY A O   1 
ATOM   193  N N   . THR A 1 27  ? -16.074 1.847   -3.526  1.00 28.60 ? 27   THR A N   1 
ATOM   194  C CA  . THR A 1 27  ? -14.940 1.499   -4.384  1.00 25.81 ? 27   THR A CA  1 
ATOM   195  C C   . THR A 1 27  ? -14.472 0.074   -4.145  1.00 23.07 ? 27   THR A C   1 
ATOM   196  O O   . THR A 1 27  ? -14.103 -0.285  -3.020  1.00 23.55 ? 27   THR A O   1 
ATOM   197  C CB  . THR A 1 27  ? -13.747 2.435   -4.200  1.00 25.63 ? 27   THR A CB  1 
ATOM   198  O OG1 . THR A 1 27  ? -14.197 3.787   -4.260  1.00 26.05 ? 27   THR A OG1 1 
ATOM   199  C CG2 . THR A 1 27  ? -12.731 2.195   -5.298  1.00 24.75 ? 27   THR A CG2 1 
ATOM   200  N N   . THR A 1 28  ? -14.512 -0.731  -5.199  1.00 19.07 ? 28   THR A N   1 
ATOM   201  C CA  . THR A 1 28  ? -14.058 -2.113  -5.149  1.00 17.13 ? 28   THR A CA  1 
ATOM   202  C C   . THR A 1 28  ? -12.551 -2.142  -5.358  1.00 15.50 ? 28   THR A C   1 
ATOM   203  O O   . THR A 1 28  ? -11.964 -1.139  -5.795  1.00 15.70 ? 28   THR A O   1 
ATOM   204  C CB  . THR A 1 28  ? -14.698 -2.945  -6.258  1.00 16.94 ? 28   THR A CB  1 
ATOM   205  O OG1 . THR A 1 28  ? -14.342 -2.383  -7.530  1.00 14.81 ? 28   THR A OG1 1 
ATOM   206  C CG2 . THR A 1 28  ? -16.230 -2.983  -6.105  1.00 17.01 ? 28   THR A CG2 1 
ATOM   207  N N   . HIS A 1 29  ? -11.914 -3.274  -5.065  1.00 13.66 ? 29   HIS A N   1 
ATOM   208  C CA  . HIS A 1 29  ? -10.505 -3.379  -5.331  1.00 12.75 ? 29   HIS A CA  1 
ATOM   209  C C   . HIS A 1 29  ? -10.204 -3.203  -6.842  1.00 12.15 ? 29   HIS A C   1 
ATOM   210  O O   . HIS A 1 29  ? -9.250  -2.521  -7.212  1.00 10.93 ? 29   HIS A O   1 
ATOM   211  C CB  . HIS A 1 29  ? -9.888  -4.690  -4.792  1.00 12.46 ? 29   HIS A CB  1 
ATOM   212  C CG  . HIS A 1 29  ? -8.401  -4.633  -4.766  1.00 10.88 ? 29   HIS A CG  1 
ATOM   213  N ND1 . HIS A 1 29  ? -7.627  -5.064  -5.821  1.00 10.67 ? 29   HIS A ND1 1 
ATOM   214  C CD2 . HIS A 1 29  ? -7.547  -4.114  -3.854  1.00 8.38  ? 29   HIS A CD2 1 
ATOM   215  C CE1 . HIS A 1 29  ? -6.357  -4.819  -5.552  1.00 12.49 ? 29   HIS A CE1 1 
ATOM   216  N NE2 . HIS A 1 29  ? -6.283  -4.236  -4.368  1.00 10.30 ? 29   HIS A NE2 1 
ATOM   217  N N   . ASP A 1 30  ? -11.034 -3.784  -7.711  1.00 12.40 ? 30   ASP A N   1 
ATOM   218  C CA  . ASP A 1 30  ? -10.840 -3.619  -9.171  1.00 12.79 ? 30   ASP A CA  1 
ATOM   219  C C   . ASP A 1 30  ? -10.921 -2.143  -9.549  1.00 12.58 ? 30   ASP A C   1 
ATOM   220  O O   . ASP A 1 30  ? -10.075 -1.651  -10.294 1.00 11.86 ? 30   ASP A O   1 
ATOM   221  C CB  . ASP A 1 30  ? -11.888 -4.383  -9.988  1.00 13.57 ? 30   ASP A CB  1 
ATOM   222  C CG  . ASP A 1 30  ? -11.642 -5.874  -10.042 1.00 15.10 ? 30   ASP A CG  1 
ATOM   223  O OD1 . ASP A 1 30  ? -10.633 -6.406  -9.516  1.00 13.73 ? 30   ASP A OD1 1 
ATOM   224  O OD2 . ASP A 1 30  ? -12.517 -6.524  -10.617 1.00 17.31 ? 30   ASP A OD2 1 
ATOM   225  N N   . GLU A 1 31  ? -11.897 -1.430  -8.982  1.00 12.37 ? 31   GLU A N   1 
ATOM   226  C CA  . GLU A 1 31  ? -11.995 0.030   -9.229  1.00 13.27 ? 31   GLU A CA  1 
ATOM   227  C C   . GLU A 1 31  ? -10.735 0.765   -8.735  1.00 12.90 ? 31   GLU A C   1 
ATOM   228  O O   . GLU A 1 31  ? -10.219 1.673   -9.407  1.00 12.67 ? 31   GLU A O   1 
ATOM   229  C CB  A GLU A 1 31  ? -13.262 0.605   -8.580  0.50 13.64 ? 31   GLU A CB  1 
ATOM   230  C CB  B GLU A 1 31  ? -13.252 0.624   -8.568  0.50 13.48 ? 31   GLU A CB  1 
ATOM   231  C CG  A GLU A 1 31  ? -13.521 2.087   -8.857  0.50 15.56 ? 31   GLU A CG  1 
ATOM   232  C CG  B GLU A 1 31  ? -14.567 0.286   -9.270  0.50 15.00 ? 31   GLU A CG  1 
ATOM   233  C CD  A GLU A 1 31  ? -13.723 2.394   -10.334 0.50 18.32 ? 31   GLU A CD  1 
ATOM   234  C CD  B GLU A 1 31  ? -15.801 0.796   -8.527  0.50 16.35 ? 31   GLU A CD  1 
ATOM   235  O OE1 A GLU A 1 31  ? -14.220 1.512   -11.048 0.50 20.34 ? 31   GLU A OE1 1 
ATOM   236  O OE1 B GLU A 1 31  ? -15.863 0.702   -7.291  0.50 16.84 ? 31   GLU A OE1 1 
ATOM   237  O OE2 A GLU A 1 31  ? -13.377 3.516   -10.784 0.50 20.93 ? 31   GLU A OE2 1 
ATOM   238  O OE2 B GLU A 1 31  ? -16.737 1.290   -9.184  0.50 20.24 ? 31   GLU A OE2 1 
ATOM   239  N N   . LEU A 1 32  ? -10.231 0.355   -7.569  1.00 11.02 ? 32   LEU A N   1 
ATOM   240  C CA  . LEU A 1 32  ? -9.044  0.968   -7.004  1.00 10.31 ? 32   LEU A CA  1 
ATOM   241  C C   . LEU A 1 32  ? -7.880  0.795   -7.945  1.00 9.90  ? 32   LEU A C   1 
ATOM   242  O O   . LEU A 1 32  ? -7.129  1.744   -8.195  1.00 9.70  ? 32   LEU A O   1 
ATOM   243  C CB  . LEU A 1 32  ? -8.730  0.386   -5.608  1.00 9.90  ? 32   LEU A CB  1 
ATOM   244  C CG  . LEU A 1 32  ? -7.394  0.808   -4.973  1.00 9.61  ? 32   LEU A CG  1 
ATOM   245  C CD1 . LEU A 1 32  ? -7.338  2.351   -4.833  1.00 11.18 ? 32   LEU A CD1 1 
ATOM   246  C CD2 . LEU A 1 32  ? -7.208  0.127   -3.630  1.00 9.79  ? 32   LEU A CD2 1 
ATOM   247  N N   . VAL A 1 33  ? -7.725  -0.416  -8.478  1.00 9.97  ? 33   VAL A N   1 
ATOM   248  C CA  . VAL A 1 33  ? -6.670  -0.681  -9.448  1.00 10.27 ? 33   VAL A CA  1 
ATOM   249  C C   . VAL A 1 33  ? -6.793  0.275   -10.653 1.00 11.39 ? 33   VAL A C   1 
ATOM   250  O O   . VAL A 1 33  ? -5.799  0.870   -11.086 1.00 11.37 ? 33   VAL A O   1 
ATOM   251  C CB  . VAL A 1 33  ? -6.681  -2.159  -9.918  1.00 10.11 ? 33   VAL A CB  1 
ATOM   252  C CG1 . VAL A 1 33  ? -5.781  -2.360  -11.129 1.00 11.03 ? 33   VAL A CG1 1 
ATOM   253  C CG2 . VAL A 1 33  ? -6.279  -3.100  -8.758  1.00 8.99  ? 33   VAL A CG2 1 
ATOM   254  N N   . ALA A 1 34  ? -8.006  0.417   -11.190 1.00 12.71 ? 34   ALA A N   1 
ATOM   255  C CA  . ALA A 1 34  ? -8.251  1.307   -12.344 1.00 12.59 ? 34   ALA A CA  1 
ATOM   256  C C   . ALA A 1 34  ? -7.896  2.760   -12.029 1.00 12.84 ? 34   ALA A C   1 
ATOM   257  O O   . ALA A 1 34  ? -7.251  3.422   -12.834 1.00 12.41 ? 34   ALA A O   1 
ATOM   258  C CB  . ALA A 1 34  ? -9.727  1.205   -12.811 1.00 12.87 ? 34   ALA A CB  1 
ATOM   259  N N   . LEU A 1 35  ? -8.340  3.258   -10.875 1.00 12.47 ? 35   LEU A N   1 
ATOM   260  C CA  . LEU A 1 35  ? -8.011  4.609   -10.448 1.00 12.89 ? 35   LEU A CA  1 
ATOM   261  C C   . LEU A 1 35  ? -6.517  4.820   -10.362 1.00 11.87 ? 35   LEU A C   1 
ATOM   262  O O   . LEU A 1 35  ? -6.004  5.855   -10.822 1.00 11.66 ? 35   LEU A O   1 
ATOM   263  C CB  . LEU A 1 35  ? -8.624  4.931   -9.098  1.00 12.87 ? 35   LEU A CB  1 
ATOM   264  C CG  . LEU A 1 35  ? -10.138 5.111   -9.150  1.00 15.64 ? 35   LEU A CG  1 
ATOM   265  C CD1 . LEU A 1 35  ? -10.695 4.971   -7.735  1.00 16.67 ? 35   LEU A CD1 1 
ATOM   266  C CD2 . LEU A 1 35  ? -10.486 6.514   -9.793  1.00 16.89 ? 35   LEU A CD2 1 
ATOM   267  N N   . ILE A 1 36  ? -5.822  3.838   -9.790  1.00 10.94 ? 36   ILE A N   1 
ATOM   268  C CA  . ILE A 1 36  ? -4.355  3.908   -9.623  1.00 10.87 ? 36   ILE A CA  1 
ATOM   269  C C   . ILE A 1 36  ? -3.653  3.899   -10.974 1.00 11.92 ? 36   ILE A C   1 
ATOM   270  O O   . ILE A 1 36  ? -2.780  4.736   -11.254 1.00 10.32 ? 36   ILE A O   1 
ATOM   271  C CB  . ILE A 1 36  ? -3.795  2.747   -8.725  1.00 9.11  ? 36   ILE A CB  1 
ATOM   272  C CG1 . ILE A 1 36  ? -4.192  2.998   -7.253  1.00 10.25 ? 36   ILE A CG1 1 
ATOM   273  C CG2 . ILE A 1 36  ? -2.277  2.669   -8.859  1.00 10.01 ? 36   ILE A CG2 1 
ATOM   274  C CD1 . ILE A 1 36  ? -3.976  1.828   -6.327  1.00 10.66 ? 36   ILE A CD1 1 
ATOM   275  N N   . GLU A 1 37  ? -4.031  2.959   -11.819 1.00 12.93 ? 37   GLU A N   1 
ATOM   276  C CA  . GLU A 1 37  ? -3.414  2.893   -13.134 1.00 15.35 ? 37   GLU A CA  1 
ATOM   277  C C   . GLU A 1 37  ? -3.568  4.198   -13.919 1.00 15.94 ? 37   GLU A C   1 
ATOM   278  O O   . GLU A 1 37  ? -2.609  4.688   -14.500 1.00 17.31 ? 37   GLU A O   1 
ATOM   279  C CB  . GLU A 1 37  ? -3.987  1.720   -13.908 1.00 15.97 ? 37   GLU A CB  1 
ATOM   280  C CG  . GLU A 1 37  ? -3.408  0.417   -13.413 1.00 17.93 ? 37   GLU A CG  1 
ATOM   281  C CD  . GLU A 1 37  ? -4.066  -0.803  -14.020 1.00 20.78 ? 37   GLU A CD  1 
ATOM   282  O OE1 . GLU A 1 37  ? -5.196  -0.684  -14.581 1.00 23.25 ? 37   GLU A OE1 1 
ATOM   283  O OE2 . GLU A 1 37  ? -3.450  -1.873  -13.851 1.00 20.44 ? 37   GLU A OE2 1 
ATOM   284  N N   . ARG A 1 38  ? -4.759  4.776   -13.886 1.00 17.53 ? 38   ARG A N   1 
ATOM   285  C CA  . ARG A 1 38  ? -5.054  6.024   -14.581 1.00 18.21 ? 38   ARG A CA  1 
ATOM   286  C C   . ARG A 1 38  ? -4.219  7.179   -14.044 1.00 17.43 ? 38   ARG A C   1 
ATOM   287  O O   . ARG A 1 38  ? -3.637  7.951   -14.824 1.00 16.80 ? 38   ARG A O   1 
ATOM   288  C CB  . ARG A 1 38  ? -6.540  6.350   -14.442 1.00 19.63 ? 38   ARG A CB  1 
ATOM   289  C CG  . ARG A 1 38  ? -7.014  7.591   -15.220 1.00 24.71 ? 38   ARG A CG  1 
ATOM   290  C CD  . ARG A 1 38  ? -8.493  7.894   -14.908 1.00 31.79 ? 38   ARG A CD  1 
ATOM   291  N NE  . ARG A 1 38  ? -8.639  8.703   -13.690 1.00 36.77 ? 38   ARG A NE  1 
ATOM   292  C CZ  . ARG A 1 38  ? -9.728  8.764   -12.909 1.00 40.11 ? 38   ARG A CZ  1 
ATOM   293  N NH1 . ARG A 1 38  ? -10.816 8.052   -13.166 1.00 42.24 ? 38   ARG A NH1 1 
ATOM   294  N NH2 . ARG A 1 38  ? -9.723  9.551   -11.835 1.00 42.00 ? 38   ARG A NH2 1 
ATOM   295  N N   . GLU A 1 39  ? -4.154  7.305   -12.717 1.00 15.49 ? 39   GLU A N   1 
ATOM   296  C CA  . GLU A 1 39  ? -3.382  8.379   -12.110 1.00 15.07 ? 39   GLU A CA  1 
ATOM   297  C C   . GLU A 1 39  ? -1.915  8.190   -12.451 1.00 14.86 ? 39   GLU A C   1 
ATOM   298  O O   . GLU A 1 39  ? -1.242  9.137   -12.774 1.00 14.69 ? 39   GLU A O   1 
ATOM   299  C CB  . GLU A 1 39  ? -3.563  8.407   -10.590 1.00 14.86 ? 39   GLU A CB  1 
ATOM   300  C CG  . GLU A 1 39  ? -2.816  9.565   -9.894  1.00 15.72 ? 39   GLU A CG  1 
ATOM   301  C CD  . GLU A 1 39  ? -3.553  10.881  -9.985  1.00 20.38 ? 39   GLU A CD  1 
ATOM   302  O OE1 . GLU A 1 39  ? -4.634  10.896  -10.603 1.00 25.41 ? 39   GLU A OE1 1 
ATOM   303  O OE2 . GLU A 1 39  ? -3.062  11.899  -9.440  1.00 21.34 ? 39   GLU A OE2 1 
ATOM   304  N N   . ALA A 1 40  ? -1.430  6.954   -12.388 1.00 14.90 ? 40   ALA A N   1 
ATOM   305  C CA  . ALA A 1 40  ? -0.022  6.676   -12.697 1.00 15.92 ? 40   ALA A CA  1 
ATOM   306  C C   . ALA A 1 40  ? 0.352   7.099   -14.137 1.00 16.65 ? 40   ALA A C   1 
ATOM   307  O O   . ALA A 1 40  ? 1.377   7.731   -14.350 1.00 16.44 ? 40   ALA A O   1 
ATOM   308  C CB  . ALA A 1 40  ? 0.313   5.188   -12.444 1.00 15.54 ? 40   ALA A CB  1 
ATOM   309  N N   . ALA A 1 41  ? -0.513  6.795   -15.093 1.00 17.84 ? 41   ALA A N   1 
ATOM   310  C CA  . ALA A 1 41  ? -0.299  7.187   -16.479 1.00 19.62 ? 41   ALA A CA  1 
ATOM   311  C C   . ALA A 1 41  ? -0.297  8.716   -16.642 1.00 20.08 ? 41   ALA A C   1 
ATOM   312  O O   . ALA A 1 41  ? 0.590   9.246   -17.304 1.00 20.50 ? 41   ALA A O   1 
ATOM   313  C CB  . ALA A 1 41  ? -1.348  6.530   -17.397 1.00 19.95 ? 41   ALA A CB  1 
ATOM   314  N N   . GLU A 1 42  ? -1.226  9.425   -15.992 1.00 20.44 ? 42   GLU A N   1 
ATOM   315  C CA  . GLU A 1 42  ? -1.201  10.896  -15.969 1.00 20.24 ? 42   GLU A CA  1 
ATOM   316  C C   . GLU A 1 42  ? 0.116   11.432  -15.406 1.00 19.32 ? 42   GLU A C   1 
ATOM   317  O O   . GLU A 1 42  ? 0.615   12.462  -15.862 1.00 18.10 ? 42   GLU A O   1 
ATOM   318  C CB  A GLU A 1 42  ? -2.381  11.479  -15.120 0.50 20.60 ? 42   GLU A CB  1 
ATOM   319  C CB  B GLU A 1 42  ? -2.453  11.447  -15.296 0.50 20.67 ? 42   GLU A CB  1 
ATOM   320  C CG  A GLU A 1 42  ? -2.481  13.071  -15.041 0.50 21.53 ? 42   GLU A CG  1 
ATOM   321  C CG  B GLU A 1 42  ? -3.620  11.427  -16.266 0.50 22.51 ? 42   GLU A CG  1 
ATOM   322  C CD  A GLU A 1 42  ? -2.971  13.667  -13.679 0.50 23.15 ? 42   GLU A CD  1 
ATOM   323  C CD  B GLU A 1 42  ? -4.949  11.657  -15.603 0.50 24.21 ? 42   GLU A CD  1 
ATOM   324  O OE1 A GLU A 1 42  ? -3.999  13.234  -13.112 0.50 22.39 ? 42   GLU A OE1 1 
ATOM   325  O OE1 B GLU A 1 42  ? -4.953  12.080  -14.439 0.50 26.30 ? 42   GLU A OE1 1 
ATOM   326  O OE2 A GLU A 1 42  ? -2.321  14.618  -13.170 0.50 24.97 ? 42   GLU A OE2 1 
ATOM   327  O OE2 B GLU A 1 42  ? -5.984  11.405  -16.250 0.50 26.34 ? 42   GLU A OE2 1 
ATOM   328  N N   . LEU A 1 43  ? 0.705   10.712  -14.452 1.00 18.06 ? 43   LEU A N   1 
ATOM   329  C CA  . LEU A 1 43  ? 1.959   11.140  -13.852 1.00 17.58 ? 43   LEU A CA  1 
ATOM   330  C C   . LEU A 1 43  ? 3.197   10.672  -14.605 1.00 17.24 ? 43   LEU A C   1 
ATOM   331  O O   . LEU A 1 43  ? 4.297   10.945  -14.161 1.00 17.68 ? 43   LEU A O   1 
ATOM   332  C CB  . LEU A 1 43  ? 2.058   10.654  -12.381 1.00 16.62 ? 43   LEU A CB  1 
ATOM   333  C CG  . LEU A 1 43  ? 1.078   11.277  -11.387 1.00 16.22 ? 43   LEU A CG  1 
ATOM   334  C CD1 . LEU A 1 43  ? 1.007   10.444  -10.086 1.00 13.61 ? 43   LEU A CD1 1 
ATOM   335  C CD2 . LEU A 1 43  ? 1.487   12.743  -11.115 1.00 15.55 ? 43   LEU A CD2 1 
ATOM   336  N N   . GLY A 1 44  ? 3.037   9.922   -15.687 1.00 17.94 ? 44   GLY A N   1 
ATOM   337  C CA  . GLY A 1 44  ? 4.202   9.347   -16.394 1.00 17.94 ? 44   GLY A CA  1 
ATOM   338  C C   . GLY A 1 44  ? 4.858   8.145   -15.719 1.00 17.88 ? 44   GLY A C   1 
ATOM   339  O O   . GLY A 1 44  ? 6.062   7.883   -15.925 1.00 18.40 ? 44   GLY A O   1 
ATOM   340  N N   . LEU A 1 45  ? 4.078   7.413   -14.917 1.00 16.42 ? 45   LEU A N   1 
ATOM   341  C CA  . LEU A 1 45  ? 4.538   6.209   -14.233 1.00 15.37 ? 45   LEU A CA  1 
ATOM   342  C C   . LEU A 1 45  ? 3.739   5.021   -14.766 1.00 14.36 ? 45   LEU A C   1 
ATOM   343  O O   . LEU A 1 45  ? 2.728   5.196   -15.426 1.00 14.13 ? 45   LEU A O   1 
ATOM   344  C CB  . LEU A 1 45  ? 4.287   6.339   -12.713 1.00 15.56 ? 45   LEU A CB  1 
ATOM   345  C CG  . LEU A 1 45  ? 4.947   7.497   -11.977 1.00 15.81 ? 45   LEU A CG  1 
ATOM   346  C CD1 . LEU A 1 45  ? 4.363   7.616   -10.569 1.00 16.86 ? 45   LEU A CD1 1 
ATOM   347  C CD2 . LEU A 1 45  ? 6.457   7.332   -11.961 1.00 18.24 ? 45   LEU A CD2 1 
ATOM   348  N N   . LYS A 1 46  ? 4.187   3.811   -14.440 1.00 13.21 ? 46   LYS A N   1 
ATOM   349  C CA  . LYS A 1 46  ? 3.395   2.604   -14.618 1.00 12.50 ? 46   LYS A CA  1 
ATOM   350  C C   . LYS A 1 46  ? 3.191   1.982   -13.243 1.00 11.80 ? 46   LYS A C   1 
ATOM   351  O O   . LYS A 1 46  ? 4.154   1.678   -12.576 1.00 10.59 ? 46   LYS A O   1 
ATOM   352  C CB  . LYS A 1 46  ? 4.121   1.604   -15.519 1.00 12.97 ? 46   LYS A CB  1 
ATOM   353  C CG  . LYS A 1 46  ? 3.235   0.405   -15.900 1.00 15.44 ? 46   LYS A CG  1 
ATOM   354  C CD  . LYS A 1 46  ? 3.919   -0.539  -16.897 1.00 18.09 ? 46   LYS A CD  1 
ATOM   355  C CE  . LYS A 1 46  ? 3.188   -1.918  -16.982 1.00 20.24 ? 46   LYS A CE  1 
ATOM   356  N NZ  . LYS A 1 46  ? 3.763   -2.784  -18.120 1.00 16.81 ? 46   LYS A NZ  1 
ATOM   357  N N   . ALA A 1 47  ? 1.949   1.807   -12.814 1.00 11.16 ? 47   ALA A N   1 
ATOM   358  C CA  . ALA A 1 47  ? 1.693   1.187   -11.517 1.00 10.95 ? 47   ALA A CA  1 
ATOM   359  C C   . ALA A 1 47  ? 1.404   -0.282  -11.769 1.00 10.96 ? 47   ALA A C   1 
ATOM   360  O O   . ALA A 1 47  ? 0.670   -0.609  -12.678 1.00 11.22 ? 47   ALA A O   1 
ATOM   361  C CB  . ALA A 1 47  ? 0.543   1.862   -10.787 1.00 10.27 ? 47   ALA A CB  1 
ATOM   362  N N   . VAL A 1 48  ? 2.035   -1.149  -10.981 1.00 10.44 ? 48   VAL A N   1 
ATOM   363  C CA  . VAL A 1 48  ? 1.784   -2.567  -10.962 1.00 10.70 ? 48   VAL A CA  1 
ATOM   364  C C   . VAL A 1 48  ? 1.079   -2.847  -9.622  1.00 10.84 ? 48   VAL A C   1 
ATOM   365  O O   . VAL A 1 48  ? 1.695   -2.754  -8.558  1.00 10.50 ? 48   VAL A O   1 
ATOM   366  C CB  . VAL A 1 48  ? 3.118   -3.323  -11.046 1.00 11.22 ? 48   VAL A CB  1 
ATOM   367  C CG1 . VAL A 1 48  ? 2.900   -4.828  -11.009 1.00 13.52 ? 48   VAL A CG1 1 
ATOM   368  C CG2 . VAL A 1 48  ? 3.891   -2.912  -12.317 1.00 12.36 ? 48   VAL A CG2 1 
ATOM   369  N N   . VAL A 1 49  ? -0.219  -3.118  -9.663  1.00 10.21 ? 49   VAL A N   1 
ATOM   370  C CA  . VAL A 1 49  ? -1.014  -3.220  -8.434  1.00 10.35 ? 49   VAL A CA  1 
ATOM   371  C C   . VAL A 1 49  ? -1.311  -4.681  -8.149  1.00 11.21 ? 49   VAL A C   1 
ATOM   372  O O   . VAL A 1 49  ? -1.812  -5.378  -9.007  1.00 11.68 ? 49   VAL A O   1 
ATOM   373  C CB  . VAL A 1 49  ? -2.331  -2.482  -8.530  1.00 9.78  ? 49   VAL A CB  1 
ATOM   374  C CG1 . VAL A 1 49  ? -3.014  -2.462  -7.135  1.00 8.37  ? 49   VAL A CG1 1 
ATOM   375  C CG2 . VAL A 1 49  ? -2.115  -1.066  -9.069  1.00 8.79  ? 49   VAL A CG2 1 
ATOM   376  N N   . ARG A 1 50  ? -0.990  -5.137  -6.948  1.00 11.20 ? 50   ARG A N   1 
ATOM   377  C CA  . ARG A 1 50  ? -1.189  -6.528  -6.544  1.00 11.40 ? 50   ARG A CA  1 
ATOM   378  C C   . ARG A 1 50  ? -1.818  -6.563  -5.153  1.00 11.49 ? 50   ARG A C   1 
ATOM   379  O O   . ARG A 1 50  ? -1.517  -5.699  -4.313  1.00 10.46 ? 50   ARG A O   1 
ATOM   380  C CB  A ARG A 1 50  ? 0.176   -7.221  -6.493  0.50 11.70 ? 50   ARG A CB  1 
ATOM   381  C CB  B ARG A 1 50  ? 0.130   -7.268  -6.481  0.50 11.76 ? 50   ARG A CB  1 
ATOM   382  C CG  A ARG A 1 50  ? 0.956   -7.237  -7.813  0.50 13.30 ? 50   ARG A CG  1 
ATOM   383  C CG  B ARG A 1 50  ? 0.666   -7.698  -7.803  0.50 13.64 ? 50   ARG A CG  1 
ATOM   384  C CD  A ARG A 1 50  ? 0.418   -8.333  -8.723  0.50 14.64 ? 50   ARG A CD  1 
ATOM   385  C CD  B ARG A 1 50  ? 2.015   -7.111  -7.904  0.50 14.44 ? 50   ARG A CD  1 
ATOM   386  N NE  A ARG A 1 50  ? 1.185   -8.511  -9.957  0.50 14.12 ? 50   ARG A NE  1 
ATOM   387  N NE  B ARG A 1 50  ? 2.953   -7.910  -8.649  0.50 16.85 ? 50   ARG A NE  1 
ATOM   388  C CZ  A ARG A 1 50  ? 0.935   -7.859  -11.086 0.50 16.82 ? 50   ARG A CZ  1 
ATOM   389  C CZ  B ARG A 1 50  ? 4.259   -7.681  -8.621  0.50 17.46 ? 50   ARG A CZ  1 
ATOM   390  N NH1 A ARG A 1 50  ? -0.043  -6.962  -11.142 0.50 17.38 ? 50   ARG A NH1 1 
ATOM   391  N NH1 B ARG A 1 50  ? 4.741   -6.686  -7.866  0.50 15.37 ? 50   ARG A NH1 1 
ATOM   392  N NH2 A ARG A 1 50  ? 1.667   -8.097  -12.168 0.50 18.05 ? 50   ARG A NH2 1 
ATOM   393  N NH2 B ARG A 1 50  ? 5.068   -8.449  -9.329  0.50 18.07 ? 50   ARG A NH2 1 
ATOM   394  N N   . GLN A 1 51  ? -2.659  -7.573  -4.911  1.00 10.21 ? 51   GLN A N   1 
ATOM   395  C CA  . GLN A 1 51  ? -3.272  -7.798  -3.613  1.00 9.47  ? 51   GLN A CA  1 
ATOM   396  C C   . GLN A 1 51  ? -3.206  -9.286  -3.298  1.00 9.18  ? 51   GLN A C   1 
ATOM   397  O O   . GLN A 1 51  ? -3.420  -10.118 -4.195  1.00 7.62  ? 51   GLN A O   1 
ATOM   398  C CB  . GLN A 1 51  ? -4.726  -7.346  -3.605  1.00 9.97  ? 51   GLN A CB  1 
ATOM   399  C CG  . GLN A 1 51  ? -5.395  -7.315  -2.261  1.00 9.90  ? 51   GLN A CG  1 
ATOM   400  C CD  . GLN A 1 51  ? -5.894  -8.676  -1.783  1.00 10.66 ? 51   GLN A CD  1 
ATOM   401  O OE1 . GLN A 1 51  ? -6.385  -9.482  -2.570  1.00 7.64  ? 51   GLN A OE1 1 
ATOM   402  N NE2 . GLN A 1 51  ? -5.772  -8.930  -0.481  1.00 6.97  ? 51   GLN A NE2 1 
ATOM   403  N N   . SER A 1 52  ? -2.912  -9.600  -2.031  1.00 7.89  ? 52   SER A N   1 
ATOM   404  C CA  . SER A 1 52  ? -2.966  -10.980 -1.529  1.00 8.48  ? 52   SER A CA  1 
ATOM   405  C C   . SER A 1 52  ? -3.305  -11.032 -0.054  1.00 7.75  ? 52   SER A C   1 
ATOM   406  O O   . SER A 1 52  ? -2.890  -10.144 0.727   1.00 7.01  ? 52   SER A O   1 
ATOM   407  C CB  . SER A 1 52  ? -1.627  -11.699 -1.721  1.00 7.97  ? 52   SER A CB  1 
ATOM   408  O OG  . SER A 1 52  ? -1.726  -13.048 -1.320  1.00 9.67  ? 52   SER A OG  1 
ATOM   409  N N   . ASP A 1 53  ? -4.057  -12.061 0.314   1.00 7.51  ? 53   ASP A N   1 
ATOM   410  C CA  . ASP A 1 53  ? -4.285  -12.403 1.718   1.00 7.85  ? 53   ASP A CA  1 
ATOM   411  C C   . ASP A 1 53  ? -3.168  -13.250 2.341   1.00 7.48  ? 53   ASP A C   1 
ATOM   412  O O   . ASP A 1 53  ? -3.238  -13.555 3.540   1.00 6.31  ? 53   ASP A O   1 
ATOM   413  C CB  . ASP A 1 53  ? -5.599  -13.145 1.887   1.00 7.71  ? 53   ASP A CB  1 
ATOM   414  C CG  . ASP A 1 53  ? -6.835  -12.271 1.664   1.00 8.92  ? 53   ASP A CG  1 
ATOM   415  O OD1 . ASP A 1 53  ? -6.760  -11.007 1.547   1.00 9.14  ? 53   ASP A OD1 1 
ATOM   416  O OD2 . ASP A 1 53  ? -7.913  -12.904 1.576   1.00 9.04  ? 53   ASP A OD2 1 
ATOM   417  N N   . SER A 1 54  ? -2.172  -13.635 1.528   1.00 7.60  ? 54   SER A N   1 
ATOM   418  C CA  . SER A 1 54  ? -1.056  -14.510 1.924   1.00 7.17  ? 54   SER A CA  1 
ATOM   419  C C   . SER A 1 54  ? 0.220   -13.712 2.193   1.00 8.27  ? 54   SER A C   1 
ATOM   420  O O   . SER A 1 54  ? 0.790   -13.075 1.277   1.00 5.63  ? 54   SER A O   1 
ATOM   421  C CB  . SER A 1 54  ? -0.734  -15.493 0.796   1.00 8.14  ? 54   SER A CB  1 
ATOM   422  O OG  . SER A 1 54  ? 0.438   -16.248 1.079   1.00 6.89  ? 54   SER A OG  1 
ATOM   423  N N   . GLU A 1 55  ? 0.683   -13.751 3.446   1.00 7.62  ? 55   GLU A N   1 
ATOM   424  C CA  . GLU A 1 55  ? 1.920   -13.073 3.797   1.00 7.71  ? 55   GLU A CA  1 
ATOM   425  C C   . GLU A 1 55  ? 3.090   -13.512 2.914   1.00 7.65  ? 55   GLU A C   1 
ATOM   426  O O   . GLU A 1 55  ? 3.898   -12.668 2.550   1.00 6.58  ? 55   GLU A O   1 
ATOM   427  C CB  . GLU A 1 55  ? 2.276   -13.276 5.277   1.00 7.92  ? 55   GLU A CB  1 
ATOM   428  C CG  . GLU A 1 55  ? 3.618   -12.679 5.652   1.00 11.03 ? 55   GLU A CG  1 
ATOM   429  C CD  . GLU A 1 55  ? 3.774   -12.443 7.138   1.00 16.19 ? 55   GLU A CD  1 
ATOM   430  O OE1 . GLU A 1 55  ? 3.641   -13.378 7.925   1.00 22.32 ? 55   GLU A OE1 1 
ATOM   431  O OE2 . GLU A 1 55  ? 4.043   -11.308 7.513   1.00 23.76 ? 55   GLU A OE2 1 
ATOM   432  N N   . ALA A 1 56  ? 3.175   -14.817 2.595   1.00 7.06  ? 56   ALA A N   1 
ATOM   433  C CA  . ALA A 1 56  ? 4.253   -15.344 1.757   1.00 7.54  ? 56   ALA A CA  1 
ATOM   434  C C   . ALA A 1 56  ? 4.260   -14.705 0.356   1.00 7.75  ? 56   ALA A C   1 
ATOM   435  O O   . ALA A 1 56  ? 5.321   -14.442 -0.198  1.00 7.23  ? 56   ALA A O   1 
ATOM   436  C CB  . ALA A 1 56  ? 4.193   -16.888 1.651   1.00 7.01  ? 56   ALA A CB  1 
ATOM   437  N N   . GLN A 1 57  ? 3.075   -14.499 -0.205  1.00 7.85  ? 57   GLN A N   1 
ATOM   438  C CA  . GLN A 1 57  ? 2.952   -13.848 -1.488  1.00 7.97  ? 57   GLN A CA  1 
ATOM   439  C C   . GLN A 1 57  ? 3.377   -12.388 -1.421  1.00 7.38  ? 57   GLN A C   1 
ATOM   440  O O   . GLN A 1 57  ? 4.069   -11.881 -2.321  1.00 7.95  ? 57   GLN A O   1 
ATOM   441  C CB  . GLN A 1 57  ? 1.519   -13.937 -2.012  1.00 8.26  ? 57   GLN A CB  1 
ATOM   442  C CG  . GLN A 1 57  ? 1.336   -13.249 -3.361  1.00 9.35  ? 57   GLN A CG  1 
ATOM   443  C CD  . GLN A 1 57  ? 2.103   -13.968 -4.416  1.00 13.21 ? 57   GLN A CD  1 
ATOM   444  O OE1 . GLN A 1 57  ? 1.612   -14.956 -4.960  1.00 14.03 ? 57   GLN A OE1 1 
ATOM   445  N NE2 . GLN A 1 57  ? 3.346   -13.530 -4.668  1.00 9.90  ? 57   GLN A NE2 1 
ATOM   446  N N   . LEU A 1 58  ? 2.976   -11.710 -0.361  1.00 6.64  ? 58   LEU A N   1 
ATOM   447  C CA  . LEU A 1 58  ? 3.406   -10.334 -0.153  1.00 6.77  ? 58   LEU A CA  1 
ATOM   448  C C   . LEU A 1 58  ? 4.922   -10.257 -0.046  1.00 6.69  ? 58   LEU A C   1 
ATOM   449  O O   . LEU A 1 58  ? 5.533   -9.361  -0.626  1.00 7.36  ? 58   LEU A O   1 
ATOM   450  C CB  . LEU A 1 58  ? 2.780   -9.723  1.109   1.00 5.81  ? 58   LEU A CB  1 
ATOM   451  C CG  . LEU A 1 58  ? 1.257   -9.669  1.095   1.00 8.74  ? 58   LEU A CG  1 
ATOM   452  C CD1 . LEU A 1 58  ? 0.776   -9.268  2.502   1.00 13.41 ? 58   LEU A CD1 1 
ATOM   453  C CD2 . LEU A 1 58  ? 0.751   -8.742  0.045   1.00 5.99  ? 58   LEU A CD2 1 
ATOM   454  N N   . LEU A 1 59  ? 5.518   -11.165 0.736   1.00 6.32  ? 59   LEU A N   1 
ATOM   455  C CA  . LEU A 1 59  ? 6.960   -11.219 0.869   1.00 5.86  ? 59   LEU A CA  1 
ATOM   456  C C   . LEU A 1 59  ? 7.619   -11.400 -0.509  1.00 6.54  ? 59   LEU A C   1 
ATOM   457  O O   . LEU A 1 59  ? 8.608   -10.763 -0.793  1.00 6.62  ? 59   LEU A O   1 
ATOM   458  C CB  . LEU A 1 59  ? 7.407   -12.345 1.828   1.00 6.28  ? 59   LEU A CB  1 
ATOM   459  C CG  . LEU A 1 59  ? 7.036   -12.177 3.301   1.00 6.76  ? 59   LEU A CG  1 
ATOM   460  C CD1 . LEU A 1 59  ? 7.482   -13.409 4.132   1.00 8.18  ? 59   LEU A CD1 1 
ATOM   461  C CD2 . LEU A 1 59  ? 7.678   -10.932 3.829   1.00 8.92  ? 59   LEU A CD2 1 
ATOM   462  N N   . ASP A 1 60  ? 7.053   -12.234 -1.373  1.00 7.09  ? 60   ASP A N   1 
ATOM   463  C CA  . ASP A 1 60  ? 7.688   -12.452 -2.673  1.00 7.41  ? 60   ASP A CA  1 
ATOM   464  C C   . ASP A 1 60  ? 7.660   -11.180 -3.509  1.00 7.77  ? 60   ASP A C   1 
ATOM   465  O O   . ASP A 1 60  ? 8.663   -10.830 -4.157  1.00 8.68  ? 60   ASP A O   1 
ATOM   466  C CB  . ASP A 1 60  ? 7.068   -13.608 -3.431  1.00 7.47  ? 60   ASP A CB  1 
ATOM   467  C CG  . ASP A 1 60  ? 7.825   -13.920 -4.713  1.00 10.15 ? 60   ASP A CG  1 
ATOM   468  O OD1 . ASP A 1 60  ? 9.007   -14.264 -4.649  1.00 14.51 ? 60   ASP A OD1 1 
ATOM   469  O OD2 . ASP A 1 60  ? 7.247   -13.768 -5.767  1.00 14.22 ? 60   ASP A OD2 1 
ATOM   470  N N   . TRP A 1 61  ? 6.543   -10.458 -3.467  1.00 8.49  ? 61   TRP A N   1 
ATOM   471  C CA  . TRP A 1 61  ? 6.426   -9.205  -4.201  1.00 8.24  ? 61   TRP A CA  1 
ATOM   472  C C   . TRP A 1 61  ? 7.412   -8.152  -3.682  1.00 8.50  ? 61   TRP A C   1 
ATOM   473  O O   . TRP A 1 61  ? 7.987   -7.386  -4.461  1.00 8.26  ? 61   TRP A O   1 
ATOM   474  C CB  . TRP A 1 61  ? 4.977   -8.681  -4.164  1.00 8.28  ? 61   TRP A CB  1 
ATOM   475  C CG  . TRP A 1 61  ? 4.012   -9.515  -4.980  1.00 6.85  ? 61   TRP A CG  1 
ATOM   476  C CD1 . TRP A 1 61  ? 4.290   -10.191 -6.121  1.00 9.88  ? 61   TRP A CD1 1 
ATOM   477  C CD2 . TRP A 1 61  ? 2.614   -9.702  -4.733  1.00 7.06  ? 61   TRP A CD2 1 
ATOM   478  N NE1 . TRP A 1 61  ? 3.157   -10.796 -6.606  1.00 10.09 ? 61   TRP A NE1 1 
ATOM   479  C CE2 . TRP A 1 61  ? 2.114   -10.525 -5.766  1.00 9.27  ? 61   TRP A CE2 1 
ATOM   480  C CE3 . TRP A 1 61  ? 1.734   -9.251  -3.746  1.00 7.66  ? 61   TRP A CE3 1 
ATOM   481  C CZ2 . TRP A 1 61  ? 0.765   -10.929 -5.833  1.00 8.62  ? 61   TRP A CZ2 1 
ATOM   482  C CZ3 . TRP A 1 61  ? 0.401   -9.647  -3.801  1.00 6.69  ? 61   TRP A CZ3 1 
ATOM   483  C CH2 . TRP A 1 61  ? -0.073  -10.481 -4.853  1.00 9.08  ? 61   TRP A CH2 1 
ATOM   484  N N   . ILE A 1 62  ? 7.586   -8.107  -2.367  1.00 8.53  ? 62   ILE A N   1 
ATOM   485  C CA  . ILE A 1 62  ? 8.552   -7.208  -1.763  1.00 8.58  ? 62   ILE A CA  1 
ATOM   486  C C   . ILE A 1 62  ? 9.986   -7.592  -2.192  1.00 8.41  ? 62   ILE A C   1 
ATOM   487  O O   . ILE A 1 62  ? 10.760  -6.728  -2.596  1.00 8.00  ? 62   ILE A O   1 
ATOM   488  C CB  . ILE A 1 62  ? 8.441   -7.150  -0.224  1.00 8.10  ? 62   ILE A CB  1 
ATOM   489  C CG1 . ILE A 1 62  ? 7.100   -6.563  0.207   1.00 9.87  ? 62   ILE A CG1 1 
ATOM   490  C CG2 . ILE A 1 62  ? 9.604   -6.299  0.342   1.00 7.53  ? 62   ILE A CG2 1 
ATOM   491  C CD1 . ILE A 1 62  ? 6.930   -5.100  -0.189  1.00 12.97 ? 62   ILE A CD1 1 
ATOM   492  N N   . HIS A 1 63  ? 10.311  -8.885  -2.162  1.00 8.07  ? 63   HIS A N   1 
ATOM   493  C CA  . HIS A 1 63  ? 11.632  -9.346  -2.612  1.00 8.38  ? 63   HIS A CA  1 
ATOM   494  C C   . HIS A 1 63  ? 11.923  -8.895  -4.043  1.00 9.24  ? 63   HIS A C   1 
ATOM   495  O O   . HIS A 1 63  ? 13.052  -8.456  -4.360  1.00 8.20  ? 63   HIS A O   1 
ATOM   496  C CB  . HIS A 1 63  ? 11.720  -10.871 -2.566  1.00 8.42  ? 63   HIS A CB  1 
ATOM   497  C CG  . HIS A 1 63  ? 11.565  -11.455 -1.196  1.00 9.04  ? 63   HIS A CG  1 
ATOM   498  N ND1 . HIS A 1 63  ? 11.148  -12.753 -0.980  1.00 9.13  ? 63   HIS A ND1 1 
ATOM   499  C CD2 . HIS A 1 63  ? 11.800  -10.927 0.027   1.00 7.98  ? 63   HIS A CD2 1 
ATOM   500  C CE1 . HIS A 1 63  ? 11.157  -13.002 0.318   1.00 7.46  ? 63   HIS A CE1 1 
ATOM   501  N NE2 . HIS A 1 63  ? 11.530  -11.905 0.950   1.00 7.72  ? 63   HIS A NE2 1 
ATOM   502  N N   . GLN A 1 64  ? 10.925  -9.050  -4.913  1.00 8.86  ? 64   GLN A N   1 
ATOM   503  C CA  . GLN A 1 64  ? 11.082  -8.656  -6.307  1.00 10.21 ? 64   GLN A CA  1 
ATOM   504  C C   . GLN A 1 64  ? 11.340  -7.147  -6.453  1.00 10.42 ? 64   GLN A C   1 
ATOM   505  O O   . GLN A 1 64  ? 12.182  -6.742  -7.279  1.00 11.12 ? 64   GLN A O   1 
ATOM   506  C CB  . GLN A 1 64  ? 9.858   -9.059  -7.124  1.00 11.00 ? 64   GLN A CB  1 
ATOM   507  C CG  . GLN A 1 64  ? 9.597   -10.569 -7.214  1.00 12.75 ? 64   GLN A CG  1 
ATOM   508  C CD  . GLN A 1 64  ? 8.361   -10.824 -8.068  1.00 18.46 ? 64   GLN A CD  1 
ATOM   509  O OE1 . GLN A 1 64  ? 8.150   -10.124 -9.056  1.00 21.93 ? 64   GLN A OE1 1 
ATOM   510  N NE2 . GLN A 1 64  ? 7.541   -11.795 -7.690  1.00 17.95 ? 64   GLN A NE2 1 
ATOM   511  N N   . ALA A 1 65  ? 10.660  -6.326  -5.649  1.00 9.19  ? 65   ALA A N   1 
ATOM   512  C CA  . ALA A 1 65  ? 10.901  -4.901  -5.641  1.00 10.04 ? 65   ALA A CA  1 
ATOM   513  C C   . ALA A 1 65  ? 12.292  -4.563  -5.095  1.00 10.48 ? 65   ALA A C   1 
ATOM   514  O O   . ALA A 1 65  ? 12.946  -3.654  -5.601  1.00 9.92  ? 65   ALA A O   1 
ATOM   515  C CB  . ALA A 1 65  ? 9.796   -4.124  -4.849  1.00 9.87  ? 65   ALA A CB  1 
ATOM   516  N N   . ALA A 1 66  ? 12.736  -5.290  -4.087  1.00 10.18 ? 66   ALA A N   1 
ATOM   517  C CA  . ALA A 1 66  ? 14.102  -5.174  -3.604  1.00 10.85 ? 66   ALA A CA  1 
ATOM   518  C C   . ALA A 1 66  ? 15.112  -5.475  -4.703  1.00 11.27 ? 66   ALA A C   1 
ATOM   519  O O   . ALA A 1 66  ? 16.041  -4.686  -4.939  1.00 12.39 ? 66   ALA A O   1 
ATOM   520  C CB  . ALA A 1 66  ? 14.348  -6.093  -2.393  1.00 9.97  ? 66   ALA A CB  1 
ATOM   521  N N   . ASP A 1 67  ? 14.942  -6.595  -5.372  1.00 11.49 ? 67   ASP A N   1 
ATOM   522  C CA  . ASP A 1 67  ? 15.883  -6.969  -6.417  1.00 11.78 ? 67   ASP A CA  1 
ATOM   523  C C   . ASP A 1 67  ? 15.875  -5.988  -7.589  1.00 12.04 ? 67   ASP A C   1 
ATOM   524  O O   . ASP A 1 67  ? 16.927  -5.748  -8.181  1.00 11.98 ? 67   ASP A O   1 
ATOM   525  C CB  . ASP A 1 67  ? 15.630  -8.369  -6.909  1.00 11.91 ? 67   ASP A CB  1 
ATOM   526  C CG  . ASP A 1 67  ? 16.015  -9.422  -5.893  1.00 12.45 ? 67   ASP A CG  1 
ATOM   527  O OD1 . ASP A 1 67  ? 16.878  -9.174  -5.055  1.00 14.78 ? 67   ASP A OD1 1 
ATOM   528  O OD2 . ASP A 1 67  ? 15.460  -10.512 -5.964  1.00 14.60 ? 67   ASP A OD2 1 
ATOM   529  N N   . ALA A 1 68  ? 14.721  -5.402  -7.899  1.00 11.61 ? 68   ALA A N   1 
ATOM   530  C CA  . ALA A 1 68  ? 14.612  -4.507  -9.049  1.00 11.79 ? 68   ALA A CA  1 
ATOM   531  C C   . ALA A 1 68  ? 14.852  -3.058  -8.666  1.00 12.38 ? 68   ALA A C   1 
ATOM   532  O O   . ALA A 1 68  ? 14.814  -2.179  -9.544  1.00 11.69 ? 68   ALA A O   1 
ATOM   533  C CB  . ALA A 1 68  ? 13.215  -4.652  -9.716  1.00 11.98 ? 68   ALA A CB  1 
ATOM   534  N N   . ALA A 1 69  ? 15.048  -2.786  -7.367  1.00 11.77 ? 69   ALA A N   1 
ATOM   535  C CA  . ALA A 1 69  ? 15.226  -1.429  -6.877  1.00 11.96 ? 69   ALA A CA  1 
ATOM   536  C C   . ALA A 1 69  ? 14.033  -0.555  -7.279  1.00 12.02 ? 69   ALA A C   1 
ATOM   537  O O   . ALA A 1 69  ? 14.224  0.552   -7.739  1.00 12.22 ? 69   ALA A O   1 
ATOM   538  C CB  . ALA A 1 69  ? 16.565  -0.815  -7.437  1.00 12.27 ? 69   ALA A CB  1 
ATOM   539  N N   . GLU A 1 70  ? 12.808  -1.067  -7.132  1.00 11.26 ? 70   GLU A N   1 
ATOM   540  C CA  . GLU A 1 70  ? 11.603  -0.337  -7.476  1.00 11.21 ? 70   GLU A CA  1 
ATOM   541  C C   . GLU A 1 70  ? 10.915  0.170   -6.197  1.00 11.31 ? 70   GLU A C   1 
ATOM   542  O O   . GLU A 1 70  ? 10.903  -0.526  -5.183  1.00 10.22 ? 70   GLU A O   1 
ATOM   543  C CB  . GLU A 1 70  ? 10.624  -1.229  -8.235  1.00 11.47 ? 70   GLU A CB  1 
ATOM   544  C CG  . GLU A 1 70  ? 11.041  -1.496  -9.628  1.00 11.57 ? 70   GLU A CG  1 
ATOM   545  C CD  . GLU A 1 70  ? 10.322  -2.651  -10.296 1.00 13.01 ? 70   GLU A CD  1 
ATOM   546  O OE1 . GLU A 1 70  ? 9.406   -3.253  -9.680  1.00 8.69  ? 70   GLU A OE1 1 
ATOM   547  O OE2 . GLU A 1 70  ? 10.701  -2.962  -11.471 1.00 14.46 ? 70   GLU A OE2 1 
ATOM   548  N N   . PRO A 1 71  ? 10.326  1.366   -6.262  1.00 10.61 ? 71   PRO A N   1 
ATOM   549  C CA  . PRO A 1 71  ? 9.546   1.882   -5.142  1.00 10.26 ? 71   PRO A CA  1 
ATOM   550  C C   . PRO A 1 71  ? 8.288   1.039   -4.863  1.00 9.15  ? 71   PRO A C   1 
ATOM   551  O O   . PRO A 1 71  ? 7.740   0.401   -5.783  1.00 8.47  ? 71   PRO A O   1 
ATOM   552  C CB  . PRO A 1 71  ? 9.106   3.274   -5.606  1.00 10.21 ? 71   PRO A CB  1 
ATOM   553  C CG  . PRO A 1 71  ? 9.612   3.485   -6.963  1.00 11.64 ? 71   PRO A CG  1 
ATOM   554  C CD  . PRO A 1 71  ? 10.434  2.317   -7.389  1.00 11.36 ? 71   PRO A CD  1 
ATOM   555  N N   . VAL A 1 72  ? 7.815   1.102   -3.623  1.00 8.56  ? 72   VAL A N   1 
ATOM   556  C CA  . VAL A 1 72  ? 6.661   0.340   -3.166  1.00 7.97  ? 72   VAL A CA  1 
ATOM   557  C C   . VAL A 1 72  ? 5.715   1.224   -2.394  1.00 7.77  ? 72   VAL A C   1 
ATOM   558  O O   . VAL A 1 72  ? 6.136   1.941   -1.511  1.00 8.18  ? 72   VAL A O   1 
ATOM   559  C CB  . VAL A 1 72  ? 7.085   -0.819  -2.284  1.00 8.20  ? 72   VAL A CB  1 
ATOM   560  C CG1 . VAL A 1 72  ? 5.846   -1.488  -1.626  1.00 5.83  ? 72   VAL A CG1 1 
ATOM   561  C CG2 . VAL A 1 72  ? 7.949   -1.809  -3.091  1.00 8.63  ? 72   VAL A CG2 1 
ATOM   562  N N   . ILE A 1 73  ? 4.438   1.175   -2.747  1.00 6.61  ? 73   ILE A N   1 
ATOM   563  C CA  . ILE A 1 73  ? 3.375   1.763   -1.961  1.00 6.34  ? 73   ILE A CA  1 
ATOM   564  C C   . ILE A 1 73  ? 2.669   0.561   -1.330  1.00 7.24  ? 73   ILE A C   1 
ATOM   565  O O   . ILE A 1 73  ? 2.167   -0.330  -2.050  1.00 7.84  ? 73   ILE A O   1 
ATOM   566  C CB  . ILE A 1 73  ? 2.381   2.550   -2.840  1.00 6.64  ? 73   ILE A CB  1 
ATOM   567  C CG1 . ILE A 1 73  ? 3.036   3.777   -3.504  1.00 6.52  ? 73   ILE A CG1 1 
ATOM   568  C CG2 . ILE A 1 73  ? 1.198   2.944   -2.032  1.00 5.08  ? 73   ILE A CG2 1 
ATOM   569  C CD1 . ILE A 1 73  ? 2.141   4.494   -4.554  1.00 6.54  ? 73   ILE A CD1 1 
ATOM   570  N N   . LEU A 1 74  ? 2.714   0.470   -0.010  1.00 6.57  ? 74   LEU A N   1 
ATOM   571  C CA  . LEU A 1 74  ? 2.262   -0.741  0.702   1.00 6.39  ? 74   LEU A CA  1 
ATOM   572  C C   . LEU A 1 74  ? 1.165   -0.419  1.707   1.00 6.27  ? 74   LEU A C   1 
ATOM   573  O O   . LEU A 1 74  ? 1.339   0.414   2.598   1.00 6.15  ? 74   LEU A O   1 
ATOM   574  C CB  . LEU A 1 74  ? 3.439   -1.378  1.448   1.00 5.89  ? 74   LEU A CB  1 
ATOM   575  C CG  . LEU A 1 74  ? 3.186   -2.595  2.342   1.00 6.24  ? 74   LEU A CG  1 
ATOM   576  C CD1 . LEU A 1 74  ? 2.550   -3.802  1.570   1.00 4.98  ? 74   LEU A CD1 1 
ATOM   577  C CD2 . LEU A 1 74  ? 4.514   -3.009  2.982   1.00 6.26  ? 74   LEU A CD2 1 
ATOM   578  N N   . ASN A 1 75  ? 0.042   -1.108  1.558   1.00 5.88  ? 75   ASN A N   1 
ATOM   579  C CA  . ASN A 1 75  ? -0.997  -1.186  2.534   1.00 5.43  ? 75   ASN A CA  1 
ATOM   580  C C   . ASN A 1 75  ? -1.096  -2.647  2.942   1.00 6.26  ? 75   ASN A C   1 
ATOM   581  O O   . ASN A 1 75  ? -1.774  -3.447  2.280   1.00 5.85  ? 75   ASN A O   1 
ATOM   582  C CB  . ASN A 1 75  ? -2.316  -0.740  1.928   1.00 6.22  ? 75   ASN A CB  1 
ATOM   583  C CG  . ASN A 1 75  ? -3.432  -0.703  2.934   1.00 6.81  ? 75   ASN A CG  1 
ATOM   584  O OD1 . ASN A 1 75  ? -3.290  -1.185  4.069   1.00 5.63  ? 75   ASN A OD1 1 
ATOM   585  N ND2 . ASN A 1 75  ? -4.539  -0.065  2.550   1.00 4.85  ? 75   ASN A ND2 1 
ATOM   586  N N   . ALA A 1 76  ? -0.410  -2.992  4.027   1.00 5.96  ? 76   ALA A N   1 
ATOM   587  C CA  . ALA A 1 76  ? -0.273  -4.369  4.460   1.00 6.45  ? 76   ALA A CA  1 
ATOM   588  C C   . ALA A 1 76  ? -1.484  -4.888  5.241   1.00 6.55  ? 76   ALA A C   1 
ATOM   589  O O   . ALA A 1 76  ? -1.449  -6.019  5.736   1.00 6.65  ? 76   ALA A O   1 
ATOM   590  C CB  . ALA A 1 76  ? 1.040   -4.533  5.302   1.00 6.03  ? 76   ALA A CB  1 
ATOM   591  N N   . GLY A 1 77  ? -2.553  -4.094  5.344   1.00 6.28  ? 77   GLY A N   1 
ATOM   592  C CA  . GLY A 1 77  ? -3.731  -4.513  6.099   1.00 6.06  ? 77   GLY A CA  1 
ATOM   593  C C   . GLY A 1 77  ? -3.374  -4.849  7.545   1.00 5.86  ? 77   GLY A C   1 
ATOM   594  O O   . GLY A 1 77  ? -2.511  -4.191  8.119   1.00 6.36  ? 77   GLY A O   1 
ATOM   595  N N   . GLY A 1 78  ? -3.967  -5.896  8.109   1.00 5.75  ? 78   GLY A N   1 
ATOM   596  C CA  . GLY A 1 78  ? -3.714  -6.258  9.501   1.00 6.69  ? 78   GLY A CA  1 
ATOM   597  C C   . GLY A 1 78  ? -2.241  -6.571  9.819   1.00 6.93  ? 78   GLY A C   1 
ATOM   598  O O   . GLY A 1 78  ? -1.797  -6.406  10.952  1.00 8.00  ? 78   GLY A O   1 
ATOM   599  N N   . LEU A 1 79  ? -1.487  -7.013  8.818   1.00 6.01  ? 79   LEU A N   1 
ATOM   600  C CA  . LEU A 1 79  ? -0.086  -7.358  8.989   1.00 6.37  ? 79   LEU A CA  1 
ATOM   601  C C   . LEU A 1 79  ? 0.760   -6.122  9.309   1.00 6.21  ? 79   LEU A C   1 
ATOM   602  O O   . LEU A 1 79  ? 1.840   -6.245  9.860   1.00 5.73  ? 79   LEU A O   1 
ATOM   603  C CB  . LEU A 1 79  ? 0.471   -8.051  7.740   1.00 6.36  ? 79   LEU A CB  1 
ATOM   604  C CG  . LEU A 1 79  ? -0.257  -9.314  7.304   1.00 6.98  ? 79   LEU A CG  1 
ATOM   605  C CD1 . LEU A 1 79  ? 0.333   -9.820  5.993   1.00 5.15  ? 79   LEU A CD1 1 
ATOM   606  C CD2 . LEU A 1 79  ? -0.155  -10.384 8.396   1.00 6.81  ? 79   LEU A CD2 1 
ATOM   607  N N   . THR A 1 80  ? 0.245   -4.939  8.981   1.00 6.66  ? 80   THR A N   1 
ATOM   608  C CA  . THR A 1 80  ? 0.851   -3.677  9.426   1.00 6.38  ? 80   THR A CA  1 
ATOM   609  C C   . THR A 1 80  ? 1.198   -3.715  10.920  1.00 5.59  ? 80   THR A C   1 
ATOM   610  O O   . THR A 1 80  ? 2.293   -3.295  11.348  1.00 4.90  ? 80   THR A O   1 
ATOM   611  C CB  . THR A 1 80  ? -0.106  -2.522  9.159   1.00 6.27  ? 80   THR A CB  1 
ATOM   612  O OG1 . THR A 1 80  ? -0.476  -2.552  7.770   1.00 6.52  ? 80   THR A OG1 1 
ATOM   613  C CG2 . THR A 1 80  ? 0.565   -1.183  9.500   1.00 6.49  ? 80   THR A CG2 1 
ATOM   614  N N   . HIS A 1 81  ? 0.266   -4.256  11.692  1.00 6.03  ? 81   HIS A N   1 
ATOM   615  C CA  . HIS A 1 81  ? 0.288   -4.194  13.147  1.00 6.44  ? 81   HIS A CA  1 
ATOM   616  C C   . HIS A 1 81  ? 0.981   -5.395  13.779  1.00 7.47  ? 81   HIS A C   1 
ATOM   617  O O   . HIS A 1 81  ? 1.296   -5.341  14.963  1.00 8.25  ? 81   HIS A O   1 
ATOM   618  C CB  . HIS A 1 81  ? -1.138  -4.053  13.693  1.00 6.76  ? 81   HIS A CB  1 
ATOM   619  C CG  . HIS A 1 81  ? -1.950  -3.035  12.953  1.00 7.69  ? 81   HIS A CG  1 
ATOM   620  N ND1 . HIS A 1 81  ? -1.603  -1.700  12.931  1.00 5.67  ? 81   HIS A ND1 1 
ATOM   621  C CD2 . HIS A 1 81  ? -3.041  -3.157  12.160  1.00 6.90  ? 81   HIS A CD2 1 
ATOM   622  C CE1 . HIS A 1 81  ? -2.468  -1.042  12.175  1.00 7.46  ? 81   HIS A CE1 1 
ATOM   623  N NE2 . HIS A 1 81  ? -3.343  -1.904  11.688  1.00 7.08  ? 81   HIS A NE2 1 
ATOM   624  N N   . THR A 1 82  ? 1.265   -6.437  12.997  1.00 7.04  ? 82   THR A N   1 
ATOM   625  C CA  . THR A 1 82  ? 1.689   -7.730  13.554  1.00 7.46  ? 82   THR A CA  1 
ATOM   626  C C   . THR A 1 82  ? 2.951   -8.396  12.967  1.00 7.42  ? 82   THR A C   1 
ATOM   627  O O   . THR A 1 82  ? 3.580   -9.209  13.633  1.00 8.95  ? 82   THR A O   1 
ATOM   628  C CB  . THR A 1 82  ? 0.546   -8.725  13.405  1.00 7.93  ? 82   THR A CB  1 
ATOM   629  O OG1 . THR A 1 82  ? 0.242   -8.920  12.018  1.00 7.21  ? 82   THR A OG1 1 
ATOM   630  C CG2 . THR A 1 82  ? -0.699  -8.190  14.102  1.00 7.42  ? 82   THR A CG2 1 
ATOM   631  N N   . SER A 1 83  ? 3.320   -8.088  11.735  1.00 7.16  ? 83   SER A N   1 
ATOM   632  C CA  . SER A 1 83  ? 4.325   -8.877  11.038  1.00 7.62  ? 83   SER A CA  1 
ATOM   633  C C   . SER A 1 83  ? 5.725   -8.267  11.065  1.00 7.98  ? 83   SER A C   1 
ATOM   634  O O   . SER A 1 83  ? 5.985   -7.231  10.417  1.00 9.54  ? 83   SER A O   1 
ATOM   635  C CB  . SER A 1 83  ? 3.913   -9.113  9.596   1.00 7.79  ? 83   SER A CB  1 
ATOM   636  O OG  . SER A 1 83  ? 4.921   -9.874  8.931   1.00 7.74  ? 83   SER A OG  1 
ATOM   637  N N   . VAL A 1 84  ? 6.623   -8.910  11.806  1.00 7.53  ? 84   VAL A N   1 
ATOM   638  C CA  . VAL A 1 84  ? 8.052   -8.565  11.751  1.00 6.62  ? 84   VAL A CA  1 
ATOM   639  C C   . VAL A 1 84  ? 8.651   -9.076  10.439  1.00 6.82  ? 84   VAL A C   1 
ATOM   640  O O   . VAL A 1 84  ? 9.482   -8.426  9.858   1.00 7.15  ? 84   VAL A O   1 
ATOM   641  C CB  . VAL A 1 84  ? 8.841   -9.132  12.984  1.00 6.21  ? 84   VAL A CB  1 
ATOM   642  C CG1 . VAL A 1 84  ? 10.328  -8.957  12.796  1.00 6.60  ? 84   VAL A CG1 1 
ATOM   643  C CG2 . VAL A 1 84  ? 8.381   -8.468  14.278  1.00 5.65  ? 84   VAL A CG2 1 
ATOM   644  N N   . ALA A 1 85  ? 8.207   -10.226 9.944   1.00 6.85  ? 85   ALA A N   1 
ATOM   645  C CA  . ALA A 1 85  ? 8.712   -10.739 8.656   1.00 6.90  ? 85   ALA A CA  1 
ATOM   646  C C   . ALA A 1 85  ? 8.528   -9.739  7.501   1.00 6.41  ? 85   ALA A C   1 
ATOM   647  O O   . ALA A 1 85  ? 9.413   -9.582  6.657   1.00 7.56  ? 85   ALA A O   1 
ATOM   648  C CB  . ALA A 1 85  ? 8.063   -12.088 8.322   1.00 6.71  ? 85   ALA A CB  1 
ATOM   649  N N   . LEU A 1 86  ? 7.404   -9.040  7.472   1.00 6.51  ? 86   LEU A N   1 
ATOM   650  C CA  . LEU A 1 86  ? 7.149   -8.080  6.399   1.00 6.24  ? 86   LEU A CA  1 
ATOM   651  C C   . LEU A 1 86  ? 8.077   -6.874  6.530   1.00 7.03  ? 86   LEU A C   1 
ATOM   652  O O   . LEU A 1 86  ? 8.596   -6.367  5.540   1.00 7.20  ? 86   LEU A O   1 
ATOM   653  C CB  A LEU A 1 86  ? 5.684   -7.669  6.409   0.50 5.56  ? 86   LEU A CB  1 
ATOM   654  C CB  B LEU A 1 86  ? 5.704   -7.585  6.414   0.50 6.35  ? 86   LEU A CB  1 
ATOM   655  C CG  A LEU A 1 86  ? 5.249   -6.694  5.323   0.50 3.93  ? 86   LEU A CG  1 
ATOM   656  C CG  B LEU A 1 86  ? 4.624   -8.264  5.584   0.50 7.42  ? 86   LEU A CG  1 
ATOM   657  C CD1 A LEU A 1 86  ? 5.692   -7.213  3.973   0.50 2.09  ? 86   LEU A CD1 1 
ATOM   658  C CD1 B LEU A 1 86  ? 3.333   -7.435  5.673   0.50 6.92  ? 86   LEU A CD1 1 
ATOM   659  C CD2 A LEU A 1 86  ? 3.727   -6.479  5.385   0.50 2.86  ? 86   LEU A CD2 1 
ATOM   660  C CD2 B LEU A 1 86  ? 5.054   -8.432  4.126   0.50 8.07  ? 86   LEU A CD2 1 
ATOM   661  N N   . ARG A 1 87  ? 8.278   -6.424  7.772   1.00 7.98  ? 87   ARG A N   1 
ATOM   662  C CA  . ARG A 1 87  ? 9.282   -5.391  8.071   1.00 8.41  ? 87   ARG A CA  1 
ATOM   663  C C   . ARG A 1 87  ? 10.683  -5.789  7.630   1.00 8.37  ? 87   ARG A C   1 
ATOM   664  O O   . ARG A 1 87  ? 11.364  -4.990  6.996   1.00 8.80  ? 87   ARG A O   1 
ATOM   665  C CB  . ARG A 1 87  ? 9.296   -5.089  9.551   1.00 8.78  ? 87   ARG A CB  1 
ATOM   666  C CG  . ARG A 1 87  ? 10.283  -4.025  9.975   1.00 9.56  ? 87   ARG A CG  1 
ATOM   667  C CD  . ARG A 1 87  ? 10.346  -3.950  11.469  1.00 11.94 ? 87   ARG A CD  1 
ATOM   668  N NE  . ARG A 1 87  ? 11.391  -3.060  11.978  1.00 13.49 ? 87   ARG A NE  1 
ATOM   669  C CZ  . ARG A 1 87  ? 11.196  -1.944  12.669  1.00 14.20 ? 87   ARG A CZ  1 
ATOM   670  N NH1 . ARG A 1 87  ? 9.981   -1.493  12.920  1.00 14.47 ? 87   ARG A NH1 1 
ATOM   671  N NH2 . ARG A 1 87  ? 12.244  -1.269  13.118  1.00 15.35 ? 87   ARG A NH2 1 
ATOM   672  N N   . ASP A 1 88  ? 11.112  -7.002  7.974   1.00 8.25  ? 88   ASP A N   1 
ATOM   673  C CA  . ASP A 1 88  ? 12.428  -7.515  7.550   1.00 8.79  ? 88   ASP A CA  1 
ATOM   674  C C   . ASP A 1 88  ? 12.595  -7.431  6.023   1.00 8.35  ? 88   ASP A C   1 
ATOM   675  O O   . ASP A 1 88  ? 13.644  -7.022  5.525   1.00 8.27  ? 88   ASP A O   1 
ATOM   676  C CB  . ASP A 1 88  ? 12.617  -8.992  7.946   1.00 8.86  ? 88   ASP A CB  1 
ATOM   677  C CG  . ASP A 1 88  ? 12.720  -9.224  9.456   1.00 10.35 ? 88   ASP A CG  1 
ATOM   678  O OD1 . ASP A 1 88  ? 13.139  -8.302  10.174  1.00 11.61 ? 88   ASP A OD1 1 
ATOM   679  O OD2 . ASP A 1 88  ? 12.390  -10.365 9.887   1.00 12.42 ? 88   ASP A OD2 1 
ATOM   680  N N   . ALA A 1 89  ? 11.585  -7.886  5.289   1.00 8.14  ? 89   ALA A N   1 
ATOM   681  C CA  . ALA A 1 89  ? 11.612  -7.824  3.821   1.00 8.19  ? 89   ALA A CA  1 
ATOM   682  C C   . ALA A 1 89  ? 11.641  -6.358  3.311   1.00 7.84  ? 89   ALA A C   1 
ATOM   683  O O   . ALA A 1 89  ? 12.405  -6.025  2.411   1.00 8.23  ? 89   ALA A O   1 
ATOM   684  C CB  . ALA A 1 89  ? 10.430  -8.567  3.229   1.00 6.11  ? 89   ALA A CB  1 
ATOM   685  N N   . CYS A 1 90  ? 10.811  -5.506  3.895   1.00 8.64  ? 90   CYS A N   1 
ATOM   686  C CA  . CYS A 1 90  ? 10.757  -4.082  3.519   1.00 9.39  ? 90   CYS A CA  1 
ATOM   687  C C   . CYS A 1 90  ? 12.049  -3.304  3.811   1.00 9.77  ? 90   CYS A C   1 
ATOM   688  O O   . CYS A 1 90  ? 12.402  -2.387  3.064   1.00 9.15  ? 90   CYS A O   1 
ATOM   689  C CB  . CYS A 1 90  ? 9.554   -3.368  4.165   1.00 9.33  ? 90   CYS A CB  1 
ATOM   690  S SG  . CYS A 1 90  ? 7.970   -3.886  3.509   1.00 10.62 ? 90   CYS A SG  1 
ATOM   691  N N   . ALA A 1 91  ? 12.772  -3.687  4.864   1.00 10.91 ? 91   ALA A N   1 
ATOM   692  C CA  . ALA A 1 91  ? 14.049  -3.048  5.208   1.00 12.08 ? 91   ALA A CA  1 
ATOM   693  C C   . ALA A 1 91  ? 15.103  -3.261  4.126   1.00 13.01 ? 91   ALA A C   1 
ATOM   694  O O   . ALA A 1 91  ? 16.076  -2.532  4.074   1.00 13.36 ? 91   ALA A O   1 
ATOM   695  C CB  . ALA A 1 91  ? 14.564  -3.579  6.572   1.00 11.96 ? 91   ALA A CB  1 
ATOM   696  N N   . GLU A 1 92  ? 14.895  -4.245  3.251   1.00 13.81 ? 92   GLU A N   1 
ATOM   697  C CA  . GLU A 1 92  ? 15.793  -4.490  2.111   1.00 14.83 ? 92   GLU A CA  1 
ATOM   698  C C   . GLU A 1 92  ? 15.618  -3.522  0.961   1.00 14.94 ? 92   GLU A C   1 
ATOM   699  O O   . GLU A 1 92  ? 16.485  -3.421  0.118   1.00 14.57 ? 92   GLU A O   1 
ATOM   700  C CB  . GLU A 1 92  ? 15.575  -5.907  1.530   1.00 15.68 ? 92   GLU A CB  1 
ATOM   701  C CG  . GLU A 1 92  ? 16.702  -6.882  1.680   1.00 18.66 ? 92   GLU A CG  1 
ATOM   702  C CD  . GLU A 1 92  ? 16.541  -8.087  0.778   1.00 18.22 ? 92   GLU A CD  1 
ATOM   703  O OE1 . GLU A 1 92  ? 15.531  -8.803  0.907   1.00 17.70 ? 92   GLU A OE1 1 
ATOM   704  O OE2 . GLU A 1 92  ? 17.397  -8.310  -0.110  1.00 23.85 ? 92   GLU A OE2 1 
ATOM   705  N N   . LEU A 1 93  ? 14.476  -2.843  0.886   1.00 14.87 ? 93   LEU A N   1 
ATOM   706  C CA  . LEU A 1 93  ? 14.172  -2.007  -0.254  1.00 14.23 ? 93   LEU A CA  1 
ATOM   707  C C   . LEU A 1 93  ? 15.098  -0.790  -0.248  1.00 14.90 ? 93   LEU A C   1 
ATOM   708  O O   . LEU A 1 93  ? 15.222  -0.101  0.771   1.00 14.45 ? 93   LEU A O   1 
ATOM   709  C CB  . LEU A 1 93  ? 12.712  -1.532  -0.226  1.00 13.55 ? 93   LEU A CB  1 
ATOM   710  C CG  . LEU A 1 93  ? 11.598  -2.587  -0.313  1.00 12.23 ? 93   LEU A CG  1 
ATOM   711  C CD1 . LEU A 1 93  ? 10.261  -1.982  0.104   1.00 9.16  ? 93   LEU A CD1 1 
ATOM   712  C CD2 . LEU A 1 93  ? 11.469  -3.188  -1.709  1.00 10.46 ? 93   LEU A CD2 1 
ATOM   713  N N   . SER A 1 94  ? 15.712  -0.520  -1.402  1.00 14.52 ? 94   SER A N   1 
ATOM   714  C CA  . SER A 1 94  ? 16.581  0.640   -1.571  1.00 14.64 ? 94   SER A CA  1 
ATOM   715  C C   . SER A 1 94  ? 15.819  1.857   -2.080  1.00 14.78 ? 94   SER A C   1 
ATOM   716  O O   . SER A 1 94  ? 16.182  2.993   -1.799  1.00 16.45 ? 94   SER A O   1 
ATOM   717  C CB  . SER A 1 94  ? 17.713  0.294   -2.530  1.00 14.84 ? 94   SER A CB  1 
ATOM   718  O OG  . SER A 1 94  ? 17.201  -0.097  -3.775  1.00 14.09 ? 94   SER A OG  1 
ATOM   719  N N   . ALA A 1 95  ? 14.759  1.617   -2.838  1.00 14.01 ? 95   ALA A N   1 
ATOM   720  C CA  . ALA A 1 95  ? 13.875  2.663   -3.313  1.00 13.04 ? 95   ALA A CA  1 
ATOM   721  C C   . ALA A 1 95  ? 12.845  3.040   -2.216  1.00 12.47 ? 95   ALA A C   1 
ATOM   722  O O   . ALA A 1 95  ? 12.673  2.311   -1.253  1.00 11.49 ? 95   ALA A O   1 
ATOM   723  C CB  . ALA A 1 95  ? 13.150  2.161   -4.589  1.00 12.76 ? 95   ALA A CB  1 
ATOM   724  N N   . PRO A 1 96  ? 12.150  4.170   -2.376  1.00 11.61 ? 96   PRO A N   1 
ATOM   725  C CA  . PRO A 1 96  ? 11.186  4.576   -1.370  1.00 11.62 ? 96   PRO A CA  1 
ATOM   726  C C   . PRO A 1 96  ? 10.070  3.560   -1.094  1.00 10.23 ? 96   PRO A C   1 
ATOM   727  O O   . PRO A 1 96  ? 9.609   2.834   -1.978  1.00 10.23 ? 96   PRO A O   1 
ATOM   728  C CB  . PRO A 1 96  ? 10.592  5.861   -1.951  1.00 11.53 ? 96   PRO A CB  1 
ATOM   729  C CG  . PRO A 1 96  ? 11.679  6.402   -2.846  1.00 12.94 ? 96   PRO A CG  1 
ATOM   730  C CD  . PRO A 1 96  ? 12.268  5.169   -3.451  1.00 12.58 ? 96   PRO A CD  1 
ATOM   731  N N   . LEU A 1 97  ? 9.633   3.565   0.150   1.00 9.03  ? 97   LEU A N   1 
ATOM   732  C CA  . LEU A 1 97  ? 8.524   2.771   0.626   1.00 7.98  ? 97   LEU A CA  1 
ATOM   733  C C   . LEU A 1 97  ? 7.551   3.752   1.235   1.00 7.50  ? 97   LEU A C   1 
ATOM   734  O O   . LEU A 1 97  ? 7.925   4.460   2.169   1.00 7.02  ? 97   LEU A O   1 
ATOM   735  C CB  . LEU A 1 97  ? 9.022   1.805   1.699   1.00 7.04  ? 97   LEU A CB  1 
ATOM   736  C CG  . LEU A 1 97  ? 7.931   1.055   2.451   1.00 7.87  ? 97   LEU A CG  1 
ATOM   737  C CD1 . LEU A 1 97  ? 7.181   0.119   1.525   1.00 8.87  ? 97   LEU A CD1 1 
ATOM   738  C CD2 . LEU A 1 97  ? 8.583   0.275   3.619   1.00 7.21  ? 97   LEU A CD2 1 
ATOM   739  N N   . ILE A 1 98  ? 6.335   3.816   0.700   1.00 7.62  ? 98   ILE A N   1 
ATOM   740  C CA  . ILE A 1 98  ? 5.299   4.686   1.253   1.00 8.04  ? 98   ILE A CA  1 
ATOM   741  C C   . ILE A 1 98  ? 4.244   3.757   1.846   1.00 8.18  ? 98   ILE A C   1 
ATOM   742  O O   . ILE A 1 98  ? 3.647   2.923   1.142   1.00 7.86  ? 98   ILE A O   1 
ATOM   743  C CB  . ILE A 1 98  ? 4.668   5.658   0.227   1.00 8.89  ? 98   ILE A CB  1 
ATOM   744  C CG1 . ILE A 1 98  ? 5.707   6.352   -0.678  1.00 10.20 ? 98   ILE A CG1 1 
ATOM   745  C CG2 . ILE A 1 98  ? 3.826   6.748   0.931   1.00 8.24  ? 98   ILE A CG2 1 
ATOM   746  C CD1 . ILE A 1 98  ? 6.832   7.011   0.044   1.00 12.83 ? 98   ILE A CD1 1 
ATOM   747  N N   . GLU A 1 99  ? 4.033   3.870   3.149   1.00 6.89  ? 99   GLU A N   1 
ATOM   748  C CA  . GLU A 1 99  ? 2.975   3.117   3.815   1.00 6.47  ? 99   GLU A CA  1 
ATOM   749  C C   . GLU A 1 99  ? 1.641   3.848   3.635   1.00 6.80  ? 99   GLU A C   1 
ATOM   750  O O   . GLU A 1 99  ? 1.557   5.049   3.929   1.00 6.54  ? 99   GLU A O   1 
ATOM   751  C CB  . GLU A 1 99  ? 3.307   3.011   5.297   1.00 6.58  ? 99   GLU A CB  1 
ATOM   752  C CG  . GLU A 1 99  ? 2.275   2.229   6.137   1.00 8.01  ? 99   GLU A CG  1 
ATOM   753  C CD  . GLU A 1 99  ? 2.643   2.176   7.633   1.00 8.63  ? 99   GLU A CD  1 
ATOM   754  O OE1 . GLU A 1 99  ? 3.713   2.706   8.023   1.00 7.01  ? 99   GLU A OE1 1 
ATOM   755  O OE2 . GLU A 1 99  ? 1.825   1.650   8.418   1.00 10.71 ? 99   GLU A OE2 1 
ATOM   756  N N   . VAL A 1 100 ? 0.611   3.156   3.154   1.00 6.07  ? 100  VAL A N   1 
ATOM   757  C CA  . VAL A 1 100 ? -0.699  3.781   3.038   1.00 6.50  ? 100  VAL A CA  1 
ATOM   758  C C   . VAL A 1 100 ? -1.783  2.992   3.768   1.00 6.34  ? 100  VAL A C   1 
ATOM   759  O O   . VAL A 1 100 ? -1.819  1.754   3.699   1.00 6.62  ? 100  VAL A O   1 
ATOM   760  C CB  . VAL A 1 100 ? -1.094  3.978   1.529   1.00 6.49  ? 100  VAL A CB  1 
ATOM   761  C CG1 . VAL A 1 100 ? -2.600  4.327   1.383   1.00 7.22  ? 100  VAL A CG1 1 
ATOM   762  C CG2 . VAL A 1 100 ? -0.207  4.996   0.888   1.00 6.10  ? 100  VAL A CG2 1 
ATOM   763  N N   . HIS A 1 101 ? -2.653  3.706   4.492   1.00 6.54  ? 101  HIS A N   1 
ATOM   764  C CA  . HIS A 1 101 ? -3.899  3.133   5.003   1.00 6.34  ? 101  HIS A CA  1 
ATOM   765  C C   . HIS A 1 101 ? -5.073  4.039   4.619   1.00 6.86  ? 101  HIS A C   1 
ATOM   766  O O   . HIS A 1 101 ? -4.991  5.263   4.698   1.00 7.12  ? 101  HIS A O   1 
ATOM   767  C CB  . HIS A 1 101 ? -3.822  2.904   6.508   1.00 6.82  ? 101  HIS A CB  1 
ATOM   768  C CG  . HIS A 1 101 ? -2.623  2.113   6.905   1.00 8.11  ? 101  HIS A CG  1 
ATOM   769  N ND1 . HIS A 1 101 ? -2.532  0.757   6.680   1.00 10.61 ? 101  HIS A ND1 1 
ATOM   770  C CD2 . HIS A 1 101 ? -1.445  2.486   7.447   1.00 8.88  ? 101  HIS A CD2 1 
ATOM   771  C CE1 . HIS A 1 101 ? -1.348  0.330   7.083   1.00 12.52 ? 101  HIS A CE1 1 
ATOM   772  N NE2 . HIS A 1 101 ? -0.667  1.360   7.556   1.00 9.36  ? 101  HIS A NE2 1 
ATOM   773  N N   . ILE A 1 102 ? -6.152  3.403   4.194   1.00 6.81  ? 102  ILE A N   1 
ATOM   774  C CA  . ILE A 1 102 ? -7.378  4.067   3.787   1.00 6.60  ? 102  ILE A CA  1 
ATOM   775  C C   . ILE A 1 102 ? -8.015  4.735   4.997   1.00 7.10  ? 102  ILE A C   1 
ATOM   776  O O   . ILE A 1 102 ? -8.289  5.928   4.971   1.00 6.61  ? 102  ILE A O   1 
ATOM   777  C CB  . ILE A 1 102 ? -8.321  3.027   3.145   1.00 6.62  ? 102  ILE A CB  1 
ATOM   778  C CG1 . ILE A 1 102 ? -7.663  2.482   1.850   1.00 7.43  ? 102  ILE A CG1 1 
ATOM   779  C CG2 . ILE A 1 102 ? -9.743  3.619   2.881   1.00 7.30  ? 102  ILE A CG2 1 
ATOM   780  C CD1 . ILE A 1 102 ? -8.425  1.330   1.211   1.00 7.51  ? 102  ILE A CD1 1 
ATOM   781  N N   . SER A 1 103 ? -8.181  3.966   6.077   1.00 6.50  ? 103  SER A N   1 
ATOM   782  C CA  . SER A 1 103 ? -8.787  4.465   7.306   1.00 7.26  ? 103  SER A CA  1 
ATOM   783  C C   . SER A 1 103 ? -7.740  5.220   8.140   1.00 7.13  ? 103  SER A C   1 
ATOM   784  O O   . SER A 1 103 ? -6.525  5.057   7.935   1.00 6.69  ? 103  SER A O   1 
ATOM   785  C CB  . SER A 1 103 ? -9.334  3.289   8.133   1.00 7.32  ? 103  SER A CB  1 
ATOM   786  O OG  . SER A 1 103 ? -8.251  2.546   8.723   1.00 5.85  ? 103  SER A OG  1 
ATOM   787  N N   . ASN A 1 104 ? -8.212  6.036   9.071   1.00 7.18  ? 104  ASN A N   1 
ATOM   788  C CA  . ASN A 1 104 ? -7.333  6.675   10.054  1.00 8.23  ? 104  ASN A CA  1 
ATOM   789  C C   . ASN A 1 104 ? -7.073  5.693   11.176  1.00 8.37  ? 104  ASN A C   1 
ATOM   790  O O   . ASN A 1 104 ? -7.868  5.572   12.091  1.00 8.81  ? 104  ASN A O   1 
ATOM   791  C CB  . ASN A 1 104 ? -7.932  7.984   10.609  1.00 7.84  ? 104  ASN A CB  1 
ATOM   792  C CG  . ASN A 1 104 ? -6.964  8.723   11.501  1.00 8.70  ? 104  ASN A CG  1 
ATOM   793  O OD1 . ASN A 1 104 ? -5.961  8.155   11.928  1.00 6.89  ? 104  ASN A OD1 1 
ATOM   794  N ND2 . ASN A 1 104 ? -7.235  10.019  11.765  1.00 9.41  ? 104  ASN A ND2 1 
ATOM   795  N N   . VAL A 1 105 ? -5.924  5.017   11.106  1.00 9.02  ? 105  VAL A N   1 
ATOM   796  C CA  . VAL A 1 105 ? -5.578  3.971   12.051  1.00 9.37  ? 105  VAL A CA  1 
ATOM   797  C C   . VAL A 1 105 ? -5.392  4.487   13.496  1.00 11.18 ? 105  VAL A C   1 
ATOM   798  O O   . VAL A 1 105 ? -5.295  3.685   14.425  1.00 11.56 ? 105  VAL A O   1 
ATOM   799  C CB  . VAL A 1 105 ? -4.311  3.185   11.599  1.00 9.58  ? 105  VAL A CB  1 
ATOM   800  C CG1 . VAL A 1 105 ? -4.532  2.520   10.221  1.00 9.16  ? 105  VAL A CG1 1 
ATOM   801  C CG2 . VAL A 1 105 ? -3.045  4.091   11.588  1.00 7.28  ? 105  VAL A CG2 1 
ATOM   802  N N   . HIS A 1 106 ? -5.338  5.810   13.669  1.00 11.58 ? 106  HIS A N   1 
ATOM   803  C CA  . HIS A 1 106 ? -5.205  6.438   14.988  1.00 11.65 ? 106  HIS A CA  1 
ATOM   804  C C   . HIS A 1 106 ? -6.510  6.759   15.659  1.00 11.88 ? 106  HIS A C   1 
ATOM   805  O O   . HIS A 1 106 ? -6.521  7.198   16.802  1.00 11.72 ? 106  HIS A O   1 
ATOM   806  C CB  . HIS A 1 106 ? -4.376  7.704   14.848  1.00 11.57 ? 106  HIS A CB  1 
ATOM   807  C CG  . HIS A 1 106 ? -3.045  7.443   14.230  1.00 12.12 ? 106  HIS A CG  1 
ATOM   808  N ND1 . HIS A 1 106 ? -2.075  6.703   14.865  1.00 12.57 ? 106  HIS A ND1 1 
ATOM   809  C CD2 . HIS A 1 106 ? -2.530  7.797   13.029  1.00 12.67 ? 106  HIS A CD2 1 
ATOM   810  C CE1 . HIS A 1 106 ? -1.021  6.606   14.077  1.00 13.93 ? 106  HIS A CE1 1 
ATOM   811  N NE2 . HIS A 1 106 ? -1.272  7.262   12.959  1.00 13.04 ? 106  HIS A NE2 1 
ATOM   812  N N   . ALA A 1 107 ? -7.605  6.536   14.956  1.00 12.30 ? 107  ALA A N   1 
ATOM   813  C CA  . ALA A 1 107 ? -8.933  6.871   15.456  1.00 13.89 ? 107  ALA A CA  1 
ATOM   814  C C   . ALA A 1 107 ? -9.727  5.628   15.856  1.00 14.37 ? 107  ALA A C   1 
ATOM   815  O O   . ALA A 1 107 ? -10.948 5.677   15.909  1.00 15.65 ? 107  ALA A O   1 
ATOM   816  C CB  . ALA A 1 107 ? -9.723  7.688   14.391  1.00 13.03 ? 107  ALA A CB  1 
ATOM   817  N N   . ARG A 1 108 ? -9.046  4.519   16.134  1.00 14.94 ? 108  ARG A N   1 
ATOM   818  C CA  . ARG A 1 108 ? -9.727  3.245   16.402  1.00 15.52 ? 108  ARG A CA  1 
ATOM   819  C C   . ARG A 1 108 ? -9.103  2.607   17.633  1.00 15.59 ? 108  ARG A C   1 
ATOM   820  O O   . ARG A 1 108 ? -8.780  3.320   18.589  1.00 14.63 ? 108  ARG A O   1 
ATOM   821  C CB  . ARG A 1 108 ? -9.634  2.334   15.159  1.00 16.25 ? 108  ARG A CB  1 
ATOM   822  C CG  . ARG A 1 108 ? -10.095 3.001   13.860  1.00 18.75 ? 108  ARG A CG  1 
ATOM   823  C CD  . ARG A 1 108 ? -10.004 2.049   12.640  1.00 20.46 ? 108  ARG A CD  1 
ATOM   824  N NE  . ARG A 1 108 ? -10.837 0.875   12.866  1.00 22.68 ? 108  ARG A NE  1 
ATOM   825  C CZ  . ARG A 1 108 ? -10.819 -0.241  12.131  1.00 26.40 ? 108  ARG A CZ  1 
ATOM   826  N NH1 . ARG A 1 108 ? -10.008 -0.358  11.077  1.00 26.02 ? 108  ARG A NH1 1 
ATOM   827  N NH2 . ARG A 1 108 ? -11.642 -1.243  12.448  1.00 25.35 ? 108  ARG A NH2 1 
ATOM   828  N N   . GLU A 1 109 ? -8.906  1.287   17.632  1.00 13.94 ? 109  GLU A N   1 
ATOM   829  C CA  . GLU A 1 109 ? -8.296  0.646   18.790  1.00 14.46 ? 109  GLU A CA  1 
ATOM   830  C C   . GLU A 1 109 ? -6.829  0.989   18.899  1.00 14.40 ? 109  GLU A C   1 
ATOM   831  O O   . GLU A 1 109 ? -6.165  1.240   17.909  1.00 13.80 ? 109  GLU A O   1 
ATOM   832  C CB  . GLU A 1 109 ? -8.432  -0.881  18.741  1.00 14.68 ? 109  GLU A CB  1 
ATOM   833  C CG  . GLU A 1 109 ? -9.856  -1.380  18.566  1.00 16.33 ? 109  GLU A CG  1 
ATOM   834  C CD  . GLU A 1 109 ? -10.258 -1.609  17.140  1.00 17.65 ? 109  GLU A CD  1 
ATOM   835  O OE1 . GLU A 1 109 ? -9.684  -1.005  16.190  1.00 16.75 ? 109  GLU A OE1 1 
ATOM   836  O OE2 . GLU A 1 109 ? -11.210 -2.398  16.960  1.00 21.91 ? 109  GLU A OE2 1 
ATOM   837  N N   . GLU A 1 110 ? -6.315  0.941   20.118  1.00 14.69 ? 110  GLU A N   1 
ATOM   838  C CA  . GLU A 1 110 ? -4.946  1.316   20.408  1.00 16.08 ? 110  GLU A CA  1 
ATOM   839  C C   . GLU A 1 110 ? -3.967  0.449   19.648  1.00 14.79 ? 110  GLU A C   1 
ATOM   840  O O   . GLU A 1 110 ? -2.951  0.955   19.196  1.00 14.94 ? 110  GLU A O   1 
ATOM   841  C CB  . GLU A 1 110 ? -4.651  1.230   21.918  1.00 17.41 ? 110  GLU A CB  1 
ATOM   842  C CG  . GLU A 1 110 ? -3.127  1.265   22.280  1.00 22.48 ? 110  GLU A CG  1 
ATOM   843  C CD  . GLU A 1 110 ? -2.502  2.656   22.123  1.00 29.52 ? 110  GLU A CD  1 
ATOM   844  O OE1 . GLU A 1 110 ? -3.268  3.657   22.102  1.00 34.68 ? 110  GLU A OE1 1 
ATOM   845  O OE2 . GLU A 1 110 ? -1.247  2.754   22.036  1.00 33.02 ? 110  GLU A OE2 1 
ATOM   846  N N   . PHE A 1 111 ? -4.249  -0.845  19.499  1.00 13.28 ? 111  PHE A N   1 
ATOM   847  C CA  . PHE A 1 111 ? -3.329  -1.701  18.752  1.00 12.91 ? 111  PHE A CA  1 
ATOM   848  C C   . PHE A 1 111 ? -3.131  -1.287  17.295  1.00 12.14 ? 111  PHE A C   1 
ATOM   849  O O   . PHE A 1 111 ? -2.110  -1.619  16.691  1.00 12.98 ? 111  PHE A O   1 
ATOM   850  C CB  . PHE A 1 111 ? -3.710  -3.188  18.808  1.00 12.84 ? 111  PHE A CB  1 
ATOM   851  C CG  . PHE A 1 111 ? -4.992  -3.539  18.145  1.00 11.50 ? 111  PHE A CG  1 
ATOM   852  C CD1 . PHE A 1 111 ? -5.052  -3.762  16.784  1.00 12.91 ? 111  PHE A CD1 1 
ATOM   853  C CD2 . PHE A 1 111 ? -6.139  -3.767  18.902  1.00 14.59 ? 111  PHE A CD2 1 
ATOM   854  C CE1 . PHE A 1 111 ? -6.254  -4.132  16.177  1.00 12.31 ? 111  PHE A CE1 1 
ATOM   855  C CE2 . PHE A 1 111 ? -7.326  -4.148  18.301  1.00 12.43 ? 111  PHE A CE2 1 
ATOM   856  C CZ  . PHE A 1 111 ? -7.382  -4.319  16.936  1.00 13.38 ? 111  PHE A CZ  1 
ATOM   857  N N   . ARG A 1 112 ? -4.082  -0.572  16.720  1.00 10.83 ? 112  ARG A N   1 
ATOM   858  C CA  . ARG A 1 112 ? -3.904  -0.077  15.339  1.00 10.56 ? 112  ARG A CA  1 
ATOM   859  C C   . ARG A 1 112 ? -2.957  1.141   15.225  1.00 10.48 ? 112  ARG A C   1 
ATOM   860  O O   . ARG A 1 112 ? -2.518  1.486   14.119  1.00 9.83  ? 112  ARG A O   1 
ATOM   861  C CB  . ARG A 1 112 ? -5.261  0.213   14.689  1.00 10.64 ? 112  ARG A CB  1 
ATOM   862  C CG  . ARG A 1 112 ? -6.135  -1.028  14.544  1.00 10.79 ? 112  ARG A CG  1 
ATOM   863  C CD  . ARG A 1 112 ? -7.444  -0.725  13.792  1.00 9.95  ? 112  ARG A CD  1 
ATOM   864  N NE  . ARG A 1 112 ? -8.352  -1.857  13.933  1.00 10.47 ? 112  ARG A NE  1 
ATOM   865  C CZ  . ARG A 1 112 ? -8.334  -2.952  13.178  1.00 10.95 ? 112  ARG A CZ  1 
ATOM   866  N NH1 . ARG A 1 112 ? -7.465  -3.105  12.163  1.00 10.02 ? 112  ARG A NH1 1 
ATOM   867  N NH2 . ARG A 1 112 ? -9.201  -3.905  13.436  1.00 11.02 ? 112  ARG A NH2 1 
ATOM   868  N N   . ARG A 1 113 ? -2.621  1.772   16.342  1.00 10.92 ? 113  ARG A N   1 
ATOM   869  C CA  . ARG A 1 113 ? -1.722  2.932   16.309  1.00 11.81 ? 113  ARG A CA  1 
ATOM   870  C C   . ARG A 1 113 ? -0.243  2.514   16.247  1.00 11.85 ? 113  ARG A C   1 
ATOM   871  O O   . ARG A 1 113 ? 0.642   3.353   16.176  1.00 13.13 ? 113  ARG A O   1 
ATOM   872  C CB  A ARG A 1 113 ? -2.022  3.874   17.497  0.50 12.20 ? 113  ARG A CB  1 
ATOM   873  C CB  B ARG A 1 113 ? -1.958  3.859   17.510  0.50 11.91 ? 113  ARG A CB  1 
ATOM   874  C CG  A ARG A 1 113 ? -3.527  4.021   17.702  0.50 13.71 ? 113  ARG A CG  1 
ATOM   875  C CG  B ARG A 1 113 ? -3.367  4.381   17.568  0.50 12.14 ? 113  ARG A CG  1 
ATOM   876  C CD  A ARG A 1 113 ? -4.019  5.158   18.586  0.50 16.61 ? 113  ARG A CD  1 
ATOM   877  C CD  B ARG A 1 113 ? -3.539  5.514   18.560  0.50 13.95 ? 113  ARG A CD  1 
ATOM   878  N NE  A ARG A 1 113 ? -5.485  5.171   18.538  0.50 17.03 ? 113  ARG A NE  1 
ATOM   879  N NE  B ARG A 1 113 ? -2.987  6.767   18.073  0.50 13.14 ? 113  ARG A NE  1 
ATOM   880  C CZ  A ARG A 1 113 ? -6.285  5.987   19.221  0.50 16.82 ? 113  ARG A CZ  1 
ATOM   881  C CZ  B ARG A 1 113 ? -3.059  7.905   18.735  0.50 12.51 ? 113  ARG A CZ  1 
ATOM   882  N NH1 A ARG A 1 113 ? -5.770  6.893   20.053  0.50 17.77 ? 113  ARG A NH1 1 
ATOM   883  N NH1 B ARG A 1 113 ? -3.645  7.950   19.923  0.50 13.74 ? 113  ARG A NH1 1 
ATOM   884  N NH2 A ARG A 1 113 ? -7.603  5.895   19.057  0.50 13.31 ? 113  ARG A NH2 1 
ATOM   885  N NH2 B ARG A 1 113 ? -2.506  8.989   18.227  0.50 13.35 ? 113  ARG A NH2 1 
ATOM   886  N N   . HIS A 1 114 ? 0.028   1.220   16.272  1.00 11.36 ? 114  HIS A N   1 
ATOM   887  C CA  . HIS A 1 114 ? 1.374   0.723   16.092  1.00 11.42 ? 114  HIS A CA  1 
ATOM   888  C C   . HIS A 1 114 ? 1.522   0.011   14.763  1.00 10.64 ? 114  HIS A C   1 
ATOM   889  O O   . HIS A 1 114 ? 0.702   -0.847  14.402  1.00 11.10 ? 114  HIS A O   1 
ATOM   890  C CB  A HIS A 1 114 ? 1.811   -0.245  17.179  0.50 12.14 ? 114  HIS A CB  1 
ATOM   891  C CB  B HIS A 1 114 ? 1.679   -0.233  17.246  0.50 12.02 ? 114  HIS A CB  1 
ATOM   892  C CG  A HIS A 1 114 ? 3.220   -0.720  16.996  0.50 13.38 ? 114  HIS A CG  1 
ATOM   893  C CG  B HIS A 1 114 ? 1.336   0.340   18.586  0.50 13.37 ? 114  HIS A CG  1 
ATOM   894  N ND1 A HIS A 1 114 ? 3.555   -2.055  16.891  0.50 17.33 ? 114  HIS A ND1 1 
ATOM   895  N ND1 B HIS A 1 114 ? 2.231   1.089   19.316  0.50 15.94 ? 114  HIS A ND1 1 
ATOM   896  C CD2 A HIS A 1 114 ? 4.378   -0.028  16.846  0.50 16.61 ? 114  HIS A CD2 1 
ATOM   897  C CD2 B HIS A 1 114 ? 0.181   0.328   19.294  0.50 14.22 ? 114  HIS A CD2 1 
ATOM   898  C CE1 A HIS A 1 114 ? 4.863   -2.167  16.731  0.50 17.72 ? 114  HIS A CE1 1 
ATOM   899  C CE1 B HIS A 1 114 ? 1.649   1.490   20.434  0.50 17.66 ? 114  HIS A CE1 1 
ATOM   900  N NE2 A HIS A 1 114 ? 5.385   -0.952  16.697  0.50 17.50 ? 114  HIS A NE2 1 
ATOM   901  N NE2 B HIS A 1 114 ? 0.403   1.048   20.441  0.50 15.72 ? 114  HIS A NE2 1 
ATOM   902  N N   . SER A 1 115 ? 2.594   0.351   14.080  1.00 9.05  ? 115  SER A N   1 
ATOM   903  C CA  . SER A 1 115 ? 2.943   -0.218  12.787  1.00 9.21  ? 115  SER A CA  1 
ATOM   904  C C   . SER A 1 115 ? 4.396   -0.664  12.831  1.00 8.81  ? 115  SER A C   1 
ATOM   905  O O   . SER A 1 115 ? 5.279   0.144   13.157  1.00 9.42  ? 115  SER A O   1 
ATOM   906  C CB  . SER A 1 115 ? 2.780   0.851   11.700  1.00 8.19  ? 115  SER A CB  1 
ATOM   907  O OG  . SER A 1 115 ? 3.301   0.426   10.449  1.00 8.00  ? 115  SER A OG  1 
ATOM   908  N N   . TYR A 1 116 ? 4.659   -1.921  12.488  1.00 8.77  ? 116  TYR A N   1 
ATOM   909  C CA  . TYR A 1 116 ? 6.028   -2.371  12.271  1.00 9.44  ? 116  TYR A CA  1 
ATOM   910  C C   . TYR A 1 116 ? 6.691   -1.730  11.071  1.00 9.47  ? 116  TYR A C   1 
ATOM   911  O O   . TYR A 1 116 ? 7.932   -1.728  10.969  1.00 10.21 ? 116  TYR A O   1 
ATOM   912  C CB  . TYR A 1 116 ? 6.098   -3.892  12.113  1.00 10.20 ? 116  TYR A CB  1 
ATOM   913  C CG  . TYR A 1 116 ? 6.004   -4.612  13.419  1.00 9.93  ? 116  TYR A CG  1 
ATOM   914  C CD1 . TYR A 1 116 ? 7.097   -4.624  14.296  1.00 12.26 ? 116  TYR A CD1 1 
ATOM   915  C CD2 . TYR A 1 116 ? 4.841   -5.257  13.794  1.00 10.85 ? 116  TYR A CD2 1 
ATOM   916  C CE1 . TYR A 1 116 ? 7.030   -5.260  15.501  1.00 12.79 ? 116  TYR A CE1 1 
ATOM   917  C CE2 . TYR A 1 116 ? 4.757   -5.917  15.014  1.00 14.49 ? 116  TYR A CE2 1 
ATOM   918  C CZ  . TYR A 1 116 ? 5.869   -5.918  15.853  1.00 14.71 ? 116  TYR A CZ  1 
ATOM   919  O OH  . TYR A 1 116 ? 5.812   -6.555  17.039  1.00 16.92 ? 116  TYR A OH  1 
ATOM   920  N N   . LEU A 1 117 ? 5.897   -1.149  10.187  1.00 8.94  ? 117  LEU A N   1 
ATOM   921  C CA  . LEU A 1 117 ? 6.431   -0.626  8.940   1.00 9.11  ? 117  LEU A CA  1 
ATOM   922  C C   . LEU A 1 117 ? 6.809   0.852   9.007   1.00 8.66  ? 117  LEU A C   1 
ATOM   923  O O   . LEU A 1 117 ? 7.746   1.273   8.338   1.00 7.30  ? 117  LEU A O   1 
ATOM   924  C CB  . LEU A 1 117 ? 5.426   -0.850  7.805   1.00 9.31  ? 117  LEU A CB  1 
ATOM   925  C CG  . LEU A 1 117 ? 4.993   -2.309  7.556   1.00 9.85  ? 117  LEU A CG  1 
ATOM   926  C CD1 . LEU A 1 117 ? 3.775   -2.399  6.585   1.00 7.28  ? 117  LEU A CD1 1 
ATOM   927  C CD2 . LEU A 1 117 ? 6.176   -3.094  7.026   1.00 6.66  ? 117  LEU A CD2 1 
ATOM   928  N N   . SER A 1 118 ? 6.072   1.642   9.777   1.00 7.96  ? 118  SER A N   1 
ATOM   929  C CA  . SER A 1 118 ? 6.288   3.103   9.768   1.00 8.12  ? 118  SER A CA  1 
ATOM   930  C C   . SER A 1 118 ? 7.755   3.507   10.053  1.00 7.29  ? 118  SER A C   1 
ATOM   931  O O   . SER A 1 118 ? 8.287   4.411   9.396   1.00 7.52  ? 118  SER A O   1 
ATOM   932  C CB  . SER A 1 118 ? 5.324   3.823   10.719  1.00 8.62  ? 118  SER A CB  1 
ATOM   933  O OG  . SER A 1 118 ? 3.974   3.543   10.403  1.00 8.20  ? 118  SER A OG  1 
ATOM   934  N N   . PRO A 1 119 ? 8.436   2.820   10.981  1.00 7.66  ? 119  PRO A N   1 
ATOM   935  C CA  . PRO A 1 119 ? 9.808   3.285   11.253  1.00 7.83  ? 119  PRO A CA  1 
ATOM   936  C C   . PRO A 1 119 ? 10.797  3.103   10.102  1.00 9.04  ? 119  PRO A C   1 
ATOM   937  O O   . PRO A 1 119 ? 11.808  3.816   10.050  1.00 9.36  ? 119  PRO A O   1 
ATOM   938  C CB  . PRO A 1 119 ? 10.227  2.462   12.469  1.00 8.05  ? 119  PRO A CB  1 
ATOM   939  C CG  . PRO A 1 119 ? 8.961   2.050   13.098  1.00 8.37  ? 119  PRO A CG  1 
ATOM   940  C CD  . PRO A 1 119 ? 8.003   1.828   11.980  1.00 7.51  ? 119  PRO A CD  1 
ATOM   941  N N   . ILE A 1 120 ? 10.506  2.176   9.182   1.00 9.28  ? 120  ILE A N   1 
ATOM   942  C CA  . ILE A 1 120 ? 11.386  1.935   8.039   1.00 10.24 ? 120  ILE A CA  1 
ATOM   943  C C   . ILE A 1 120 ? 10.858  2.472   6.694   1.00 10.18 ? 120  ILE A C   1 
ATOM   944  O O   . ILE A 1 120 ? 11.580  2.468   5.708   1.00 9.85  ? 120  ILE A O   1 
ATOM   945  C CB  . ILE A 1 120 ? 11.767  0.470   7.943   1.00 11.34 ? 120  ILE A CB  1 
ATOM   946  C CG1 . ILE A 1 120 ? 10.543  -0.407  7.694   1.00 12.19 ? 120  ILE A CG1 1 
ATOM   947  C CG2 . ILE A 1 120 ? 12.527  0.039   9.261   1.00 11.95 ? 120  ILE A CG2 1 
ATOM   948  C CD1 . ILE A 1 120 ? 10.883  -1.663  6.916   1.00 16.80 ? 120  ILE A CD1 1 
ATOM   949  N N   . ALA A 1 121 ? 9.613   2.953   6.679   1.00 8.93  ? 121  ALA A N   1 
ATOM   950  C CA  . ALA A 1 121 ? 9.036   3.603   5.517   1.00 8.45  ? 121  ALA A CA  1 
ATOM   951  C C   . ALA A 1 121 ? 9.644   4.991   5.325   1.00 8.32  ? 121  ALA A C   1 
ATOM   952  O O   . ALA A 1 121 ? 10.095  5.612   6.280   1.00 7.66  ? 121  ALA A O   1 
ATOM   953  C CB  . ALA A 1 121 ? 7.488   3.730   5.666   1.00 8.19  ? 121  ALA A CB  1 
ATOM   954  N N   . THR A 1 122 ? 9.651   5.456   4.086   1.00 7.53  ? 122  THR A N   1 
ATOM   955  C CA  . THR A 1 122 ? 9.962   6.850   3.786   1.00 7.89  ? 122  THR A CA  1 
ATOM   956  C C   . THR A 1 122 ? 8.947   7.767   4.449   1.00 7.39  ? 122  THR A C   1 
ATOM   957  O O   . THR A 1 122 ? 9.301   8.723   5.161   1.00 7.03  ? 122  THR A O   1 
ATOM   958  C CB  . THR A 1 122 ? 9.960   7.100   2.273   1.00 7.84  ? 122  THR A CB  1 
ATOM   959  O OG1 . THR A 1 122 ? 10.824  6.147   1.662   1.00 8.77  ? 122  THR A OG1 1 
ATOM   960  C CG2 . THR A 1 122 ? 10.439  8.529   1.941   1.00 8.40  ? 122  THR A CG2 1 
ATOM   961  N N   . GLY A 1 123 ? 7.666   7.461   4.226   1.00 7.22  ? 123  GLY A N   1 
ATOM   962  C CA  . GLY A 1 123 ? 6.593   8.196   4.856   1.00 6.47  ? 123  GLY A CA  1 
ATOM   963  C C   . GLY A 1 123 ? 5.343   7.368   4.907   1.00 6.71  ? 123  GLY A C   1 
ATOM   964  O O   . GLY A 1 123 ? 5.321   6.232   4.420   1.00 5.89  ? 123  GLY A O   1 
ATOM   965  N N   . VAL A 1 124 ? 4.300   7.979   5.455   1.00 6.89  ? 124  VAL A N   1 
ATOM   966  C CA  . VAL A 1 124 ? 3.065   7.316   5.798   1.00 6.71  ? 124  VAL A CA  1 
ATOM   967  C C   . VAL A 1 124 ? 1.892   8.223   5.532   1.00 6.65  ? 124  VAL A C   1 
ATOM   968  O O   . VAL A 1 124 ? 1.903   9.391   5.914   1.00 7.19  ? 124  VAL A O   1 
ATOM   969  C CB  . VAL A 1 124 ? 3.016   6.925   7.314   1.00 6.62  ? 124  VAL A CB  1 
ATOM   970  C CG1 . VAL A 1 124 ? 1.778   5.990   7.599   1.00 4.15  ? 124  VAL A CG1 1 
ATOM   971  C CG2 . VAL A 1 124 ? 4.334   6.286   7.771   1.00 5.39  ? 124  VAL A CG2 1 
ATOM   972  N N   . ILE A 1 125 ? 0.876   7.690   4.873   1.00 7.08  ? 125  ILE A N   1 
ATOM   973  C CA  . ILE A 1 125 ? -0.358  8.422   4.658   1.00 6.15  ? 125  ILE A CA  1 
ATOM   974  C C   . ILE A 1 125 ? -1.483  7.578   5.194   1.00 6.35  ? 125  ILE A C   1 
ATOM   975  O O   . ILE A 1 125 ? -1.611  6.428   4.791   1.00 6.87  ? 125  ILE A O   1 
ATOM   976  C CB  . ILE A 1 125 ? -0.617  8.666   3.153   1.00 5.59  ? 125  ILE A CB  1 
ATOM   977  C CG1 . ILE A 1 125 ? 0.514   9.453   2.531   1.00 4.95  ? 125  ILE A CG1 1 
ATOM   978  C CG2 . ILE A 1 125 ? -1.946  9.395   2.946   1.00 6.09  ? 125  ILE A CG2 1 
ATOM   979  C CD1 . ILE A 1 125 ? 0.362   9.676   1.052   1.00 3.96  ? 125  ILE A CD1 1 
ATOM   980  N N   . VAL A 1 126 ? -2.296  8.123   6.106   1.00 7.03  ? 126  VAL A N   1 
ATOM   981  C CA  . VAL A 1 126 ? -3.458  7.402   6.619   1.00 5.94  ? 126  VAL A CA  1 
ATOM   982  C C   . VAL A 1 126 ? -4.680  8.309   6.638   1.00 6.63  ? 126  VAL A C   1 
ATOM   983  O O   . VAL A 1 126 ? -4.557  9.525   6.781   1.00 7.18  ? 126  VAL A O   1 
ATOM   984  C CB  . VAL A 1 126 ? -3.214  6.803   8.030   1.00 5.80  ? 126  VAL A CB  1 
ATOM   985  C CG1 . VAL A 1 126 ? -1.890  5.979   8.068   1.00 6.06  ? 126  VAL A CG1 1 
ATOM   986  C CG2 . VAL A 1 126 ? -3.233  7.906   9.151   1.00 4.63  ? 126  VAL A CG2 1 
ATOM   987  N N   . GLY A 1 127 ? -5.850  7.703   6.510   1.00 6.04  ? 127  GLY A N   1 
ATOM   988  C CA  . GLY A 1 127 ? -7.103  8.383   6.716   1.00 6.49  ? 127  GLY A CA  1 
ATOM   989  C C   . GLY A 1 127 ? -7.619  9.220   5.563   1.00 6.79  ? 127  GLY A C   1 
ATOM   990  O O   . GLY A 1 127 ? -8.653  9.838   5.687   1.00 6.77  ? 127  GLY A O   1 
ATOM   991  N N   . LEU A 1 128 ? -6.913  9.244   4.439   1.00 7.88  ? 128  LEU A N   1 
ATOM   992  C CA  . LEU A 1 128 ? -7.305  10.056  3.316   1.00 8.01  ? 128  LEU A CA  1 
ATOM   993  C C   . LEU A 1 128 ? -8.009  9.213   2.257   1.00 8.74  ? 128  LEU A C   1 
ATOM   994  O O   . LEU A 1 128 ? -8.085  9.596   1.105   1.00 8.31  ? 128  LEU A O   1 
ATOM   995  C CB  . LEU A 1 128 ? -6.085  10.759  2.736   1.00 8.04  ? 128  LEU A CB  1 
ATOM   996  C CG  . LEU A 1 128 ? -5.352  11.706  3.700   1.00 8.63  ? 128  LEU A CG  1 
ATOM   997  C CD1 . LEU A 1 128 ? -4.243  12.515  2.976   1.00 7.49  ? 128  LEU A CD1 1 
ATOM   998  C CD2 . LEU A 1 128 ? -6.364  12.642  4.393   1.00 5.47  ? 128  LEU A CD2 1 
ATOM   999  N N   . GLY A 1 129 ? -8.509  8.052   2.670   1.00 9.44  ? 129  GLY A N   1 
ATOM   1000 C CA  . GLY A 1 129 ? -9.250  7.189   1.785   1.00 9.48  ? 129  GLY A CA  1 
ATOM   1001 C C   . GLY A 1 129 ? -8.395  6.670   0.659   1.00 10.09 ? 129  GLY A C   1 
ATOM   1002 O O   . GLY A 1 129 ? -7.152  6.650   0.723   1.00 9.99  ? 129  GLY A O   1 
ATOM   1003 N N   . ILE A 1 130 ? -9.075  6.253   -0.400  1.00 9.75  ? 130  ILE A N   1 
ATOM   1004 C CA  . ILE A 1 130 ? -8.388  5.700   -1.539  1.00 11.29 ? 130  ILE A CA  1 
ATOM   1005 C C   . ILE A 1 130 ? -7.468  6.737   -2.187  1.00 10.10 ? 130  ILE A C   1 
ATOM   1006 O O   . ILE A 1 130 ? -6.456  6.380   -2.778  1.00 9.00  ? 130  ILE A O   1 
ATOM   1007 C CB  . ILE A 1 130 ? -9.407  5.102   -2.504  1.00 12.60 ? 130  ILE A CB  1 
ATOM   1008 C CG1 . ILE A 1 130 ? -9.859  3.761   -1.890  1.00 14.60 ? 130  ILE A CG1 1 
ATOM   1009 C CG2 . ILE A 1 130 ? -8.820  4.982   -3.908  1.00 16.75 ? 130  ILE A CG2 1 
ATOM   1010 C CD1 . ILE A 1 130 ? -10.518 2.825   -2.807  1.00 21.94 ? 130  ILE A CD1 1 
ATOM   1011 N N   . GLN A 1 131 ? -7.779  8.018   -2.028  1.00 9.37  ? 131  GLN A N   1 
ATOM   1012 C CA  . GLN A 1 131 ? -6.875  9.057   -2.575  1.00 10.06 ? 131  GLN A CA  1 
ATOM   1013 C C   . GLN A 1 131 ? -5.460  9.011   -2.003  1.00 9.36  ? 131  GLN A C   1 
ATOM   1014 O O   . GLN A 1 131 ? -4.479  9.437   -2.643  1.00 9.62  ? 131  GLN A O   1 
ATOM   1015 C CB  . GLN A 1 131 ? -7.496  10.467  -2.433  1.00 10.28 ? 131  GLN A CB  1 
ATOM   1016 C CG  . GLN A 1 131 ? -6.898  11.414  -3.424  1.00 11.93 ? 131  GLN A CG  1 
ATOM   1017 C CD  . GLN A 1 131 ? -7.338  12.821  -3.242  1.00 14.11 ? 131  GLN A CD  1 
ATOM   1018 O OE1 . GLN A 1 131 ? -8.289  13.112  -2.494  1.00 16.70 ? 131  GLN A OE1 1 
ATOM   1019 N NE2 . GLN A 1 131 ? -6.655  13.720  -3.925  1.00 10.93 ? 131  GLN A NE2 1 
ATOM   1020 N N   . GLY A 1 132 ? -5.307  8.444   -0.818  1.00 9.45  ? 132  GLY A N   1 
ATOM   1021 C CA  . GLY A 1 132 ? -3.957  8.272   -0.260  1.00 9.33  ? 132  GLY A CA  1 
ATOM   1022 C C   . GLY A 1 132 ? -2.986  7.545   -1.167  1.00 8.90  ? 132  GLY A C   1 
ATOM   1023 O O   . GLY A 1 132 ? -1.793  7.910   -1.230  1.00 8.43  ? 132  GLY A O   1 
ATOM   1024 N N   . TYR A 1 133 ? -3.480  6.512   -1.872  1.00 8.55  ? 133  TYR A N   1 
ATOM   1025 C CA  . TYR A 1 133 ? -2.650  5.830   -2.891  1.00 7.87  ? 133  TYR A CA  1 
ATOM   1026 C C   . TYR A 1 133 ? -2.226  6.775   -4.020  1.00 8.27  ? 133  TYR A C   1 
ATOM   1027 O O   . TYR A 1 133 ? -1.099  6.721   -4.480  1.00 8.14  ? 133  TYR A O   1 
ATOM   1028 C CB  . TYR A 1 133 ? -3.391  4.702   -3.563  1.00 6.86  ? 133  TYR A CB  1 
ATOM   1029 C CG  . TYR A 1 133 ? -3.724  3.527   -2.681  1.00 6.67  ? 133  TYR A CG  1 
ATOM   1030 C CD1 . TYR A 1 133 ? -2.862  2.466   -2.579  1.00 5.99  ? 133  TYR A CD1 1 
ATOM   1031 C CD2 . TYR A 1 133 ? -4.946  3.452   -2.005  1.00 6.53  ? 133  TYR A CD2 1 
ATOM   1032 C CE1 . TYR A 1 133 ? -3.161  1.362   -1.793  1.00 6.14  ? 133  TYR A CE1 1 
ATOM   1033 C CE2 . TYR A 1 133 ? -5.252  2.346   -1.213  1.00 6.83  ? 133  TYR A CE2 1 
ATOM   1034 C CZ  . TYR A 1 133 ? -4.356  1.299   -1.125  1.00 6.33  ? 133  TYR A CZ  1 
ATOM   1035 O OH  . TYR A 1 133 ? -4.636  0.170   -0.358  1.00 6.25  ? 133  TYR A OH  1 
ATOM   1036 N N   . LEU A 1 134 ? -3.177  7.559   -4.518  1.00 9.27  ? 134  LEU A N   1 
ATOM   1037 C CA  . LEU A 1 134 ? -2.909  8.512   -5.599  1.00 9.14  ? 134  LEU A CA  1 
ATOM   1038 C C   . LEU A 1 134 ? -1.921  9.587   -5.128  1.00 9.26  ? 134  LEU A C   1 
ATOM   1039 O O   . LEU A 1 134 ? -1.057  10.022  -5.880  1.00 9.64  ? 134  LEU A O   1 
ATOM   1040 C CB  . LEU A 1 134 ? -4.201  9.171   -6.063  1.00 9.22  ? 134  LEU A CB  1 
ATOM   1041 C CG  . LEU A 1 134 ? -5.342  8.240   -6.506  1.00 13.23 ? 134  LEU A CG  1 
ATOM   1042 C CD1 . LEU A 1 134 ? -6.303  9.008   -7.420  1.00 15.31 ? 134  LEU A CD1 1 
ATOM   1043 C CD2 . LEU A 1 134 ? -4.858  7.015   -7.215  1.00 12.43 ? 134  LEU A CD2 1 
ATOM   1044 N N   . LEU A 1 135 ? -2.026  10.002  -3.878  1.00 8.34  ? 135  LEU A N   1 
ATOM   1045 C CA  . LEU A 1 135 ? -1.083  10.993  -3.344  1.00 8.07  ? 135  LEU A CA  1 
ATOM   1046 C C   . LEU A 1 135 ? 0.327   10.422  -3.179  1.00 7.81  ? 135  LEU A C   1 
ATOM   1047 O O   . LEU A 1 135 ? 1.324   11.105  -3.433  1.00 7.06  ? 135  LEU A O   1 
ATOM   1048 C CB  . LEU A 1 135 ? -1.620  11.571  -2.032  1.00 7.82  ? 135  LEU A CB  1 
ATOM   1049 C CG  . LEU A 1 135 ? -2.957  12.309  -2.151  1.00 9.06  ? 135  LEU A CG  1 
ATOM   1050 C CD1 . LEU A 1 135 ? -3.514  12.565  -0.731  1.00 9.98  ? 135  LEU A CD1 1 
ATOM   1051 C CD2 . LEU A 1 135 ? -2.854  13.614  -2.990  1.00 8.39  ? 135  LEU A CD2 1 
ATOM   1052 N N   . ALA A 1 136 ? 0.417   9.152   -2.813  1.00 8.57  ? 136  ALA A N   1 
ATOM   1053 C CA  . ALA A 1 136 ? 1.690   8.475   -2.742  1.00 8.66  ? 136  ALA A CA  1 
ATOM   1054 C C   . ALA A 1 136 ? 2.318   8.423   -4.117  1.00 9.11  ? 136  ALA A C   1 
ATOM   1055 O O   . ALA A 1 136 ? 3.523   8.636   -4.251  1.00 8.90  ? 136  ALA A O   1 
ATOM   1056 C CB  . ALA A 1 136 ? 1.531   7.041   -2.170  1.00 8.90  ? 136  ALA A CB  1 
ATOM   1057 N N   . LEU A 1 137 ? 1.503   8.136   -5.134  1.00 9.67  ? 137  LEU A N   1 
ATOM   1058 C CA  . LEU A 1 137 ? 1.992   8.071   -6.501  1.00 10.67 ? 137  LEU A CA  1 
ATOM   1059 C C   . LEU A 1 137 ? 2.594   9.399   -6.902  1.00 10.85 ? 137  LEU A C   1 
ATOM   1060 O O   . LEU A 1 137 ? 3.667   9.443   -7.519  1.00 9.97  ? 137  LEU A O   1 
ATOM   1061 C CB  . LEU A 1 137 ? 0.871   7.748   -7.480  1.00 11.34 ? 137  LEU A CB  1 
ATOM   1062 C CG  . LEU A 1 137 ? 0.515   6.305   -7.724  1.00 12.79 ? 137  LEU A CG  1 
ATOM   1063 C CD1 . LEU A 1 137 ? -0.643  6.291   -8.732  1.00 13.59 ? 137  LEU A CD1 1 
ATOM   1064 C CD2 . LEU A 1 137 ? 1.734   5.522   -8.202  1.00 13.70 ? 137  LEU A CD2 1 
ATOM   1065 N N   . ARG A 1 138 ? 1.898   10.482  -6.544  1.00 10.67 ? 138  ARG A N   1 
ATOM   1066 C CA  . ARG A 1 138 ? 2.375   11.836  -6.862  1.00 10.93 ? 138  ARG A CA  1 
ATOM   1067 C C   . ARG A 1 138 ? 3.675   12.225  -6.130  1.00 10.69 ? 138  ARG A C   1 
ATOM   1068 O O   . ARG A 1 138 ? 4.559   12.882  -6.710  1.00 10.32 ? 138  ARG A O   1 
ATOM   1069 C CB  . ARG A 1 138 ? 1.280   12.855  -6.583  1.00 10.80 ? 138  ARG A CB  1 
ATOM   1070 C CG  . ARG A 1 138 ? 1.593   14.233  -7.147  1.00 12.43 ? 138  ARG A CG  1 
ATOM   1071 C CD  . ARG A 1 138 ? 0.367   15.120  -7.105  1.00 12.77 ? 138  ARG A CD  1 
ATOM   1072 N NE  . ARG A 1 138 ? -0.678  14.630  -7.994  1.00 14.66 ? 138  ARG A NE  1 
ATOM   1073 C CZ  . ARG A 1 138 ? -0.876  15.036  -9.253  1.00 17.21 ? 138  ARG A CZ  1 
ATOM   1074 N NH1 . ARG A 1 138 ? -0.107  15.972  -9.793  1.00 13.40 ? 138  ARG A NH1 1 
ATOM   1075 N NH2 . ARG A 1 138 ? -1.861  14.498  -9.969  1.00 16.02 ? 138  ARG A NH2 1 
ATOM   1076 N N   . TYR A 1 139 ? 3.803   11.837  -4.857  1.00 10.69 ? 139  TYR A N   1 
ATOM   1077 C CA  . TYR A 1 139 ? 5.072   11.935  -4.176  1.00 10.78 ? 139  TYR A CA  1 
ATOM   1078 C C   . TYR A 1 139 ? 6.176   11.265  -5.010  1.00 11.60 ? 139  TYR A C   1 
ATOM   1079 O O   . TYR A 1 139 ? 7.195   11.869  -5.300  1.00 11.76 ? 139  TYR A O   1 
ATOM   1080 C CB  . TYR A 1 139 ? 5.017   11.276  -2.801  1.00 11.00 ? 139  TYR A CB  1 
ATOM   1081 C CG  . TYR A 1 139 ? 6.357   11.292  -2.139  1.00 10.03 ? 139  TYR A CG  1 
ATOM   1082 C CD1 . TYR A 1 139 ? 6.803   12.425  -1.466  1.00 10.05 ? 139  TYR A CD1 1 
ATOM   1083 C CD2 . TYR A 1 139 ? 7.205   10.191  -2.223  1.00 10.07 ? 139  TYR A CD2 1 
ATOM   1084 C CE1 . TYR A 1 139 ? 8.077   12.453  -0.888  1.00 11.64 ? 139  TYR A CE1 1 
ATOM   1085 C CE2 . TYR A 1 139 ? 8.450   10.190  -1.639  1.00 10.52 ? 139  TYR A CE2 1 
ATOM   1086 C CZ  . TYR A 1 139 ? 8.889   11.337  -0.986  1.00 10.51 ? 139  TYR A CZ  1 
ATOM   1087 O OH  . TYR A 1 139 ? 10.111  11.339  -0.409  1.00 10.09 ? 139  TYR A OH  1 
ATOM   1088 N N   . LEU A 1 140 ? 5.974   10.009  -5.388  1.00 12.27 ? 140  LEU A N   1 
ATOM   1089 C CA  . LEU A 1 140 ? 7.012   9.280   -6.108  1.00 13.57 ? 140  LEU A CA  1 
ATOM   1090 C C   . LEU A 1 140 ? 7.344   9.914   -7.470  1.00 14.85 ? 140  LEU A C   1 
ATOM   1091 O O   . LEU A 1 140 ? 8.502   9.874   -7.878  1.00 15.74 ? 140  LEU A O   1 
ATOM   1092 C CB  . LEU A 1 140 ? 6.610   7.833   -6.304  1.00 13.33 ? 140  LEU A CB  1 
ATOM   1093 C CG  . LEU A 1 140 ? 6.503   7.016   -5.023  1.00 12.00 ? 140  LEU A CG  1 
ATOM   1094 C CD1 . LEU A 1 140 ? 5.863   5.674   -5.367  1.00 9.78  ? 140  LEU A CD1 1 
ATOM   1095 C CD2 . LEU A 1 140 ? 7.876   6.869   -4.400  1.00 10.75 ? 140  LEU A CD2 1 
ATOM   1096 N N   . ALA A 1 141 ? 6.343   10.479  -8.146  1.00 15.91 ? 141  ALA A N   1 
ATOM   1097 C CA  . ALA A 1 141 ? 6.535   11.128  -9.456  1.00 17.86 ? 141  ALA A CA  1 
ATOM   1098 C C   . ALA A 1 141 ? 7.389   12.394  -9.320  1.00 20.29 ? 141  ALA A C   1 
ATOM   1099 O O   . ALA A 1 141 ? 8.247   12.649  -10.153 1.00 19.67 ? 141  ALA A O   1 
ATOM   1100 C CB  . ALA A 1 141 ? 5.187   11.479  -10.095 1.00 17.14 ? 141  ALA A CB  1 
ATOM   1101 N N   . GLU A 1 142 ? 7.157   13.174  -8.270  1.00 22.94 ? 142  GLU A N   1 
ATOM   1102 C CA  . GLU A 1 142 ? 7.956   14.382  -8.021  1.00 26.49 ? 142  GLU A CA  1 
ATOM   1103 C C   . GLU A 1 142 ? 9.295   14.101  -7.368  1.00 28.21 ? 142  GLU A C   1 
ATOM   1104 O O   . GLU A 1 142 ? 10.130  14.998  -7.287  1.00 30.32 ? 142  GLU A O   1 
ATOM   1105 C CB  . GLU A 1 142 ? 7.205   15.398  -7.153  1.00 26.88 ? 142  GLU A CB  1 
ATOM   1106 C CG  . GLU A 1 142 ? 5.839   15.804  -7.672  1.00 30.10 ? 142  GLU A CG  1 
ATOM   1107 C CD  . GLU A 1 142 ? 5.887   16.689  -8.896  1.00 35.94 ? 142  GLU A CD  1 
ATOM   1108 O OE1 . GLU A 1 142 ? 7.000   16.959  -9.405  1.00 39.48 ? 142  GLU A OE1 1 
ATOM   1109 O OE2 . GLU A 1 142 ? 4.794   17.107  -9.355  1.00 41.23 ? 142  GLU A OE2 1 
ATOM   1110 N N   . HIS A 1 143 ? 9.532   12.880  -6.904  1.00 29.61 ? 143  HIS A N   1 
ATOM   1111 C CA  . HIS A 1 143 ? 10.864  12.514  -6.429  1.00 30.70 ? 143  HIS A CA  1 
ATOM   1112 C C   . HIS A 1 143 ? 11.480  11.512  -7.416  1.00 32.03 ? 143  HIS A C   1 
ATOM   1113 O O   . HIS A 1 143 ? 12.471  10.843  -7.115  1.00 33.67 ? 143  HIS A O   1 
ATOM   1114 C CB  . HIS A 1 143 ? 10.796  11.955  -4.990  1.00 30.64 ? 143  HIS A CB  1 
ATOM   1115 C CG  . HIS A 1 143 ? 10.442  12.993  -3.969  1.00 30.23 ? 143  HIS A CG  1 
ATOM   1116 N ND1 . HIS A 1 143 ? 11.359  13.494  -3.063  1.00 29.62 ? 143  HIS A ND1 1 
ATOM   1117 C CD2 . HIS A 1 143 ? 9.291   13.677  -3.755  1.00 28.54 ? 143  HIS A CD2 1 
ATOM   1118 C CE1 . HIS A 1 143 ? 10.779  14.419  -2.320  1.00 30.53 ? 143  HIS A CE1 1 
ATOM   1119 N NE2 . HIS A 1 143 ? 9.527   14.559  -2.724  1.00 29.64 ? 143  HIS A NE2 1 
HETATM 1120 C CAA . 3DQ B 2 .   ? -12.766 -6.565  5.875   1.00 11.48 ? 1144 3DQ A CAA 1 
HETATM 1121 O OAN . 3DQ B 2 .   ? -11.890 -5.875  4.949   1.00 13.69 ? 1144 3DQ A OAN 1 
HETATM 1122 C CAR . 3DQ B 2 .   ? -11.107 -4.846  5.414   1.00 10.98 ? 1144 3DQ A CAR 1 
HETATM 1123 C CAK . 3DQ B 2 .   ? -11.011 -4.506  6.751   1.00 10.68 ? 1144 3DQ A CAK 1 
HETATM 1124 C CAI . 3DQ B 2 .   ? -10.194 -3.458  7.166   1.00 9.98  ? 1144 3DQ A CAI 1 
HETATM 1125 C CAJ . 3DQ B 2 .   ? -10.381 -4.102  4.491   1.00 11.35 ? 1144 3DQ A CAJ 1 
HETATM 1126 C CAH . 3DQ B 2 .   ? -9.575  -3.049  4.896   1.00 9.94  ? 1144 3DQ A CAH 1 
HETATM 1127 C CAQ . 3DQ B 2 .   ? -9.497  -2.719  6.244   1.00 6.87  ? 1144 3DQ A CAQ 1 
HETATM 1128 C CAL . 3DQ B 2 .   ? -8.614  -1.567  6.676   1.00 8.25  ? 1144 3DQ A CAL 1 
HETATM 1129 C CAU . 3DQ B 2 .   ? -7.120  -1.913  6.492   1.00 7.78  ? 1144 3DQ A CAU 1 
HETATM 1130 C CAP . 3DQ B 2 .   ? -6.765  -3.094  7.415   1.00 8.60  ? 1144 3DQ A CAP 1 
HETATM 1131 O OAC . 3DQ B 2 .   ? -6.626  -4.252  6.970   1.00 7.48  ? 1144 3DQ A OAC 1 
HETATM 1132 C CAT . 3DQ B 2 .   ? -6.608  -2.795  8.911   1.00 8.23  ? 1144 3DQ A CAT 1 
HETATM 1133 O OAF . 3DQ B 2 .   ? -6.089  -3.941  9.627   1.00 6.60  ? 1144 3DQ A OAF 1 
HETATM 1134 C CAS . 3DQ B 2 .   ? -5.672  -1.589  9.086   1.00 7.56  ? 1144 3DQ A CAS 1 
HETATM 1135 O OAE . 3DQ B 2 .   ? -5.628  -1.248  10.475  1.00 6.46  ? 1144 3DQ A OAE 1 
HETATM 1136 C CAM . 3DQ B 2 .   ? -6.168  -0.376  8.291   1.00 7.65  ? 1144 3DQ A CAM 1 
HETATM 1137 C CAV . 3DQ B 2 .   ? -6.165  -0.690  6.780   1.00 8.42  ? 1144 3DQ A CAV 1 
HETATM 1138 C CAO . 3DQ B 2 .   ? -6.603  0.524   5.936   1.00 7.83  ? 1144 3DQ A CAO 1 
HETATM 1139 O OAB . 3DQ B 2 .   ? -7.316  1.411   6.491   1.00 8.96  ? 1144 3DQ A OAB 1 
HETATM 1140 O OAD . 3DQ B 2 .   ? -6.227  0.552   4.729   1.00 7.09  ? 1144 3DQ A OAD 1 
HETATM 1141 O OAG . 3DQ B 2 .   ? -4.795  -1.072  6.406   1.00 8.70  ? 1144 3DQ A OAG 1 
HETATM 1142 S S   . SO4 C 3 .   ? 3.803   -12.025 -9.947  1.00 47.52 ? 1145 SO4 A S   1 
HETATM 1143 O O1  . SO4 C 3 .   ? 5.125   -12.270 -9.350  1.00 44.96 ? 1145 SO4 A O1  1 
HETATM 1144 O O2  . SO4 C 3 .   ? 2.760   -12.413 -8.987  1.00 44.99 ? 1145 SO4 A O2  1 
HETATM 1145 O O3  . SO4 C 3 .   ? 3.647   -10.608 -10.291 1.00 46.91 ? 1145 SO4 A O3  1 
HETATM 1146 O O4  . SO4 C 3 .   ? 3.640   -12.831 -11.161 1.00 46.76 ? 1145 SO4 A O4  1 
HETATM 1147 S S   . SO4 D 3 .   ? 0.145   -19.510 2.502   0.33 16.61 ? 1146 SO4 A S   1 
HETATM 1148 O O1  . SO4 D 3 .   ? 1.580   -19.355 2.744   0.33 16.44 ? 1146 SO4 A O1  1 
HETATM 1149 O O2  . SO4 D 3 .   ? -0.485  -20.214 3.619   0.33 16.59 ? 1146 SO4 A O2  1 
HETATM 1150 O O3  . SO4 D 3 .   ? -0.483  -18.203 2.315   0.33 16.51 ? 1146 SO4 A O3  1 
HETATM 1151 O O4  . SO4 D 3 .   ? -0.037  -20.288 1.300   0.33 17.01 ? 1146 SO4 A O4  1 
HETATM 1152 S S   . SO4 E 3 .   ? 8.306   -0.518  16.155  1.00 91.85 ? 1147 SO4 A S   1 
HETATM 1153 O O1  . SO4 E 3 .   ? 9.384   0.376   16.589  1.00 91.51 ? 1147 SO4 A O1  1 
HETATM 1154 O O2  . SO4 E 3 .   ? 7.719   -1.184  17.319  1.00 92.10 ? 1147 SO4 A O2  1 
HETATM 1155 O O3  . SO4 E 3 .   ? 7.260   0.231   15.461  1.00 91.66 ? 1147 SO4 A O3  1 
HETATM 1156 O O4  . SO4 E 3 .   ? 8.860   -1.520  15.251  1.00 91.78 ? 1147 SO4 A O4  1 
HETATM 1157 S S   . SO4 F 3 .   ? 4.468   -17.906 -3.747  1.00 81.09 ? 1148 SO4 A S   1 
HETATM 1158 O O1  . SO4 F 3 .   ? 5.556   -18.751 -3.253  1.00 80.78 ? 1148 SO4 A O1  1 
HETATM 1159 O O2  . SO4 F 3 .   ? 3.403   -18.763 -4.259  1.00 80.50 ? 1148 SO4 A O2  1 
HETATM 1160 O O3  . SO4 F 3 .   ? 3.967   -17.068 -2.657  1.00 80.37 ? 1148 SO4 A O3  1 
HETATM 1161 O O4  . SO4 F 3 .   ? 4.956   -17.047 -4.825  1.00 80.81 ? 1148 SO4 A O4  1 
HETATM 1162 O O   . HOH G 4 .   ? 9.245   4.917   -10.453 1.00 32.83 ? 2001 HOH A O   1 
HETATM 1163 O O   . HOH G 4 .   ? 12.496  -2.097  -13.052 1.00 16.17 ? 2002 HOH A O   1 
HETATM 1164 O O   . HOH G 4 .   ? 14.774  -1.414  -11.987 1.00 29.02 ? 2003 HOH A O   1 
HETATM 1165 O O   . HOH G 4 .   ? 10.503  -7.426  -10.503 1.00 21.22 ? 2004 HOH A O   1 
HETATM 1166 O O   . HOH G 4 .   ? -10.947 -10.912 -1.025  1.00 14.61 ? 2005 HOH A O   1 
HETATM 1167 O O   . HOH G 4 .   ? 3.167   -4.584  -7.190  1.00 26.86 ? 2006 HOH A O   1 
HETATM 1168 O O   . HOH G 4 .   ? 7.253   -6.138  -6.733  1.00 17.72 ? 2007 HOH A O   1 
HETATM 1169 O O   . HOH G 4 .   ? 7.282   -4.572  -10.802 1.00 14.81 ? 2008 HOH A O   1 
HETATM 1170 O O   . HOH G 4 .   ? 9.176   -5.749  -8.625  1.00 18.86 ? 2009 HOH A O   1 
HETATM 1171 O O   . HOH G 4 .   ? -6.391  -7.076  7.258   1.00 5.80  ? 2010 HOH A O   1 
HETATM 1172 O O   . HOH G 4 .   ? -8.970  -9.733  0.582   1.00 6.76  ? 2011 HOH A O   1 
HETATM 1173 O O   . HOH G 4 .   ? -15.264 -6.161  -7.933  1.00 20.78 ? 2012 HOH A O   1 
HETATM 1174 O O   . HOH G 4 .   ? -13.279 -5.404  -3.830  1.00 15.42 ? 2013 HOH A O   1 
HETATM 1175 O O   . HOH G 4 .   ? -16.482 -5.559  2.658   1.00 25.14 ? 2014 HOH A O   1 
HETATM 1176 O O   . HOH G 4 .   ? -13.470 -11.911 -1.071  1.00 20.16 ? 2015 HOH A O   1 
HETATM 1177 O O   . HOH G 4 .   ? -19.668 -3.541  -5.526  1.00 36.36 ? 2016 HOH A O   1 
HETATM 1178 O O   . HOH G 4 .   ? -20.827 -8.927  1.479   1.00 38.72 ? 2017 HOH A O   1 
HETATM 1179 O O   . HOH G 4 .   ? -18.445 -10.144 -2.308  1.00 46.64 ? 2018 HOH A O   1 
HETATM 1180 O O   . HOH G 4 .   ? -13.287 -5.173  9.343   1.00 17.18 ? 2019 HOH A O   1 
HETATM 1181 O O   . HOH G 4 .   ? 0.755   -16.281 7.637   0.33 7.18  ? 2020 HOH A O   1 
HETATM 1182 O O   . HOH G 4 .   ? -13.951 1.186   -0.807  1.00 19.88 ? 2021 HOH A O   1 
HETATM 1183 O O   . HOH G 4 .   ? -12.892 -5.840  -6.768  1.00 13.56 ? 2022 HOH A O   1 
HETATM 1184 O O   . HOH G 4 .   ? -8.515  -6.342  -8.126  1.00 14.32 ? 2023 HOH A O   1 
HETATM 1185 O O   . HOH G 4 .   ? 1.523   -12.251 14.034  0.33 8.14  ? 2024 HOH A O   1 
HETATM 1186 O O   . HOH G 4 .   ? -9.170  -3.009  -12.536 1.00 13.30 ? 2025 HOH A O   1 
HETATM 1187 O O   . HOH G 4 .   ? -7.996  -5.357  -11.789 1.00 28.90 ? 2026 HOH A O   1 
HETATM 1188 O O   . HOH G 4 .   ? -12.533 -5.483  -13.461 1.00 23.25 ? 2027 HOH A O   1 
HETATM 1189 O O   . HOH G 4 .   ? -8.020  3.100   -15.403 1.00 37.69 ? 2028 HOH A O   1 
HETATM 1190 O O   . HOH G 4 .   ? -7.357  8.154   -11.213 1.00 19.98 ? 2029 HOH A O   1 
HETATM 1191 O O   . HOH G 4 .   ? -12.583 6.231   3.246   1.00 23.97 ? 2030 HOH A O   1 
HETATM 1192 O O   . HOH G 4 .   ? -0.115  2.448   -14.652 1.00 15.52 ? 2031 HOH A O   1 
HETATM 1193 O O   . HOH G 4 .   ? -5.951  0.395   -16.764 1.00 28.45 ? 2032 HOH A O   1 
HETATM 1194 O O   . HOH G 4 .   ? -1.432  -3.176  -12.156 1.00 20.58 ? 2033 HOH A O   1 
HETATM 1195 O O   . HOH G 4 .   ? -6.186  10.126  -12.346 1.00 29.06 ? 2034 HOH A O   1 
HETATM 1196 O O   . HOH G 4 .   ? -8.801  9.560   -9.560  1.00 28.72 ? 2035 HOH A O   1 
HETATM 1197 O O   . HOH G 4 .   ? -2.266  12.499  -6.876  1.00 12.53 ? 2036 HOH A O   1 
HETATM 1198 O O   . HOH G 4 .   ? 2.313   8.057   -19.199 1.00 31.00 ? 2037 HOH A O   1 
HETATM 1199 O O   . HOH G 4 .   ? 12.588  7.881   7.738   1.00 36.84 ? 2038 HOH A O   1 
HETATM 1200 O O   . HOH G 4 .   ? -12.624 8.498   -1.459  1.00 45.16 ? 2039 HOH A O   1 
HETATM 1201 O O   . HOH G 4 .   ? 5.551   -3.548  -15.076 1.00 25.61 ? 2040 HOH A O   1 
HETATM 1202 O O   . HOH G 4 .   ? 1.960   -4.915  -15.113 1.00 34.81 ? 2041 HOH A O   1 
HETATM 1203 O O   . HOH G 4 .   ? -4.221  -6.360  -8.162  1.00 25.16 ? 2042 HOH A O   1 
HETATM 1204 O O   . HOH G 4 .   ? 6.842   -7.265  -10.648 1.00 35.57 ? 2043 HOH A O   1 
HETATM 1205 O O   . HOH G 4 .   ? -4.707  -8.747  -7.392  1.00 28.29 ? 2044 HOH A O   1 
HETATM 1206 O O   . HOH G 4 .   ? -2.935  -9.173  -7.279  1.00 20.83 ? 2045 HOH A O   1 
HETATM 1207 O O   . HOH G 4 .   ? -3.483  -12.627 -5.146  1.00 31.52 ? 2046 HOH A O   1 
HETATM 1208 O O   . HOH G 4 .   ? -7.690  -8.912  -4.807  1.00 32.24 ? 2047 HOH A O   1 
HETATM 1209 O O   . HOH G 4 .   ? -7.071  -12.023 -2.674  1.00 20.32 ? 2048 HOH A O   1 
HETATM 1210 O O   . HOH G 4 .   ? -2.664  -14.591 -3.256  1.00 19.41 ? 2049 HOH A O   1 
HETATM 1211 O O   . HOH G 4 .   ? -5.387  -13.640 -1.665  1.00 14.03 ? 2050 HOH A O   1 
HETATM 1212 O O   . HOH G 4 .   ? -1.202  -14.644 5.316   1.00 11.07 ? 2051 HOH A O   1 
HETATM 1213 O O   . HOH G 4 .   ? -9.266  -12.843 -1.204  1.00 23.23 ? 2052 HOH A O   1 
HETATM 1214 O O   . HOH G 4 .   ? 1.292   -17.523 -1.235  1.00 21.11 ? 2053 HOH A O   1 
HETATM 1215 O O   . HOH G 4 .   ? 1.771   -16.736 4.143   1.00 11.40 ? 2054 HOH A O   1 
HETATM 1216 O O   . HOH G 4 .   ? 0.574   -13.224 9.617   1.00 28.95 ? 2055 HOH A O   1 
HETATM 1217 O O   . HOH G 4 .   ? 3.852   -12.525 10.591  1.00 10.82 ? 2056 HOH A O   1 
HETATM 1218 O O   . HOH G 4 .   ? 7.711   -15.547 -0.562  1.00 8.31  ? 2057 HOH A O   1 
HETATM 1219 O O   . HOH G 4 .   ? 0.069   -16.750 -3.799  1.00 30.71 ? 2058 HOH A O   1 
HETATM 1220 O O   . HOH G 4 .   ? 5.089   -14.218 -6.815  1.00 19.60 ? 2059 HOH A O   1 
HETATM 1221 O O   . HOH G 4 .   ? 10.673  -14.556 -2.685  1.00 19.81 ? 2060 HOH A O   1 
HETATM 1222 O O   . HOH G 4 .   ? 11.845  -13.385 -5.313  1.00 31.12 ? 2061 HOH A O   1 
HETATM 1223 O O   . HOH G 4 .   ? 12.856  -11.406 -6.314  1.00 29.93 ? 2062 HOH A O   1 
HETATM 1224 O O   . HOH G 4 .   ? 12.890  -8.339  -9.367  1.00 19.38 ? 2063 HOH A O   1 
HETATM 1225 O O   . HOH G 4 .   ? 13.512  -0.986  -3.662  1.00 13.51 ? 2064 HOH A O   1 
HETATM 1226 O O   . HOH G 4 .   ? 16.235  -2.384  -3.547  1.00 22.58 ? 2065 HOH A O   1 
HETATM 1227 O O   . HOH G 4 .   ? 18.853  -4.205  -5.980  1.00 34.98 ? 2066 HOH A O   1 
HETATM 1228 O O   . HOH G 4 .   ? 15.157  -7.840  -10.598 1.00 37.06 ? 2067 HOH A O   1 
HETATM 1229 O O   . HOH G 4 .   ? 10.789  -5.556  -12.397 1.00 20.96 ? 2068 HOH A O   1 
HETATM 1230 O O   . HOH G 4 .   ? 1.111   -0.617  5.190   1.00 13.42 ? 2069 HOH A O   1 
HETATM 1231 O O   . HOH G 4 .   ? -2.561  -9.767  11.459  1.00 5.07  ? 2070 HOH A O   1 
HETATM 1232 O O   . HOH G 4 .   ? 4.417   -5.362  9.120   1.00 8.15  ? 2071 HOH A O   1 
HETATM 1233 O O   . HOH G 4 .   ? 1.489   -11.245 11.463  1.00 9.56  ? 2072 HOH A O   1 
HETATM 1234 O O   . HOH G 4 .   ? 3.424   -9.026  16.451  1.00 22.39 ? 2073 HOH A O   1 
HETATM 1235 O O   . HOH G 4 .   ? 1.784   -10.869 16.229  0.33 28.53 ? 2074 HOH A O   1 
HETATM 1236 O O   . HOH G 4 .   ? 11.646  0.831   15.316  1.00 35.04 ? 2075 HOH A O   1 
HETATM 1237 O O   . HOH G 4 .   ? 12.977  -8.131  0.538   1.00 9.82  ? 2076 HOH A O   1 
HETATM 1238 O O   . HOH G 4 .   ? 13.503  0.085   3.189   1.00 19.22 ? 2077 HOH A O   1 
HETATM 1239 O O   . HOH G 4 .   ? 18.386  -3.914  -1.463  1.00 31.03 ? 2078 HOH A O   1 
HETATM 1240 O O   . HOH G 4 .   ? 18.565  -6.593  -1.951  1.00 28.39 ? 2079 HOH A O   1 
HETATM 1241 O O   . HOH G 4 .   ? 13.380  2.409   1.383   1.00 23.08 ? 2080 HOH A O   1 
HETATM 1242 O O   . HOH G 4 .   ? 14.806  5.466   -0.912  1.00 26.60 ? 2081 HOH A O   1 
HETATM 1243 O O   . HOH G 4 .   ? 0.291   3.085   10.136  1.00 7.78  ? 2082 HOH A O   1 
HETATM 1244 O O   . HOH G 4 .   ? -5.259  7.348   2.842   1.00 5.21  ? 2083 HOH A O   1 
HETATM 1245 O O   . HOH G 4 .   ? -11.099 6.852   5.126   1.00 18.27 ? 2084 HOH A O   1 
HETATM 1246 O O   . HOH G 4 .   ? -7.713  0.892   10.870  1.00 24.21 ? 2085 HOH A O   1 
HETATM 1247 O O   . HOH G 4 .   ? -10.909 6.592   9.099   1.00 18.22 ? 2086 HOH A O   1 
HETATM 1248 O O   . HOH G 4 .   ? -6.472  3.814   16.613  1.00 14.23 ? 2087 HOH A O   1 
HETATM 1249 O O   . HOH G 4 .   ? -0.347  8.414   17.395  1.00 34.39 ? 2088 HOH A O   1 
HETATM 1250 O O   . HOH G 4 .   ? 0.879   8.242   10.830  0.50 15.96 ? 2089 HOH A O   1 
HETATM 1251 O O   . HOH G 4 .   ? 0.408   6.265   11.332  1.00 36.63 ? 2090 HOH A O   1 
HETATM 1252 O O   . HOH G 4 .   ? -10.813 -3.462  10.509  1.00 19.34 ? 2091 HOH A O   1 
HETATM 1253 O O   . HOH G 4 .   ? -13.345 -3.615  11.763  1.00 36.38 ? 2092 HOH A O   1 
HETATM 1254 O O   . HOH G 4 .   ? -11.359 -4.181  15.117  1.00 16.04 ? 2093 HOH A O   1 
HETATM 1255 O O   . HOH G 4 .   ? -6.162  -2.008  21.583  1.00 19.21 ? 2094 HOH A O   1 
HETATM 1256 O O   . HOH G 4 .   ? -8.428  0.333   22.311  1.00 26.13 ? 2095 HOH A O   1 
HETATM 1257 O O   . HOH G 4 .   ? -5.424  4.617   21.363  1.00 34.18 ? 2096 HOH A O   1 
HETATM 1258 O O   . HOH G 4 .   ? 0.623   4.030   20.286  1.00 49.10 ? 2097 HOH A O   1 
HETATM 1259 O O   . HOH G 4 .   ? -0.314  -3.406  18.158  1.00 36.50 ? 2098 HOH A O   1 
HETATM 1260 O O   . HOH G 4 .   ? -0.179  2.172   12.736  1.00 9.75  ? 2099 HOH A O   1 
HETATM 1261 O O   . HOH G 4 .   ? 1.992   4.209   13.545  1.00 15.73 ? 2100 HOH A O   1 
HETATM 1262 O O   . HOH G 4 .   ? 1.627   5.881   16.382  0.50 31.79 ? 2101 HOH A O   1 
HETATM 1263 O O   . HOH G 4 .   ? 0.346   6.317   19.250  1.00 31.53 ? 2102 HOH A O   1 
HETATM 1264 O O   . HOH G 4 .   ? 1.938   5.031   11.220  1.00 14.61 ? 2103 HOH A O   1 
HETATM 1265 O O   . HOH G 4 .   ? 12.305  5.424   8.085   1.00 26.93 ? 2104 HOH A O   1 
HETATM 1266 O O   . HOH G 4 .   ? 13.680  3.776   11.919  1.00 32.11 ? 2105 HOH A O   1 
HETATM 1267 O O   . HOH G 4 .   ? 11.637  9.720   5.771   1.00 16.90 ? 2106 HOH A O   1 
HETATM 1268 O O   . HOH G 4 .   ? 0.554   9.266   8.389   0.50 14.05 ? 2107 HOH A O   1 
HETATM 1269 O O   . HOH G 4 .   ? -10.889 10.480  3.877   1.00 25.51 ? 2108 HOH A O   1 
HETATM 1270 O O   . HOH G 4 .   ? -10.196 9.242   -1.114  1.00 14.39 ? 2109 HOH A O   1 
HETATM 1271 O O   . HOH G 4 .   ? -11.910 6.328   -0.049  1.00 28.45 ? 2110 HOH A O   1 
HETATM 1272 O O   . HOH G 4 .   ? -4.932  12.904  -5.950  1.00 14.63 ? 2111 HOH A O   1 
HETATM 1273 O O   . HOH G 4 .   ? 2.104   17.445  -8.482  1.00 28.96 ? 2112 HOH A O   1 
HETATM 1274 O O   . HOH G 4 .   ? 11.756  9.534   -1.373  1.00 22.25 ? 2113 HOH A O   1 
HETATM 1275 O O   . HOH G 4 .   ? 2.544   -19.979 -0.151  1.00 23.51 ? 2114 HOH A O   1 
HETATM 1276 O O   . HOH G 4 .   ? 7.275   -18.088 -1.211  1.00 18.06 ? 2115 HOH A O   1 
HETATM 1277 O O   . HOH G 4 .   ? 5.042   -20.056 -0.119  1.00 24.62 ? 2116 HOH A O   1 
# 
loop_
_pdbx_poly_seq_scheme.asym_id 
_pdbx_poly_seq_scheme.entity_id 
_pdbx_poly_seq_scheme.seq_id 
_pdbx_poly_seq_scheme.mon_id 
_pdbx_poly_seq_scheme.ndb_seq_num 
_pdbx_poly_seq_scheme.pdb_seq_num 
_pdbx_poly_seq_scheme.auth_seq_num 
_pdbx_poly_seq_scheme.pdb_mon_id 
_pdbx_poly_seq_scheme.auth_mon_id 
_pdbx_poly_seq_scheme.pdb_strand_id 
_pdbx_poly_seq_scheme.pdb_ins_code 
_pdbx_poly_seq_scheme.hetero 
A 1 1   SER 1   1   ?   ?   ?   A . n 
A 1 2   GLU 2   2   2   GLU GLU A . n 
A 1 3   LEU 3   3   3   LEU LEU A . n 
A 1 4   ILE 4   4   4   ILE ILE A . n 
A 1 5   VAL 5   5   5   VAL VAL A . n 
A 1 6   ASN 6   6   6   ASN ASN A . n 
A 1 7   VAL 7   7   7   VAL VAL A . n 
A 1 8   ILE 8   8   8   ILE ILE A . n 
A 1 9   ASN 9   9   9   ASN ASN A . n 
A 1 10  GLY 10  10  10  GLY GLY A . n 
A 1 11  PRO 11  11  11  PRO PRO A . n 
A 1 12  ASN 12  12  12  ASN ASN A . n 
A 1 13  LEU 13  13  13  LEU LEU A . n 
A 1 14  GLY 14  14  14  GLY GLY A . n 
A 1 15  ARG 15  15  15  ARG ARG A . n 
A 1 16  LEU 16  16  16  LEU LEU A . n 
A 1 17  GLY 17  17  17  GLY GLY A . n 
A 1 18  ARG 18  18  18  ARG ARG A . n 
A 1 19  ARG 19  19  19  ARG ARG A . n 
A 1 20  GLU 20  20  20  GLU GLU A . n 
A 1 21  PRO 21  21  21  PRO PRO A . n 
A 1 22  ALA 22  22  22  ALA ALA A . n 
A 1 23  VAL 23  23  23  VAL VAL A . n 
A 1 24  TYR 24  24  24  TYR TYR A . n 
A 1 25  GLY 25  25  25  GLY GLY A . n 
A 1 26  GLY 26  26  26  GLY GLY A . n 
A 1 27  THR 27  27  27  THR THR A . n 
A 1 28  THR 28  28  28  THR THR A . n 
A 1 29  HIS 29  29  29  HIS HIS A . n 
A 1 30  ASP 30  30  30  ASP ASP A . n 
A 1 31  GLU 31  31  31  GLU GLU A . n 
A 1 32  LEU 32  32  32  LEU LEU A . n 
A 1 33  VAL 33  33  33  VAL VAL A . n 
A 1 34  ALA 34  34  34  ALA ALA A . n 
A 1 35  LEU 35  35  35  LEU LEU A . n 
A 1 36  ILE 36  36  36  ILE ILE A . n 
A 1 37  GLU 37  37  37  GLU GLU A . n 
A 1 38  ARG 38  38  38  ARG ARG A . n 
A 1 39  GLU 39  39  39  GLU GLU A . n 
A 1 40  ALA 40  40  40  ALA ALA A . n 
A 1 41  ALA 41  41  41  ALA ALA A . n 
A 1 42  GLU 42  42  42  GLU GLU A . n 
A 1 43  LEU 43  43  43  LEU LEU A . n 
A 1 44  GLY 44  44  44  GLY GLY A . n 
A 1 45  LEU 45  45  45  LEU LEU A . n 
A 1 46  LYS 46  46  46  LYS LYS A . n 
A 1 47  ALA 47  47  47  ALA ALA A . n 
A 1 48  VAL 48  48  48  VAL VAL A . n 
A 1 49  VAL 49  49  49  VAL VAL A . n 
A 1 50  ARG 50  50  50  ARG ARG A . n 
A 1 51  GLN 51  51  51  GLN GLN A . n 
A 1 52  SER 52  52  52  SER SER A . n 
A 1 53  ASP 53  53  53  ASP ASP A . n 
A 1 54  SER 54  54  54  SER SER A . n 
A 1 55  GLU 55  55  55  GLU GLU A . n 
A 1 56  ALA 56  56  56  ALA ALA A . n 
A 1 57  GLN 57  57  57  GLN GLN A . n 
A 1 58  LEU 58  58  58  LEU LEU A . n 
A 1 59  LEU 59  59  59  LEU LEU A . n 
A 1 60  ASP 60  60  60  ASP ASP A . n 
A 1 61  TRP 61  61  61  TRP TRP A . n 
A 1 62  ILE 62  62  62  ILE ILE A . n 
A 1 63  HIS 63  63  63  HIS HIS A . n 
A 1 64  GLN 64  64  64  GLN GLN A . n 
A 1 65  ALA 65  65  65  ALA ALA A . n 
A 1 66  ALA 66  66  66  ALA ALA A . n 
A 1 67  ASP 67  67  67  ASP ASP A . n 
A 1 68  ALA 68  68  68  ALA ALA A . n 
A 1 69  ALA 69  69  69  ALA ALA A . n 
A 1 70  GLU 70  70  70  GLU GLU A . n 
A 1 71  PRO 71  71  71  PRO PRO A . n 
A 1 72  VAL 72  72  72  VAL VAL A . n 
A 1 73  ILE 73  73  73  ILE ILE A . n 
A 1 74  LEU 74  74  74  LEU LEU A . n 
A 1 75  ASN 75  75  75  ASN ASN A . n 
A 1 76  ALA 76  76  76  ALA ALA A . n 
A 1 77  GLY 77  77  77  GLY GLY A . n 
A 1 78  GLY 78  78  78  GLY GLY A . n 
A 1 79  LEU 79  79  79  LEU LEU A . n 
A 1 80  THR 80  80  80  THR THR A . n 
A 1 81  HIS 81  81  81  HIS HIS A . n 
A 1 82  THR 82  82  82  THR THR A . n 
A 1 83  SER 83  83  83  SER SER A . n 
A 1 84  VAL 84  84  84  VAL VAL A . n 
A 1 85  ALA 85  85  85  ALA ALA A . n 
A 1 86  LEU 86  86  86  LEU LEU A . n 
A 1 87  ARG 87  87  87  ARG ARG A . n 
A 1 88  ASP 88  88  88  ASP ASP A . n 
A 1 89  ALA 89  89  89  ALA ALA A . n 
A 1 90  CYS 90  90  90  CYS CYS A . n 
A 1 91  ALA 91  91  91  ALA ALA A . n 
A 1 92  GLU 92  92  92  GLU GLU A . n 
A 1 93  LEU 93  93  93  LEU LEU A . n 
A 1 94  SER 94  94  94  SER SER A . n 
A 1 95  ALA 95  95  95  ALA ALA A . n 
A 1 96  PRO 96  96  96  PRO PRO A . n 
A 1 97  LEU 97  97  97  LEU LEU A . n 
A 1 98  ILE 98  98  98  ILE ILE A . n 
A 1 99  GLU 99  99  99  GLU GLU A . n 
A 1 100 VAL 100 100 100 VAL VAL A . n 
A 1 101 HIS 101 101 101 HIS HIS A . n 
A 1 102 ILE 102 102 102 ILE ILE A . n 
A 1 103 SER 103 103 103 SER SER A . n 
A 1 104 ASN 104 104 104 ASN ASN A . n 
A 1 105 VAL 105 105 105 VAL VAL A . n 
A 1 106 HIS 106 106 106 HIS HIS A . n 
A 1 107 ALA 107 107 107 ALA ALA A . n 
A 1 108 ARG 108 108 108 ARG ARG A . n 
A 1 109 GLU 109 109 109 GLU GLU A . n 
A 1 110 GLU 110 110 110 GLU GLU A . n 
A 1 111 PHE 111 111 111 PHE PHE A . n 
A 1 112 ARG 112 112 112 ARG ARG A . n 
A 1 113 ARG 113 113 113 ARG ARG A . n 
A 1 114 HIS 114 114 114 HIS HIS A . n 
A 1 115 SER 115 115 115 SER SER A . n 
A 1 116 TYR 116 116 116 TYR TYR A . n 
A 1 117 LEU 117 117 117 LEU LEU A . n 
A 1 118 SER 118 118 118 SER SER A . n 
A 1 119 PRO 119 119 119 PRO PRO A . n 
A 1 120 ILE 120 120 120 ILE ILE A . n 
A 1 121 ALA 121 121 121 ALA ALA A . n 
A 1 122 THR 122 122 122 THR THR A . n 
A 1 123 GLY 123 123 123 GLY GLY A . n 
A 1 124 VAL 124 124 124 VAL VAL A . n 
A 1 125 ILE 125 125 125 ILE ILE A . n 
A 1 126 VAL 126 126 126 VAL VAL A . n 
A 1 127 GLY 127 127 127 GLY GLY A . n 
A 1 128 LEU 128 128 128 LEU LEU A . n 
A 1 129 GLY 129 129 129 GLY GLY A . n 
A 1 130 ILE 130 130 130 ILE ILE A . n 
A 1 131 GLN 131 131 131 GLN GLN A . n 
A 1 132 GLY 132 132 132 GLY GLY A . n 
A 1 133 TYR 133 133 133 TYR TYR A . n 
A 1 134 LEU 134 134 134 LEU LEU A . n 
A 1 135 LEU 135 135 135 LEU LEU A . n 
A 1 136 ALA 136 136 136 ALA ALA A . n 
A 1 137 LEU 137 137 137 LEU LEU A . n 
A 1 138 ARG 138 138 138 ARG ARG A . n 
A 1 139 TYR 139 139 139 TYR TYR A . n 
A 1 140 LEU 140 140 140 LEU LEU A . n 
A 1 141 ALA 141 141 141 ALA ALA A . n 
A 1 142 GLU 142 142 142 GLU GLU A . n 
A 1 143 HIS 143 143 143 HIS HIS A . n 
A 1 144 VAL 144 144 ?   ?   ?   A . n 
A 1 145 GLY 145 145 ?   ?   ?   A . n 
A 1 146 THR 146 146 ?   ?   ?   A . n 
# 
loop_
_pdbx_nonpoly_scheme.asym_id 
_pdbx_nonpoly_scheme.entity_id 
_pdbx_nonpoly_scheme.mon_id 
_pdbx_nonpoly_scheme.ndb_seq_num 
_pdbx_nonpoly_scheme.pdb_seq_num 
_pdbx_nonpoly_scheme.auth_seq_num 
_pdbx_nonpoly_scheme.pdb_mon_id 
_pdbx_nonpoly_scheme.auth_mon_id 
_pdbx_nonpoly_scheme.pdb_strand_id 
_pdbx_nonpoly_scheme.pdb_ins_code 
B 2 3DQ 1   1144 1144 3DQ 3DQ A . 
C 3 SO4 1   1145 1145 SO4 SO4 A . 
D 3 SO4 1   1146 1146 SO4 SO4 A . 
E 3 SO4 1   1147 1147 SO4 SO4 A . 
F 3 SO4 1   1148 1148 SO4 SO4 A . 
G 4 HOH 1   2001 2001 HOH HOH A . 
G 4 HOH 2   2002 2002 HOH HOH A . 
G 4 HOH 3   2003 2003 HOH HOH A . 
G 4 HOH 4   2004 2004 HOH HOH A . 
G 4 HOH 5   2005 2005 HOH HOH A . 
G 4 HOH 6   2006 2006 HOH HOH A . 
G 4 HOH 7   2007 2007 HOH HOH A . 
G 4 HOH 8   2008 2008 HOH HOH A . 
G 4 HOH 9   2009 2009 HOH HOH A . 
G 4 HOH 10  2010 2010 HOH HOH A . 
G 4 HOH 11  2011 2011 HOH HOH A . 
G 4 HOH 12  2012 2012 HOH HOH A . 
G 4 HOH 13  2013 2013 HOH HOH A . 
G 4 HOH 14  2014 2014 HOH HOH A . 
G 4 HOH 15  2015 2015 HOH HOH A . 
G 4 HOH 16  2016 2016 HOH HOH A . 
G 4 HOH 17  2017 2017 HOH HOH A . 
G 4 HOH 18  2018 2018 HOH HOH A . 
G 4 HOH 19  2019 2019 HOH HOH A . 
G 4 HOH 20  2020 2020 HOH HOH A . 
G 4 HOH 21  2021 2021 HOH HOH A . 
G 4 HOH 22  2022 2022 HOH HOH A . 
G 4 HOH 23  2023 2023 HOH HOH A . 
G 4 HOH 24  2024 2024 HOH HOH A . 
G 4 HOH 25  2025 2025 HOH HOH A . 
G 4 HOH 26  2026 2026 HOH HOH A . 
G 4 HOH 27  2027 2027 HOH HOH A . 
G 4 HOH 28  2028 2028 HOH HOH A . 
G 4 HOH 29  2029 2029 HOH HOH A . 
G 4 HOH 30  2030 2030 HOH HOH A . 
G 4 HOH 31  2031 2031 HOH HOH A . 
G 4 HOH 32  2032 2032 HOH HOH A . 
G 4 HOH 33  2033 2033 HOH HOH A . 
G 4 HOH 34  2034 2034 HOH HOH A . 
G 4 HOH 35  2035 2035 HOH HOH A . 
G 4 HOH 36  2036 2036 HOH HOH A . 
G 4 HOH 37  2037 2037 HOH HOH A . 
G 4 HOH 38  2038 2038 HOH HOH A . 
G 4 HOH 39  2039 2039 HOH HOH A . 
G 4 HOH 40  2040 2040 HOH HOH A . 
G 4 HOH 41  2041 2041 HOH HOH A . 
G 4 HOH 42  2042 2042 HOH HOH A . 
G 4 HOH 43  2043 2043 HOH HOH A . 
G 4 HOH 44  2044 2044 HOH HOH A . 
G 4 HOH 45  2045 2045 HOH HOH A . 
G 4 HOH 46  2046 2046 HOH HOH A . 
G 4 HOH 47  2047 2047 HOH HOH A . 
G 4 HOH 48  2048 2048 HOH HOH A . 
G 4 HOH 49  2049 2049 HOH HOH A . 
G 4 HOH 50  2050 2050 HOH HOH A . 
G 4 HOH 51  2051 2051 HOH HOH A . 
G 4 HOH 52  2052 2052 HOH HOH A . 
G 4 HOH 53  2053 2053 HOH HOH A . 
G 4 HOH 54  2054 2054 HOH HOH A . 
G 4 HOH 55  2055 2055 HOH HOH A . 
G 4 HOH 56  2056 2056 HOH HOH A . 
G 4 HOH 57  2057 2057 HOH HOH A . 
G 4 HOH 58  2058 2058 HOH HOH A . 
G 4 HOH 59  2059 2059 HOH HOH A . 
G 4 HOH 60  2060 2060 HOH HOH A . 
G 4 HOH 61  2061 2061 HOH HOH A . 
G 4 HOH 62  2062 2062 HOH HOH A . 
G 4 HOH 63  2063 2063 HOH HOH A . 
G 4 HOH 64  2064 2064 HOH HOH A . 
G 4 HOH 65  2065 2065 HOH HOH A . 
G 4 HOH 66  2066 2066 HOH HOH A . 
G 4 HOH 67  2067 2067 HOH HOH A . 
G 4 HOH 68  2068 2068 HOH HOH A . 
G 4 HOH 69  2069 2069 HOH HOH A . 
G 4 HOH 70  2070 2070 HOH HOH A . 
G 4 HOH 71  2071 2071 HOH HOH A . 
G 4 HOH 72  2072 2072 HOH HOH A . 
G 4 HOH 73  2073 2073 HOH HOH A . 
G 4 HOH 74  2074 2074 HOH HOH A . 
G 4 HOH 75  2075 2075 HOH HOH A . 
G 4 HOH 76  2076 2076 HOH HOH A . 
G 4 HOH 77  2077 2077 HOH HOH A . 
G 4 HOH 78  2078 2078 HOH HOH A . 
G 4 HOH 79  2079 2079 HOH HOH A . 
G 4 HOH 80  2080 2080 HOH HOH A . 
G 4 HOH 81  2081 2081 HOH HOH A . 
G 4 HOH 82  2082 2082 HOH HOH A . 
G 4 HOH 83  2083 2083 HOH HOH A . 
G 4 HOH 84  2084 2084 HOH HOH A . 
G 4 HOH 85  2085 2085 HOH HOH A . 
G 4 HOH 86  2086 2086 HOH HOH A . 
G 4 HOH 87  2087 2087 HOH HOH A . 
G 4 HOH 88  2088 2088 HOH HOH A . 
G 4 HOH 89  2089 2089 HOH HOH A . 
G 4 HOH 90  2090 2090 HOH HOH A . 
G 4 HOH 91  2091 2091 HOH HOH A . 
G 4 HOH 92  2092 2092 HOH HOH A . 
G 4 HOH 93  2093 2093 HOH HOH A . 
G 4 HOH 94  2094 2094 HOH HOH A . 
G 4 HOH 95  2095 2095 HOH HOH A . 
G 4 HOH 96  2096 2096 HOH HOH A . 
G 4 HOH 97  2097 2097 HOH HOH A . 
G 4 HOH 98  2098 2098 HOH HOH A . 
G 4 HOH 99  2099 2099 HOH HOH A . 
G 4 HOH 100 2100 2100 HOH HOH A . 
G 4 HOH 101 2101 2101 HOH HOH A . 
G 4 HOH 102 2102 2102 HOH HOH A . 
G 4 HOH 103 2103 2103 HOH HOH A . 
G 4 HOH 104 2104 2104 HOH HOH A . 
G 4 HOH 105 2105 2105 HOH HOH A . 
G 4 HOH 106 2106 2106 HOH HOH A . 
G 4 HOH 107 2107 2107 HOH HOH A . 
G 4 HOH 108 2108 2108 HOH HOH A . 
G 4 HOH 109 2109 2109 HOH HOH A . 
G 4 HOH 110 2110 2110 HOH HOH A . 
G 4 HOH 111 2111 2111 HOH HOH A . 
G 4 HOH 112 2112 2112 HOH HOH A . 
G 4 HOH 113 2113 2113 HOH HOH A . 
G 4 HOH 114 2114 2114 HOH HOH A . 
G 4 HOH 115 2115 2115 HOH HOH A . 
G 4 HOH 116 2116 2116 HOH HOH A . 
# 
_pdbx_struct_assembly.id                   1 
_pdbx_struct_assembly.details              author_and_software_defined_assembly 
_pdbx_struct_assembly.method_details       PISA 
_pdbx_struct_assembly.oligomeric_details   dodecameric 
_pdbx_struct_assembly.oligomeric_count     12 
# 
_pdbx_struct_assembly_gen.assembly_id       1 
_pdbx_struct_assembly_gen.oper_expression   1,2,3,4,5,6,7,8,9,10,11,12 
_pdbx_struct_assembly_gen.asym_id_list      A,B,C,D,E,F,G 
# 
loop_
_pdbx_struct_assembly_prop.biol_id 
_pdbx_struct_assembly_prop.type 
_pdbx_struct_assembly_prop.value 
_pdbx_struct_assembly_prop.details 
1 'ABSA (A^2)' 35710  ? 
1 MORE         -748.3 ? 
1 'SSA (A^2)'  57720  ? 
# 
loop_
_pdbx_struct_oper_list.id 
_pdbx_struct_oper_list.type 
_pdbx_struct_oper_list.name 
_pdbx_struct_oper_list.symmetry_operation 
_pdbx_struct_oper_list.matrix[1][1] 
_pdbx_struct_oper_list.matrix[1][2] 
_pdbx_struct_oper_list.matrix[1][3] 
_pdbx_struct_oper_list.vector[1] 
_pdbx_struct_oper_list.matrix[2][1] 
_pdbx_struct_oper_list.matrix[2][2] 
_pdbx_struct_oper_list.matrix[2][3] 
_pdbx_struct_oper_list.vector[2] 
_pdbx_struct_oper_list.matrix[3][1] 
_pdbx_struct_oper_list.matrix[3][2] 
_pdbx_struct_oper_list.matrix[3][3] 
_pdbx_struct_oper_list.vector[3] 
1  'identity operation'         1_555  x,y,z           1.0000000000  0.0000000000  0.0000000000  0.0000000000   0.0000000000  1.0000000000  0.0000000000  0.0000000000   0.0000000000  0.0000000000  1.0000000000  0.0000000000  
2  'crystal symmetry operation' 23_544 y,-z-1/2,-x-1/2 0.6602996610  -0.6501308321 0.3759444892  -11.3768659622 0.0863786091  -0.4315227394 -0.8979570487 27.4829701982  0.7460181590  0.6253942969  -0.2287769215 37.3405772895 
3  'crystal symmetry operation' 43_445 -z-1/2,-x-1/2,y -0.4847623928 -0.6489053662 0.5864531083  -13.9264503085 0.8092245612  -0.0783090498 0.5822570758  -22.6145119925 -0.3319051553 0.7568285925  0.5630714426  15.9103692230 
4  'crystal symmetry operation' 48_445 -y-1/2,-z-1/2,x -0.4977960245 0.1293716532  0.8575908660  -21.9981648800 -0.2416114129 0.9289818068  -0.2803867468 9.8734362403   -0.8329604091 -0.3467791487 -0.4311857823 48.9296220984 
5  'crystal symmetry operation' 27_454 -x-1/2,y,-z-1/2 -0.0903964867 -0.8689055013 -0.4866535779 19.0254359457  -0.8689055013 -0.1699715763 0.4648794392  -12.6995280438 -0.4866535779 0.4648794392  -0.7396319369 58.2350453062 
6  'crystal symmetry operation' 5_555  z,x,y           0.3222587563  0.8041381700  -0.4995108583 19.2436490689  -0.2884653823 -0.4191500176 -0.8608722239 27.6835932232  -0.9016301998 0.4215152029  0.0968912613  32.7748539848 
7  'crystal symmetry operation' 38_445 -x-1/2,-y-1/2,z -0.9709681949 -0.0930353270 0.2203751173  0.1113107486   -0.0930353270 -0.7018589766 -0.7062141353 21.7518707662  0.2203751173  -0.7062141353 0.6728271715  9.1682803504  
8  'crystal symmetry operation' 34_454 -y-1/2,z,-x-1/2 -0.4847623928 0.8092245612  -0.3319051553 16.8299327373  -0.6489053662 -0.0783090498 0.7568285925  -22.8492916285 0.5864531083  0.5822570758  0.5630714426  12.3759951439 
9  'crystal symmetry operation' 16_544 x,-y-1/2,-z-1/2 0.0613646817  0.9619408284  0.2662784606  -4.3467227642  0.9619408284  -0.1281694471 0.2413346962  -12.2313013007 0.2662784606  0.2413346962  -0.9331952346 61.5117200611 
10 'crystal symmetry operation' 18_544 z,-x-1/2,-y-1/2 -0.4977960245 -0.2416114129 -0.8329604091 32.1913738982  0.1293716532  0.9289818068  -0.3467791487 10.6414690165  0.8575908660  -0.2803867468 -0.4311857823 42.7315633190 
11 'crystal symmetry operation' 9_555  y,z,x           0.3222587563  -0.2884653823 -0.9016301998 31.3351220349  0.8041381700  -0.4191500176 0.4215152029  -17.6860733883 -0.4995108583 -0.8608722239 0.0968912613  30.2688511859 
12 'crystal symmetry operation' 32_454 -z-1/2,x,-y-1/2 0.6602996610  0.0863786091  0.7460181590  -22.7185487286 -0.6501308321 -0.4315227394 0.6253942969  -18.8895088255 0.3759444892  -0.8979570487 -0.2287769215 37.4982591910 
# 
loop_
_pdbx_struct_special_symmetry.id 
_pdbx_struct_special_symmetry.PDB_model_num 
_pdbx_struct_special_symmetry.auth_asym_id 
_pdbx_struct_special_symmetry.auth_comp_id 
_pdbx_struct_special_symmetry.auth_seq_id 
_pdbx_struct_special_symmetry.PDB_ins_code 
_pdbx_struct_special_symmetry.label_asym_id 
_pdbx_struct_special_symmetry.label_comp_id 
_pdbx_struct_special_symmetry.label_seq_id 
1 1 A SO4 1146 ? D SO4 . 
2 1 A SO4 1146 ? D SO4 . 
3 1 A HOH 2020 ? G HOH . 
4 1 A HOH 2024 ? G HOH . 
5 1 A HOH 2074 ? G HOH . 
6 1 A HOH 2089 ? G HOH . 
7 1 A HOH 2101 ? G HOH . 
8 1 A HOH 2107 ? G HOH . 
# 
loop_
_pdbx_audit_revision_history.ordinal 
_pdbx_audit_revision_history.data_content_type 
_pdbx_audit_revision_history.major_revision 
_pdbx_audit_revision_history.minor_revision 
_pdbx_audit_revision_history.revision_date 
1 'Structure model' 1 0 2012-12-19 
2 'Structure model' 1 1 2013-03-20 
3 'Structure model' 1 2 2013-03-27 
4 'Structure model' 1 3 2013-07-24 
5 'Structure model' 1 4 2018-01-17 
6 'Structure model' 1 5 2023-12-20 
# 
_pdbx_audit_revision_details.ordinal             1 
_pdbx_audit_revision_details.revision_ordinal    1 
_pdbx_audit_revision_details.data_content_type   'Structure model' 
_pdbx_audit_revision_details.provider            repository 
_pdbx_audit_revision_details.type                'Initial release' 
_pdbx_audit_revision_details.description         ? 
_pdbx_audit_revision_details.details             ? 
# 
loop_
_pdbx_audit_revision_group.ordinal 
_pdbx_audit_revision_group.revision_ordinal 
_pdbx_audit_revision_group.data_content_type 
_pdbx_audit_revision_group.group 
1 2 'Structure model' Other                     
2 3 'Structure model' 'Database references'     
3 4 'Structure model' 'Non-polymer description' 
4 5 'Structure model' 'Database references'     
5 6 'Structure model' 'Data collection'         
6 6 'Structure model' 'Database references'     
7 6 'Structure model' 'Derived calculations'    
8 6 'Structure model' Other                     
9 6 'Structure model' 'Refinement description'  
# 
loop_
_pdbx_audit_revision_category.ordinal 
_pdbx_audit_revision_category.revision_ordinal 
_pdbx_audit_revision_category.data_content_type 
_pdbx_audit_revision_category.category 
1 5 'Structure model' citation                      
2 5 'Structure model' citation_author               
3 6 'Structure model' chem_comp_atom                
4 6 'Structure model' chem_comp_bond                
5 6 'Structure model' database_2                    
6 6 'Structure model' pdbx_database_status          
7 6 'Structure model' pdbx_initial_refinement_model 
8 6 'Structure model' struct_site                   
# 
loop_
_pdbx_audit_revision_item.ordinal 
_pdbx_audit_revision_item.revision_ordinal 
_pdbx_audit_revision_item.data_content_type 
_pdbx_audit_revision_item.item 
1  5 'Structure model' '_citation.journal_abbrev'             
2  5 'Structure model' '_citation.journal_id_ISSN'            
3  5 'Structure model' '_citation.page_last'                  
4  5 'Structure model' '_citation.pdbx_database_id_DOI'       
5  5 'Structure model' '_citation.title'                      
6  6 'Structure model' '_database_2.pdbx_DOI'                 
7  6 'Structure model' '_database_2.pdbx_database_accession'  
8  6 'Structure model' '_pdbx_database_status.status_code_sf' 
9  6 'Structure model' '_struct_site.pdbx_auth_asym_id'       
10 6 'Structure model' '_struct_site.pdbx_auth_comp_id'       
11 6 'Structure model' '_struct_site.pdbx_auth_seq_id'        
# 
loop_
_software.name 
_software.classification 
_software.version 
_software.citation_id 
_software.pdbx_ordinal 
REFMAC refinement       5.5.0109 ? 1 
MOSFLM 'data reduction' .        ? 2 
SCALA  'data scaling'   .        ? 3 
MOLREP phasing          .        ? 4 
# 
_pdbx_entry_details.entry_id                 4B6O 
_pdbx_entry_details.compound_details         ? 
_pdbx_entry_details.source_details           ? 
_pdbx_entry_details.nonpolymer_details       ? 
_pdbx_entry_details.sequence_details         
;INITIATOR METHIONINE (RESIDUE 1 IN UNIPROT SEQUENCE) IS
REMOVED.
;
_pdbx_entry_details.has_ligand_of_interest   ? 
# 
loop_
_pdbx_validate_close_contact.id 
_pdbx_validate_close_contact.PDB_model_num 
_pdbx_validate_close_contact.auth_atom_id_1 
_pdbx_validate_close_contact.auth_asym_id_1 
_pdbx_validate_close_contact.auth_comp_id_1 
_pdbx_validate_close_contact.auth_seq_id_1 
_pdbx_validate_close_contact.PDB_ins_code_1 
_pdbx_validate_close_contact.label_alt_id_1 
_pdbx_validate_close_contact.auth_atom_id_2 
_pdbx_validate_close_contact.auth_asym_id_2 
_pdbx_validate_close_contact.auth_comp_id_2 
_pdbx_validate_close_contact.auth_seq_id_2 
_pdbx_validate_close_contact.PDB_ins_code_2 
_pdbx_validate_close_contact.label_alt_id_2 
_pdbx_validate_close_contact.dist 
1 1 O A HOH 2044 ? ? O A HOH 2045 ? ? 1.83 
2 1 O A HOH 2090 ? ? O A HOH 2103 ? ? 1.97 
# 
_pdbx_validate_symm_contact.id                1 
_pdbx_validate_symm_contact.PDB_model_num     1 
_pdbx_validate_symm_contact.auth_atom_id_1    O 
_pdbx_validate_symm_contact.auth_asym_id_1    A 
_pdbx_validate_symm_contact.auth_comp_id_1    HOH 
_pdbx_validate_symm_contact.auth_seq_id_1     2088 
_pdbx_validate_symm_contact.PDB_ins_code_1    ? 
_pdbx_validate_symm_contact.label_alt_id_1    ? 
_pdbx_validate_symm_contact.site_symmetry_1   1_555 
_pdbx_validate_symm_contact.auth_atom_id_2    O 
_pdbx_validate_symm_contact.auth_asym_id_2    A 
_pdbx_validate_symm_contact.auth_comp_id_2    HOH 
_pdbx_validate_symm_contact.auth_seq_id_2     2100 
_pdbx_validate_symm_contact.PDB_ins_code_2    ? 
_pdbx_validate_symm_contact.label_alt_id_2    ? 
_pdbx_validate_symm_contact.site_symmetry_2   38_445 
_pdbx_validate_symm_contact.dist              2.09 
# 
loop_
_pdbx_validate_torsion.id 
_pdbx_validate_torsion.PDB_model_num 
_pdbx_validate_torsion.auth_comp_id 
_pdbx_validate_torsion.auth_asym_id 
_pdbx_validate_torsion.auth_seq_id 
_pdbx_validate_torsion.PDB_ins_code 
_pdbx_validate_torsion.label_alt_id 
_pdbx_validate_torsion.phi 
_pdbx_validate_torsion.psi 
1 1 ASN A 12  ? ? 75.15   -10.12  
2 1 GLU A 20  ? ? -20.49  110.59  
3 1 PRO A 21  ? ? -56.65  50.12   
4 1 VAL A 23  ? ? -101.15 -140.39 
5 1 ARG A 108 ? ? -134.02 -139.82 
# 
_pdbx_validate_peptide_omega.id               1 
_pdbx_validate_peptide_omega.PDB_model_num    1 
_pdbx_validate_peptide_omega.auth_comp_id_1   PRO 
_pdbx_validate_peptide_omega.auth_asym_id_1   A 
_pdbx_validate_peptide_omega.auth_seq_id_1    21 
_pdbx_validate_peptide_omega.PDB_ins_code_1   ? 
_pdbx_validate_peptide_omega.label_alt_id_1   ? 
_pdbx_validate_peptide_omega.auth_comp_id_2   ALA 
_pdbx_validate_peptide_omega.auth_asym_id_2   A 
_pdbx_validate_peptide_omega.auth_seq_id_2    22 
_pdbx_validate_peptide_omega.PDB_ins_code_2   ? 
_pdbx_validate_peptide_omega.label_alt_id_2   ? 
_pdbx_validate_peptide_omega.omega            146.10 
# 
loop_
_pdbx_unobs_or_zero_occ_residues.id 
_pdbx_unobs_or_zero_occ_residues.PDB_model_num 
_pdbx_unobs_or_zero_occ_residues.polymer_flag 
_pdbx_unobs_or_zero_occ_residues.occupancy_flag 
_pdbx_unobs_or_zero_occ_residues.auth_asym_id 
_pdbx_unobs_or_zero_occ_residues.auth_comp_id 
_pdbx_unobs_or_zero_occ_residues.auth_seq_id 
_pdbx_unobs_or_zero_occ_residues.PDB_ins_code 
_pdbx_unobs_or_zero_occ_residues.label_asym_id 
_pdbx_unobs_or_zero_occ_residues.label_comp_id 
_pdbx_unobs_or_zero_occ_residues.label_seq_id 
1 1 Y 1 A SER 1   ? A SER 1   
2 1 Y 1 A VAL 144 ? A VAL 144 
3 1 Y 1 A GLY 145 ? A GLY 145 
4 1 Y 1 A THR 146 ? A THR 146 
# 
loop_
_chem_comp_atom.comp_id 
_chem_comp_atom.atom_id 
_chem_comp_atom.type_symbol 
_chem_comp_atom.pdbx_aromatic_flag 
_chem_comp_atom.pdbx_stereo_config 
_chem_comp_atom.pdbx_ordinal 
3DQ CAA  C N N 1   
3DQ OAN  O N N 2   
3DQ CAR  C Y N 3   
3DQ CAK  C Y N 4   
3DQ CAI  C Y N 5   
3DQ CAJ  C Y N 6   
3DQ CAH  C Y N 7   
3DQ CAQ  C Y N 8   
3DQ CAL  C N N 9   
3DQ CAU  C N S 10  
3DQ CAP  C N N 11  
3DQ OAC  O N N 12  
3DQ CAT  C N S 13  
3DQ OAF  O N N 14  
3DQ CAS  C N R 15  
3DQ OAE  O N N 16  
3DQ CAM  C N N 17  
3DQ CAV  C N R 18  
3DQ CAO  C N N 19  
3DQ OAB  O N N 20  
3DQ OAD  O N N 21  
3DQ OAG  O N N 22  
3DQ HAA1 H N N 23  
3DQ HAA2 H N N 24  
3DQ HAA3 H N N 25  
3DQ HAK  H N N 26  
3DQ HAJ  H N N 27  
3DQ HAI  H N N 28  
3DQ HAH  H N N 29  
3DQ HAL1 H N N 30  
3DQ HAL2 H N N 31  
3DQ HAU  H N N 32  
3DQ HAT  H N N 33  
3DQ HAF  H N N 34  
3DQ HAS  H N N 35  
3DQ HAE  H N N 36  
3DQ HAM1 H N N 37  
3DQ HAM2 H N N 38  
3DQ HAG  H N N 39  
3DQ HAD  H N N 40  
ALA N    N N N 41  
ALA CA   C N S 42  
ALA C    C N N 43  
ALA O    O N N 44  
ALA CB   C N N 45  
ALA OXT  O N N 46  
ALA H    H N N 47  
ALA H2   H N N 48  
ALA HA   H N N 49  
ALA HB1  H N N 50  
ALA HB2  H N N 51  
ALA HB3  H N N 52  
ALA HXT  H N N 53  
ARG N    N N N 54  
ARG CA   C N S 55  
ARG C    C N N 56  
ARG O    O N N 57  
ARG CB   C N N 58  
ARG CG   C N N 59  
ARG CD   C N N 60  
ARG NE   N N N 61  
ARG CZ   C N N 62  
ARG NH1  N N N 63  
ARG NH2  N N N 64  
ARG OXT  O N N 65  
ARG H    H N N 66  
ARG H2   H N N 67  
ARG HA   H N N 68  
ARG HB2  H N N 69  
ARG HB3  H N N 70  
ARG HG2  H N N 71  
ARG HG3  H N N 72  
ARG HD2  H N N 73  
ARG HD3  H N N 74  
ARG HE   H N N 75  
ARG HH11 H N N 76  
ARG HH12 H N N 77  
ARG HH21 H N N 78  
ARG HH22 H N N 79  
ARG HXT  H N N 80  
ASN N    N N N 81  
ASN CA   C N S 82  
ASN C    C N N 83  
ASN O    O N N 84  
ASN CB   C N N 85  
ASN CG   C N N 86  
ASN OD1  O N N 87  
ASN ND2  N N N 88  
ASN OXT  O N N 89  
ASN H    H N N 90  
ASN H2   H N N 91  
ASN HA   H N N 92  
ASN HB2  H N N 93  
ASN HB3  H N N 94  
ASN HD21 H N N 95  
ASN HD22 H N N 96  
ASN HXT  H N N 97  
ASP N    N N N 98  
ASP CA   C N S 99  
ASP C    C N N 100 
ASP O    O N N 101 
ASP CB   C N N 102 
ASP CG   C N N 103 
ASP OD1  O N N 104 
ASP OD2  O N N 105 
ASP OXT  O N N 106 
ASP H    H N N 107 
ASP H2   H N N 108 
ASP HA   H N N 109 
ASP HB2  H N N 110 
ASP HB3  H N N 111 
ASP HD2  H N N 112 
ASP HXT  H N N 113 
CYS N    N N N 114 
CYS CA   C N R 115 
CYS C    C N N 116 
CYS O    O N N 117 
CYS CB   C N N 118 
CYS SG   S N N 119 
CYS OXT  O N N 120 
CYS H    H N N 121 
CYS H2   H N N 122 
CYS HA   H N N 123 
CYS HB2  H N N 124 
CYS HB3  H N N 125 
CYS HG   H N N 126 
CYS HXT  H N N 127 
GLN N    N N N 128 
GLN CA   C N S 129 
GLN C    C N N 130 
GLN O    O N N 131 
GLN CB   C N N 132 
GLN CG   C N N 133 
GLN CD   C N N 134 
GLN OE1  O N N 135 
GLN NE2  N N N 136 
GLN OXT  O N N 137 
GLN H    H N N 138 
GLN H2   H N N 139 
GLN HA   H N N 140 
GLN HB2  H N N 141 
GLN HB3  H N N 142 
GLN HG2  H N N 143 
GLN HG3  H N N 144 
GLN HE21 H N N 145 
GLN HE22 H N N 146 
GLN HXT  H N N 147 
GLU N    N N N 148 
GLU CA   C N S 149 
GLU C    C N N 150 
GLU O    O N N 151 
GLU CB   C N N 152 
GLU CG   C N N 153 
GLU CD   C N N 154 
GLU OE1  O N N 155 
GLU OE2  O N N 156 
GLU OXT  O N N 157 
GLU H    H N N 158 
GLU H2   H N N 159 
GLU HA   H N N 160 
GLU HB2  H N N 161 
GLU HB3  H N N 162 
GLU HG2  H N N 163 
GLU HG3  H N N 164 
GLU HE2  H N N 165 
GLU HXT  H N N 166 
GLY N    N N N 167 
GLY CA   C N N 168 
GLY C    C N N 169 
GLY O    O N N 170 
GLY OXT  O N N 171 
GLY H    H N N 172 
GLY H2   H N N 173 
GLY HA2  H N N 174 
GLY HA3  H N N 175 
GLY HXT  H N N 176 
HIS N    N N N 177 
HIS CA   C N S 178 
HIS C    C N N 179 
HIS O    O N N 180 
HIS CB   C N N 181 
HIS CG   C Y N 182 
HIS ND1  N Y N 183 
HIS CD2  C Y N 184 
HIS CE1  C Y N 185 
HIS NE2  N Y N 186 
HIS OXT  O N N 187 
HIS H    H N N 188 
HIS H2   H N N 189 
HIS HA   H N N 190 
HIS HB2  H N N 191 
HIS HB3  H N N 192 
HIS HD1  H N N 193 
HIS HD2  H N N 194 
HIS HE1  H N N 195 
HIS HE2  H N N 196 
HIS HXT  H N N 197 
HOH O    O N N 198 
HOH H1   H N N 199 
HOH H2   H N N 200 
ILE N    N N N 201 
ILE CA   C N S 202 
ILE C    C N N 203 
ILE O    O N N 204 
ILE CB   C N S 205 
ILE CG1  C N N 206 
ILE CG2  C N N 207 
ILE CD1  C N N 208 
ILE OXT  O N N 209 
ILE H    H N N 210 
ILE H2   H N N 211 
ILE HA   H N N 212 
ILE HB   H N N 213 
ILE HG12 H N N 214 
ILE HG13 H N N 215 
ILE HG21 H N N 216 
ILE HG22 H N N 217 
ILE HG23 H N N 218 
ILE HD11 H N N 219 
ILE HD12 H N N 220 
ILE HD13 H N N 221 
ILE HXT  H N N 222 
LEU N    N N N 223 
LEU CA   C N S 224 
LEU C    C N N 225 
LEU O    O N N 226 
LEU CB   C N N 227 
LEU CG   C N N 228 
LEU CD1  C N N 229 
LEU CD2  C N N 230 
LEU OXT  O N N 231 
LEU H    H N N 232 
LEU H2   H N N 233 
LEU HA   H N N 234 
LEU HB2  H N N 235 
LEU HB3  H N N 236 
LEU HG   H N N 237 
LEU HD11 H N N 238 
LEU HD12 H N N 239 
LEU HD13 H N N 240 
LEU HD21 H N N 241 
LEU HD22 H N N 242 
LEU HD23 H N N 243 
LEU HXT  H N N 244 
LYS N    N N N 245 
LYS CA   C N S 246 
LYS C    C N N 247 
LYS O    O N N 248 
LYS CB   C N N 249 
LYS CG   C N N 250 
LYS CD   C N N 251 
LYS CE   C N N 252 
LYS NZ   N N N 253 
LYS OXT  O N N 254 
LYS H    H N N 255 
LYS H2   H N N 256 
LYS HA   H N N 257 
LYS HB2  H N N 258 
LYS HB3  H N N 259 
LYS HG2  H N N 260 
LYS HG3  H N N 261 
LYS HD2  H N N 262 
LYS HD3  H N N 263 
LYS HE2  H N N 264 
LYS HE3  H N N 265 
LYS HZ1  H N N 266 
LYS HZ2  H N N 267 
LYS HZ3  H N N 268 
LYS HXT  H N N 269 
PHE N    N N N 270 
PHE CA   C N S 271 
PHE C    C N N 272 
PHE O    O N N 273 
PHE CB   C N N 274 
PHE CG   C Y N 275 
PHE CD1  C Y N 276 
PHE CD2  C Y N 277 
PHE CE1  C Y N 278 
PHE CE2  C Y N 279 
PHE CZ   C Y N 280 
PHE OXT  O N N 281 
PHE H    H N N 282 
PHE H2   H N N 283 
PHE HA   H N N 284 
PHE HB2  H N N 285 
PHE HB3  H N N 286 
PHE HD1  H N N 287 
PHE HD2  H N N 288 
PHE HE1  H N N 289 
PHE HE2  H N N 290 
PHE HZ   H N N 291 
PHE HXT  H N N 292 
PRO N    N N N 293 
PRO CA   C N S 294 
PRO C    C N N 295 
PRO O    O N N 296 
PRO CB   C N N 297 
PRO CG   C N N 298 
PRO CD   C N N 299 
PRO OXT  O N N 300 
PRO H    H N N 301 
PRO HA   H N N 302 
PRO HB2  H N N 303 
PRO HB3  H N N 304 
PRO HG2  H N N 305 
PRO HG3  H N N 306 
PRO HD2  H N N 307 
PRO HD3  H N N 308 
PRO HXT  H N N 309 
SER N    N N N 310 
SER CA   C N S 311 
SER C    C N N 312 
SER O    O N N 313 
SER CB   C N N 314 
SER OG   O N N 315 
SER OXT  O N N 316 
SER H    H N N 317 
SER H2   H N N 318 
SER HA   H N N 319 
SER HB2  H N N 320 
SER HB3  H N N 321 
SER HG   H N N 322 
SER HXT  H N N 323 
SO4 S    S N N 324 
SO4 O1   O N N 325 
SO4 O2   O N N 326 
SO4 O3   O N N 327 
SO4 O4   O N N 328 
THR N    N N N 329 
THR CA   C N S 330 
THR C    C N N 331 
THR O    O N N 332 
THR CB   C N R 333 
THR OG1  O N N 334 
THR CG2  C N N 335 
THR OXT  O N N 336 
THR H    H N N 337 
THR H2   H N N 338 
THR HA   H N N 339 
THR HB   H N N 340 
THR HG1  H N N 341 
THR HG21 H N N 342 
THR HG22 H N N 343 
THR HG23 H N N 344 
THR HXT  H N N 345 
TRP N    N N N 346 
TRP CA   C N S 347 
TRP C    C N N 348 
TRP O    O N N 349 
TRP CB   C N N 350 
TRP CG   C Y N 351 
TRP CD1  C Y N 352 
TRP CD2  C Y N 353 
TRP NE1  N Y N 354 
TRP CE2  C Y N 355 
TRP CE3  C Y N 356 
TRP CZ2  C Y N 357 
TRP CZ3  C Y N 358 
TRP CH2  C Y N 359 
TRP OXT  O N N 360 
TRP H    H N N 361 
TRP H2   H N N 362 
TRP HA   H N N 363 
TRP HB2  H N N 364 
TRP HB3  H N N 365 
TRP HD1  H N N 366 
TRP HE1  H N N 367 
TRP HE3  H N N 368 
TRP HZ2  H N N 369 
TRP HZ3  H N N 370 
TRP HH2  H N N 371 
TRP HXT  H N N 372 
TYR N    N N N 373 
TYR CA   C N S 374 
TYR C    C N N 375 
TYR O    O N N 376 
TYR CB   C N N 377 
TYR CG   C Y N 378 
TYR CD1  C Y N 379 
TYR CD2  C Y N 380 
TYR CE1  C Y N 381 
TYR CE2  C Y N 382 
TYR CZ   C Y N 383 
TYR OH   O N N 384 
TYR OXT  O N N 385 
TYR H    H N N 386 
TYR H2   H N N 387 
TYR HA   H N N 388 
TYR HB2  H N N 389 
TYR HB3  H N N 390 
TYR HD1  H N N 391 
TYR HD2  H N N 392 
TYR HE1  H N N 393 
TYR HE2  H N N 394 
TYR HH   H N N 395 
TYR HXT  H N N 396 
VAL N    N N N 397 
VAL CA   C N S 398 
VAL C    C N N 399 
VAL O    O N N 400 
VAL CB   C N N 401 
VAL CG1  C N N 402 
VAL CG2  C N N 403 
VAL OXT  O N N 404 
VAL H    H N N 405 
VAL H2   H N N 406 
VAL HA   H N N 407 
VAL HB   H N N 408 
VAL HG11 H N N 409 
VAL HG12 H N N 410 
VAL HG13 H N N 411 
VAL HG21 H N N 412 
VAL HG22 H N N 413 
VAL HG23 H N N 414 
VAL HXT  H N N 415 
# 
loop_
_chem_comp_bond.comp_id 
_chem_comp_bond.atom_id_1 
_chem_comp_bond.atom_id_2 
_chem_comp_bond.value_order 
_chem_comp_bond.pdbx_aromatic_flag 
_chem_comp_bond.pdbx_stereo_config 
_chem_comp_bond.pdbx_ordinal 
3DQ CAA OAN  sing N N 1   
3DQ OAN CAR  sing N N 2   
3DQ CAR CAK  sing Y N 3   
3DQ CAR CAJ  doub Y N 4   
3DQ CAK CAI  doub Y N 5   
3DQ CAI CAQ  sing Y N 6   
3DQ CAJ CAH  sing Y N 7   
3DQ CAH CAQ  doub Y N 8   
3DQ CAQ CAL  sing N N 9   
3DQ CAL CAU  sing N N 10  
3DQ CAU CAP  sing N N 11  
3DQ CAU CAV  sing N N 12  
3DQ CAP OAC  doub N N 13  
3DQ CAP CAT  sing N N 14  
3DQ CAT OAF  sing N N 15  
3DQ CAT CAS  sing N N 16  
3DQ CAS OAE  sing N N 17  
3DQ CAS CAM  sing N N 18  
3DQ CAM CAV  sing N N 19  
3DQ CAV CAO  sing N N 20  
3DQ CAV OAG  sing N N 21  
3DQ CAO OAD  sing N N 22  
3DQ CAO OAB  doub N N 23  
3DQ CAA HAA1 sing N N 24  
3DQ CAA HAA2 sing N N 25  
3DQ CAA HAA3 sing N N 26  
3DQ CAK HAK  sing N N 27  
3DQ CAJ HAJ  sing N N 28  
3DQ CAI HAI  sing N N 29  
3DQ CAH HAH  sing N N 30  
3DQ CAL HAL1 sing N N 31  
3DQ CAL HAL2 sing N N 32  
3DQ CAU HAU  sing N N 33  
3DQ CAT HAT  sing N N 34  
3DQ OAF HAF  sing N N 35  
3DQ CAS HAS  sing N N 36  
3DQ OAE HAE  sing N N 37  
3DQ CAM HAM1 sing N N 38  
3DQ CAM HAM2 sing N N 39  
3DQ OAG HAG  sing N N 40  
3DQ OAD HAD  sing N N 41  
ALA N   CA   sing N N 42  
ALA N   H    sing N N 43  
ALA N   H2   sing N N 44  
ALA CA  C    sing N N 45  
ALA CA  CB   sing N N 46  
ALA CA  HA   sing N N 47  
ALA C   O    doub N N 48  
ALA C   OXT  sing N N 49  
ALA CB  HB1  sing N N 50  
ALA CB  HB2  sing N N 51  
ALA CB  HB3  sing N N 52  
ALA OXT HXT  sing N N 53  
ARG N   CA   sing N N 54  
ARG N   H    sing N N 55  
ARG N   H2   sing N N 56  
ARG CA  C    sing N N 57  
ARG CA  CB   sing N N 58  
ARG CA  HA   sing N N 59  
ARG C   O    doub N N 60  
ARG C   OXT  sing N N 61  
ARG CB  CG   sing N N 62  
ARG CB  HB2  sing N N 63  
ARG CB  HB3  sing N N 64  
ARG CG  CD   sing N N 65  
ARG CG  HG2  sing N N 66  
ARG CG  HG3  sing N N 67  
ARG CD  NE   sing N N 68  
ARG CD  HD2  sing N N 69  
ARG CD  HD3  sing N N 70  
ARG NE  CZ   sing N N 71  
ARG NE  HE   sing N N 72  
ARG CZ  NH1  sing N N 73  
ARG CZ  NH2  doub N N 74  
ARG NH1 HH11 sing N N 75  
ARG NH1 HH12 sing N N 76  
ARG NH2 HH21 sing N N 77  
ARG NH2 HH22 sing N N 78  
ARG OXT HXT  sing N N 79  
ASN N   CA   sing N N 80  
ASN N   H    sing N N 81  
ASN N   H2   sing N N 82  
ASN CA  C    sing N N 83  
ASN CA  CB   sing N N 84  
ASN CA  HA   sing N N 85  
ASN C   O    doub N N 86  
ASN C   OXT  sing N N 87  
ASN CB  CG   sing N N 88  
ASN CB  HB2  sing N N 89  
ASN CB  HB3  sing N N 90  
ASN CG  OD1  doub N N 91  
ASN CG  ND2  sing N N 92  
ASN ND2 HD21 sing N N 93  
ASN ND2 HD22 sing N N 94  
ASN OXT HXT  sing N N 95  
ASP N   CA   sing N N 96  
ASP N   H    sing N N 97  
ASP N   H2   sing N N 98  
ASP CA  C    sing N N 99  
ASP CA  CB   sing N N 100 
ASP CA  HA   sing N N 101 
ASP C   O    doub N N 102 
ASP C   OXT  sing N N 103 
ASP CB  CG   sing N N 104 
ASP CB  HB2  sing N N 105 
ASP CB  HB3  sing N N 106 
ASP CG  OD1  doub N N 107 
ASP CG  OD2  sing N N 108 
ASP OD2 HD2  sing N N 109 
ASP OXT HXT  sing N N 110 
CYS N   CA   sing N N 111 
CYS N   H    sing N N 112 
CYS N   H2   sing N N 113 
CYS CA  C    sing N N 114 
CYS CA  CB   sing N N 115 
CYS CA  HA   sing N N 116 
CYS C   O    doub N N 117 
CYS C   OXT  sing N N 118 
CYS CB  SG   sing N N 119 
CYS CB  HB2  sing N N 120 
CYS CB  HB3  sing N N 121 
CYS SG  HG   sing N N 122 
CYS OXT HXT  sing N N 123 
GLN N   CA   sing N N 124 
GLN N   H    sing N N 125 
GLN N   H2   sing N N 126 
GLN CA  C    sing N N 127 
GLN CA  CB   sing N N 128 
GLN CA  HA   sing N N 129 
GLN C   O    doub N N 130 
GLN C   OXT  sing N N 131 
GLN CB  CG   sing N N 132 
GLN CB  HB2  sing N N 133 
GLN CB  HB3  sing N N 134 
GLN CG  CD   sing N N 135 
GLN CG  HG2  sing N N 136 
GLN CG  HG3  sing N N 137 
GLN CD  OE1  doub N N 138 
GLN CD  NE2  sing N N 139 
GLN NE2 HE21 sing N N 140 
GLN NE2 HE22 sing N N 141 
GLN OXT HXT  sing N N 142 
GLU N   CA   sing N N 143 
GLU N   H    sing N N 144 
GLU N   H2   sing N N 145 
GLU CA  C    sing N N 146 
GLU CA  CB   sing N N 147 
GLU CA  HA   sing N N 148 
GLU C   O    doub N N 149 
GLU C   OXT  sing N N 150 
GLU CB  CG   sing N N 151 
GLU CB  HB2  sing N N 152 
GLU CB  HB3  sing N N 153 
GLU CG  CD   sing N N 154 
GLU CG  HG2  sing N N 155 
GLU CG  HG3  sing N N 156 
GLU CD  OE1  doub N N 157 
GLU CD  OE2  sing N N 158 
GLU OE2 HE2  sing N N 159 
GLU OXT HXT  sing N N 160 
GLY N   CA   sing N N 161 
GLY N   H    sing N N 162 
GLY N   H2   sing N N 163 
GLY CA  C    sing N N 164 
GLY CA  HA2  sing N N 165 
GLY CA  HA3  sing N N 166 
GLY C   O    doub N N 167 
GLY C   OXT  sing N N 168 
GLY OXT HXT  sing N N 169 
HIS N   CA   sing N N 170 
HIS N   H    sing N N 171 
HIS N   H2   sing N N 172 
HIS CA  C    sing N N 173 
HIS CA  CB   sing N N 174 
HIS CA  HA   sing N N 175 
HIS C   O    doub N N 176 
HIS C   OXT  sing N N 177 
HIS CB  CG   sing N N 178 
HIS CB  HB2  sing N N 179 
HIS CB  HB3  sing N N 180 
HIS CG  ND1  sing Y N 181 
HIS CG  CD2  doub Y N 182 
HIS ND1 CE1  doub Y N 183 
HIS ND1 HD1  sing N N 184 
HIS CD2 NE2  sing Y N 185 
HIS CD2 HD2  sing N N 186 
HIS CE1 NE2  sing Y N 187 
HIS CE1 HE1  sing N N 188 
HIS NE2 HE2  sing N N 189 
HIS OXT HXT  sing N N 190 
HOH O   H1   sing N N 191 
HOH O   H2   sing N N 192 
ILE N   CA   sing N N 193 
ILE N   H    sing N N 194 
ILE N   H2   sing N N 195 
ILE CA  C    sing N N 196 
ILE CA  CB   sing N N 197 
ILE CA  HA   sing N N 198 
ILE C   O    doub N N 199 
ILE C   OXT  sing N N 200 
ILE CB  CG1  sing N N 201 
ILE CB  CG2  sing N N 202 
ILE CB  HB   sing N N 203 
ILE CG1 CD1  sing N N 204 
ILE CG1 HG12 sing N N 205 
ILE CG1 HG13 sing N N 206 
ILE CG2 HG21 sing N N 207 
ILE CG2 HG22 sing N N 208 
ILE CG2 HG23 sing N N 209 
ILE CD1 HD11 sing N N 210 
ILE CD1 HD12 sing N N 211 
ILE CD1 HD13 sing N N 212 
ILE OXT HXT  sing N N 213 
LEU N   CA   sing N N 214 
LEU N   H    sing N N 215 
LEU N   H2   sing N N 216 
LEU CA  C    sing N N 217 
LEU CA  CB   sing N N 218 
LEU CA  HA   sing N N 219 
LEU C   O    doub N N 220 
LEU C   OXT  sing N N 221 
LEU CB  CG   sing N N 222 
LEU CB  HB2  sing N N 223 
LEU CB  HB3  sing N N 224 
LEU CG  CD1  sing N N 225 
LEU CG  CD2  sing N N 226 
LEU CG  HG   sing N N 227 
LEU CD1 HD11 sing N N 228 
LEU CD1 HD12 sing N N 229 
LEU CD1 HD13 sing N N 230 
LEU CD2 HD21 sing N N 231 
LEU CD2 HD22 sing N N 232 
LEU CD2 HD23 sing N N 233 
LEU OXT HXT  sing N N 234 
LYS N   CA   sing N N 235 
LYS N   H    sing N N 236 
LYS N   H2   sing N N 237 
LYS CA  C    sing N N 238 
LYS CA  CB   sing N N 239 
LYS CA  HA   sing N N 240 
LYS C   O    doub N N 241 
LYS C   OXT  sing N N 242 
LYS CB  CG   sing N N 243 
LYS CB  HB2  sing N N 244 
LYS CB  HB3  sing N N 245 
LYS CG  CD   sing N N 246 
LYS CG  HG2  sing N N 247 
LYS CG  HG3  sing N N 248 
LYS CD  CE   sing N N 249 
LYS CD  HD2  sing N N 250 
LYS CD  HD3  sing N N 251 
LYS CE  NZ   sing N N 252 
LYS CE  HE2  sing N N 253 
LYS CE  HE3  sing N N 254 
LYS NZ  HZ1  sing N N 255 
LYS NZ  HZ2  sing N N 256 
LYS NZ  HZ3  sing N N 257 
LYS OXT HXT  sing N N 258 
PHE N   CA   sing N N 259 
PHE N   H    sing N N 260 
PHE N   H2   sing N N 261 
PHE CA  C    sing N N 262 
PHE CA  CB   sing N N 263 
PHE CA  HA   sing N N 264 
PHE C   O    doub N N 265 
PHE C   OXT  sing N N 266 
PHE CB  CG   sing N N 267 
PHE CB  HB2  sing N N 268 
PHE CB  HB3  sing N N 269 
PHE CG  CD1  doub Y N 270 
PHE CG  CD2  sing Y N 271 
PHE CD1 CE1  sing Y N 272 
PHE CD1 HD1  sing N N 273 
PHE CD2 CE2  doub Y N 274 
PHE CD2 HD2  sing N N 275 
PHE CE1 CZ   doub Y N 276 
PHE CE1 HE1  sing N N 277 
PHE CE2 CZ   sing Y N 278 
PHE CE2 HE2  sing N N 279 
PHE CZ  HZ   sing N N 280 
PHE OXT HXT  sing N N 281 
PRO N   CA   sing N N 282 
PRO N   CD   sing N N 283 
PRO N   H    sing N N 284 
PRO CA  C    sing N N 285 
PRO CA  CB   sing N N 286 
PRO CA  HA   sing N N 287 
PRO C   O    doub N N 288 
PRO C   OXT  sing N N 289 
PRO CB  CG   sing N N 290 
PRO CB  HB2  sing N N 291 
PRO CB  HB3  sing N N 292 
PRO CG  CD   sing N N 293 
PRO CG  HG2  sing N N 294 
PRO CG  HG3  sing N N 295 
PRO CD  HD2  sing N N 296 
PRO CD  HD3  sing N N 297 
PRO OXT HXT  sing N N 298 
SER N   CA   sing N N 299 
SER N   H    sing N N 300 
SER N   H2   sing N N 301 
SER CA  C    sing N N 302 
SER CA  CB   sing N N 303 
SER CA  HA   sing N N 304 
SER C   O    doub N N 305 
SER C   OXT  sing N N 306 
SER CB  OG   sing N N 307 
SER CB  HB2  sing N N 308 
SER CB  HB3  sing N N 309 
SER OG  HG   sing N N 310 
SER OXT HXT  sing N N 311 
SO4 S   O1   doub N N 312 
SO4 S   O2   doub N N 313 
SO4 S   O3   sing N N 314 
SO4 S   O4   sing N N 315 
THR N   CA   sing N N 316 
THR N   H    sing N N 317 
THR N   H2   sing N N 318 
THR CA  C    sing N N 319 
THR CA  CB   sing N N 320 
THR CA  HA   sing N N 321 
THR C   O    doub N N 322 
THR C   OXT  sing N N 323 
THR CB  OG1  sing N N 324 
THR CB  CG2  sing N N 325 
THR CB  HB   sing N N 326 
THR OG1 HG1  sing N N 327 
THR CG2 HG21 sing N N 328 
THR CG2 HG22 sing N N 329 
THR CG2 HG23 sing N N 330 
THR OXT HXT  sing N N 331 
TRP N   CA   sing N N 332 
TRP N   H    sing N N 333 
TRP N   H2   sing N N 334 
TRP CA  C    sing N N 335 
TRP CA  CB   sing N N 336 
TRP CA  HA   sing N N 337 
TRP C   O    doub N N 338 
TRP C   OXT  sing N N 339 
TRP CB  CG   sing N N 340 
TRP CB  HB2  sing N N 341 
TRP CB  HB3  sing N N 342 
TRP CG  CD1  doub Y N 343 
TRP CG  CD2  sing Y N 344 
TRP CD1 NE1  sing Y N 345 
TRP CD1 HD1  sing N N 346 
TRP CD2 CE2  doub Y N 347 
TRP CD2 CE3  sing Y N 348 
TRP NE1 CE2  sing Y N 349 
TRP NE1 HE1  sing N N 350 
TRP CE2 CZ2  sing Y N 351 
TRP CE3 CZ3  doub Y N 352 
TRP CE3 HE3  sing N N 353 
TRP CZ2 CH2  doub Y N 354 
TRP CZ2 HZ2  sing N N 355 
TRP CZ3 CH2  sing Y N 356 
TRP CZ3 HZ3  sing N N 357 
TRP CH2 HH2  sing N N 358 
TRP OXT HXT  sing N N 359 
TYR N   CA   sing N N 360 
TYR N   H    sing N N 361 
TYR N   H2   sing N N 362 
TYR CA  C    sing N N 363 
TYR CA  CB   sing N N 364 
TYR CA  HA   sing N N 365 
TYR C   O    doub N N 366 
TYR C   OXT  sing N N 367 
TYR CB  CG   sing N N 368 
TYR CB  HB2  sing N N 369 
TYR CB  HB3  sing N N 370 
TYR CG  CD1  doub Y N 371 
TYR CG  CD2  sing Y N 372 
TYR CD1 CE1  sing Y N 373 
TYR CD1 HD1  sing N N 374 
TYR CD2 CE2  doub Y N 375 
TYR CD2 HD2  sing N N 376 
TYR CE1 CZ   doub Y N 377 
TYR CE1 HE1  sing N N 378 
TYR CE2 CZ   sing Y N 379 
TYR CE2 HE2  sing N N 380 
TYR CZ  OH   sing N N 381 
TYR OH  HH   sing N N 382 
TYR OXT HXT  sing N N 383 
VAL N   CA   sing N N 384 
VAL N   H    sing N N 385 
VAL N   H2   sing N N 386 
VAL CA  C    sing N N 387 
VAL CA  CB   sing N N 388 
VAL CA  HA   sing N N 389 
VAL C   O    doub N N 390 
VAL C   OXT  sing N N 391 
VAL CB  CG1  sing N N 392 
VAL CB  CG2  sing N N 393 
VAL CB  HB   sing N N 394 
VAL CG1 HG11 sing N N 395 
VAL CG1 HG12 sing N N 396 
VAL CG1 HG13 sing N N 397 
VAL CG2 HG21 sing N N 398 
VAL CG2 HG22 sing N N 399 
VAL CG2 HG23 sing N N 400 
VAL OXT HXT  sing N N 401 
# 
loop_
_pdbx_entity_nonpoly.entity_id 
_pdbx_entity_nonpoly.name 
_pdbx_entity_nonpoly.comp_id 
2 '(1R,2S,4S,5R)-2-(4-methoxyphenyl)methyl-1,4,5-trihydroxy-3-oxocyclohexane-1-carboxylic acid' 3DQ 
3 'SULFATE ION'                                                                                 SO4 
4 water                                                                                         HOH 
# 
_pdbx_initial_refinement_model.id               1 
_pdbx_initial_refinement_model.entity_id_list   ? 
_pdbx_initial_refinement_model.type             'experimental model' 
_pdbx_initial_refinement_model.source_name      PDB 
_pdbx_initial_refinement_model.accession_code   1H0S 
_pdbx_initial_refinement_model.details          'PDB ENTRY 1H0S' 
# 
